data_3C12
# 
_entry.id   3C12 
# 
_audit_conform.dict_name       mmcif_pdbx.dic 
_audit_conform.dict_version    5.388 
_audit_conform.dict_location   http://mmcif.pdb.org/dictionaries/ascii/mmcif_pdbx.dic 
# 
loop_
_database_2.database_id 
_database_2.database_code 
_database_2.pdbx_database_accession 
_database_2.pdbx_DOI 
PDB   3C12         pdb_00003c12 10.2210/pdb3c12/pdb 
RCSB  RCSB046207   ?            ?                   
WWPDB D_1000046207 ?            ?                   
# 
loop_
_pdbx_audit_revision_history.ordinal 
_pdbx_audit_revision_history.data_content_type 
_pdbx_audit_revision_history.major_revision 
_pdbx_audit_revision_history.minor_revision 
_pdbx_audit_revision_history.revision_date 
1 'Structure model' 1 0 2008-12-09 
2 'Structure model' 1 1 2011-07-13 
3 'Structure model' 1 2 2024-03-13 
# 
_pdbx_audit_revision_details.ordinal             1 
_pdbx_audit_revision_details.revision_ordinal    1 
_pdbx_audit_revision_details.data_content_type   'Structure model' 
_pdbx_audit_revision_details.provider            repository 
_pdbx_audit_revision_details.type                'Initial release' 
_pdbx_audit_revision_details.description         ? 
_pdbx_audit_revision_details.details             ? 
# 
loop_
_pdbx_audit_revision_group.ordinal 
_pdbx_audit_revision_group.revision_ordinal 
_pdbx_audit_revision_group.data_content_type 
_pdbx_audit_revision_group.group 
1 2 'Structure model' 'Version format compliance' 
2 3 'Structure model' 'Data collection'           
3 3 'Structure model' 'Database references'       
# 
loop_
_pdbx_audit_revision_category.ordinal 
_pdbx_audit_revision_category.revision_ordinal 
_pdbx_audit_revision_category.data_content_type 
_pdbx_audit_revision_category.category 
1 3 'Structure model' chem_comp_atom 
2 3 'Structure model' chem_comp_bond 
3 3 'Structure model' database_2     
# 
loop_
_pdbx_audit_revision_item.ordinal 
_pdbx_audit_revision_item.revision_ordinal 
_pdbx_audit_revision_item.data_content_type 
_pdbx_audit_revision_item.item 
1 3 'Structure model' '_database_2.pdbx_DOI'                
2 3 'Structure model' '_database_2.pdbx_database_accession' 
# 
_pdbx_database_status.status_code                     REL 
_pdbx_database_status.entry_id                        3C12 
_pdbx_database_status.recvd_initial_deposition_date   2008-01-22 
_pdbx_database_status.deposit_site                    RCSB 
_pdbx_database_status.process_site                    PDBJ 
_pdbx_database_status.status_code_sf                  ? 
_pdbx_database_status.status_code_mr                  ? 
_pdbx_database_status.SG_entry                        ? 
_pdbx_database_status.pdb_format_compatible           Y 
_pdbx_database_status.status_code_cs                  ? 
_pdbx_database_status.status_code_nmr_data            ? 
_pdbx_database_status.methods_development_category    ? 
# 
loop_
_audit_author.name 
_audit_author.pdbx_ordinal 
'Kuo, W.-T.'  1 
'Chin, K.-H.' 2 
'Lo, W.-T.'   3 
'Chou, S.-H.' 4 
# 
_citation.id                        primary 
_citation.title                     
'Crystal structure of the C-terminal domain of a flagellar hook-capping protein from Xanthomonas campestris' 
_citation.journal_abbrev            J.Mol.Biol. 
_citation.journal_volume            381 
_citation.page_first                189 
_citation.page_last                 199 
_citation.year                      2008 
_citation.journal_id_ASTM           JMOBAK 
_citation.country                   UK 
_citation.journal_id_ISSN           0022-2836 
_citation.journal_id_CSD            0070 
_citation.book_publisher            ? 
_citation.pdbx_database_id_PubMed   18599076 
_citation.pdbx_database_id_DOI      10.1016/j.jmb.2008.05.083 
# 
loop_
_citation_author.citation_id 
_citation_author.name 
_citation_author.ordinal 
_citation_author.identifier_ORCID 
primary 'Kuo, W.-T.'    1 ? 
primary 'Chin, K.-H.'   2 ? 
primary 'Lo, W.-T.'     3 ? 
primary 'Wang, A.H.-J.' 4 ? 
primary 'Chou, S.-H.'   5 ? 
# 
loop_
_entity.id 
_entity.type 
_entity.src_method 
_entity.pdbx_description 
_entity.formula_weight 
_entity.pdbx_number_of_molecules 
_entity.pdbx_ec 
_entity.pdbx_mutation 
_entity.pdbx_fragment 
_entity.details 
1 polymer man 'Flagellar protein' 13738.245 1  ? ? 'UNP Residues 84-221' ? 
2 water   nat water               18.015    31 ? ? ?                     ? 
# 
_entity_name_com.entity_id   1 
_entity_name_com.name        FlgD 
# 
_entity_poly.entity_id                      1 
_entity_poly.type                           'polypeptide(L)' 
_entity_poly.nstd_linkage                   no 
_entity_poly.nstd_monomer                   no 
_entity_poly.pdbx_seq_one_letter_code       
;DQVLKGAALVGHNVLVPSAQVAIDATGSAKGVVAATSAGFVNFEITDANGTFVKQLSVPASAAGEVSFAWDGTDANGNRM
AAGKYGITATQTDTAGAKSKLATYVDAPVDSVTIGSDGLYLNLTGLGTSPLANVLRVS
;
_entity_poly.pdbx_seq_one_letter_code_can   
;DQVLKGAALVGHNVLVPSAQVAIDATGSAKGVVAATSAGFVNFEITDANGTFVKQLSVPASAAGEVSFAWDGTDANGNRM
AAGKYGITATQTDTAGAKSKLATYVDAPVDSVTIGSDGLYLNLTGLGTSPLANVLRVS
;
_entity_poly.pdbx_strand_id                 A 
_entity_poly.pdbx_target_identifier         ? 
# 
_pdbx_entity_nonpoly.entity_id   2 
_pdbx_entity_nonpoly.name        water 
_pdbx_entity_nonpoly.comp_id     HOH 
# 
loop_
_entity_poly_seq.entity_id 
_entity_poly_seq.num 
_entity_poly_seq.mon_id 
_entity_poly_seq.hetero 
1 1   ASP n 
1 2   GLN n 
1 3   VAL n 
1 4   LEU n 
1 5   LYS n 
1 6   GLY n 
1 7   ALA n 
1 8   ALA n 
1 9   LEU n 
1 10  VAL n 
1 11  GLY n 
1 12  HIS n 
1 13  ASN n 
1 14  VAL n 
1 15  LEU n 
1 16  VAL n 
1 17  PRO n 
1 18  SER n 
1 19  ALA n 
1 20  GLN n 
1 21  VAL n 
1 22  ALA n 
1 23  ILE n 
1 24  ASP n 
1 25  ALA n 
1 26  THR n 
1 27  GLY n 
1 28  SER n 
1 29  ALA n 
1 30  LYS n 
1 31  GLY n 
1 32  VAL n 
1 33  VAL n 
1 34  ALA n 
1 35  ALA n 
1 36  THR n 
1 37  SER n 
1 38  ALA n 
1 39  GLY n 
1 40  PHE n 
1 41  VAL n 
1 42  ASN n 
1 43  PHE n 
1 44  GLU n 
1 45  ILE n 
1 46  THR n 
1 47  ASP n 
1 48  ALA n 
1 49  ASN n 
1 50  GLY n 
1 51  THR n 
1 52  PHE n 
1 53  VAL n 
1 54  LYS n 
1 55  GLN n 
1 56  LEU n 
1 57  SER n 
1 58  VAL n 
1 59  PRO n 
1 60  ALA n 
1 61  SER n 
1 62  ALA n 
1 63  ALA n 
1 64  GLY n 
1 65  GLU n 
1 66  VAL n 
1 67  SER n 
1 68  PHE n 
1 69  ALA n 
1 70  TRP n 
1 71  ASP n 
1 72  GLY n 
1 73  THR n 
1 74  ASP n 
1 75  ALA n 
1 76  ASN n 
1 77  GLY n 
1 78  ASN n 
1 79  ARG n 
1 80  MET n 
1 81  ALA n 
1 82  ALA n 
1 83  GLY n 
1 84  LYS n 
1 85  TYR n 
1 86  GLY n 
1 87  ILE n 
1 88  THR n 
1 89  ALA n 
1 90  THR n 
1 91  GLN n 
1 92  THR n 
1 93  ASP n 
1 94  THR n 
1 95  ALA n 
1 96  GLY n 
1 97  ALA n 
1 98  LYS n 
1 99  SER n 
1 100 LYS n 
1 101 LEU n 
1 102 ALA n 
1 103 THR n 
1 104 TYR n 
1 105 VAL n 
1 106 ASP n 
1 107 ALA n 
1 108 PRO n 
1 109 VAL n 
1 110 ASP n 
1 111 SER n 
1 112 VAL n 
1 113 THR n 
1 114 ILE n 
1 115 GLY n 
1 116 SER n 
1 117 ASP n 
1 118 GLY n 
1 119 LEU n 
1 120 TYR n 
1 121 LEU n 
1 122 ASN n 
1 123 LEU n 
1 124 THR n 
1 125 GLY n 
1 126 LEU n 
1 127 GLY n 
1 128 THR n 
1 129 SER n 
1 130 PRO n 
1 131 LEU n 
1 132 ALA n 
1 133 ASN n 
1 134 VAL n 
1 135 LEU n 
1 136 ARG n 
1 137 VAL n 
1 138 SER n 
# 
_entity_src_gen.entity_id                          1 
_entity_src_gen.pdbx_src_id                        1 
_entity_src_gen.pdbx_alt_source_flag               sample 
_entity_src_gen.pdbx_seq_type                      ? 
_entity_src_gen.pdbx_beg_seq_num                   ? 
_entity_src_gen.pdbx_end_seq_num                   ? 
_entity_src_gen.gene_src_common_name               ? 
_entity_src_gen.gene_src_genus                     ? 
_entity_src_gen.pdbx_gene_src_gene                 ? 
_entity_src_gen.gene_src_species                   ? 
_entity_src_gen.gene_src_strain                    ? 
_entity_src_gen.gene_src_tissue                    ? 
_entity_src_gen.gene_src_tissue_fraction           ? 
_entity_src_gen.gene_src_details                   ? 
_entity_src_gen.pdbx_gene_src_fragment             ? 
_entity_src_gen.pdbx_gene_src_scientific_name      'Xanthomonas campestris pv. campestris' 
_entity_src_gen.pdbx_gene_src_ncbi_taxonomy_id     340 
_entity_src_gen.pdbx_gene_src_variant              ? 
_entity_src_gen.pdbx_gene_src_cell_line            ? 
_entity_src_gen.pdbx_gene_src_atcc                 ? 
_entity_src_gen.pdbx_gene_src_organ                ? 
_entity_src_gen.pdbx_gene_src_organelle            ? 
_entity_src_gen.pdbx_gene_src_cell                 ? 
_entity_src_gen.pdbx_gene_src_cellular_location    ? 
_entity_src_gen.host_org_common_name               ? 
_entity_src_gen.pdbx_host_org_scientific_name      'Escherichia coli' 
_entity_src_gen.pdbx_host_org_ncbi_taxonomy_id     562 
_entity_src_gen.host_org_genus                     ? 
_entity_src_gen.pdbx_host_org_gene                 ? 
_entity_src_gen.pdbx_host_org_organ                ? 
_entity_src_gen.host_org_species                   ? 
_entity_src_gen.pdbx_host_org_tissue               ? 
_entity_src_gen.pdbx_host_org_tissue_fraction      ? 
_entity_src_gen.pdbx_host_org_strain               ? 
_entity_src_gen.pdbx_host_org_variant              ? 
_entity_src_gen.pdbx_host_org_cell_line            ? 
_entity_src_gen.pdbx_host_org_atcc                 ? 
_entity_src_gen.pdbx_host_org_culture_collection   ? 
_entity_src_gen.pdbx_host_org_cell                 ? 
_entity_src_gen.pdbx_host_org_organelle            ? 
_entity_src_gen.pdbx_host_org_cellular_location    ? 
_entity_src_gen.pdbx_host_org_vector_type          ? 
_entity_src_gen.pdbx_host_org_vector               ? 
_entity_src_gen.host_org_details                   ? 
_entity_src_gen.expression_system_id               ? 
_entity_src_gen.plasmid_name                       ? 
_entity_src_gen.plasmid_details                    ? 
_entity_src_gen.pdbx_description                   ? 
# 
loop_
_chem_comp.id 
_chem_comp.type 
_chem_comp.mon_nstd_flag 
_chem_comp.name 
_chem_comp.pdbx_synonyms 
_chem_comp.formula 
_chem_comp.formula_weight 
ALA 'L-peptide linking' y ALANINE         ? 'C3 H7 N O2'     89.093  
ARG 'L-peptide linking' y ARGININE        ? 'C6 H15 N4 O2 1' 175.209 
ASN 'L-peptide linking' y ASPARAGINE      ? 'C4 H8 N2 O3'    132.118 
ASP 'L-peptide linking' y 'ASPARTIC ACID' ? 'C4 H7 N O4'     133.103 
GLN 'L-peptide linking' y GLUTAMINE       ? 'C5 H10 N2 O3'   146.144 
GLU 'L-peptide linking' y 'GLUTAMIC ACID' ? 'C5 H9 N O4'     147.129 
GLY 'peptide linking'   y GLYCINE         ? 'C2 H5 N O2'     75.067  
HIS 'L-peptide linking' y HISTIDINE       ? 'C6 H10 N3 O2 1' 156.162 
HOH non-polymer         . WATER           ? 'H2 O'           18.015  
ILE 'L-peptide linking' y ISOLEUCINE      ? 'C6 H13 N O2'    131.173 
LEU 'L-peptide linking' y LEUCINE         ? 'C6 H13 N O2'    131.173 
LYS 'L-peptide linking' y LYSINE          ? 'C6 H15 N2 O2 1' 147.195 
MET 'L-peptide linking' y METHIONINE      ? 'C5 H11 N O2 S'  149.211 
PHE 'L-peptide linking' y PHENYLALANINE   ? 'C9 H11 N O2'    165.189 
PRO 'L-peptide linking' y PROLINE         ? 'C5 H9 N O2'     115.130 
SER 'L-peptide linking' y SERINE          ? 'C3 H7 N O3'     105.093 
THR 'L-peptide linking' y THREONINE       ? 'C4 H9 N O3'     119.119 
TRP 'L-peptide linking' y TRYPTOPHAN      ? 'C11 H12 N2 O2'  204.225 
TYR 'L-peptide linking' y TYROSINE        ? 'C9 H11 N O3'    181.189 
VAL 'L-peptide linking' y VALINE          ? 'C5 H11 N O2'    117.146 
# 
loop_
_pdbx_poly_seq_scheme.asym_id 
_pdbx_poly_seq_scheme.entity_id 
_pdbx_poly_seq_scheme.seq_id 
_pdbx_poly_seq_scheme.mon_id 
_pdbx_poly_seq_scheme.ndb_seq_num 
_pdbx_poly_seq_scheme.pdb_seq_num 
_pdbx_poly_seq_scheme.auth_seq_num 
_pdbx_poly_seq_scheme.pdb_mon_id 
_pdbx_poly_seq_scheme.auth_mon_id 
_pdbx_poly_seq_scheme.pdb_strand_id 
_pdbx_poly_seq_scheme.pdb_ins_code 
_pdbx_poly_seq_scheme.hetero 
A 1 1   ASP 1   50  50  ASP ASP A . n 
A 1 2   GLN 2   51  51  GLN GLN A . n 
A 1 3   VAL 3   52  52  VAL VAL A . n 
A 1 4   LEU 4   53  53  LEU LEU A . n 
A 1 5   LYS 5   54  54  LYS LYS A . n 
A 1 6   GLY 6   55  55  GLY GLY A . n 
A 1 7   ALA 7   56  56  ALA ALA A . n 
A 1 8   ALA 8   57  57  ALA ALA A . n 
A 1 9   LEU 9   58  58  LEU LEU A . n 
A 1 10  VAL 10  59  59  VAL VAL A . n 
A 1 11  GLY 11  60  60  GLY GLY A . n 
A 1 12  HIS 12  61  61  HIS HIS A . n 
A 1 13  ASN 13  62  62  ASN ASN A . n 
A 1 14  VAL 14  63  63  VAL VAL A . n 
A 1 15  LEU 15  64  64  LEU LEU A . n 
A 1 16  VAL 16  65  65  VAL VAL A . n 
A 1 17  PRO 17  66  66  PRO PRO A . n 
A 1 18  SER 18  67  67  SER SER A . n 
A 1 19  ALA 19  68  68  ALA ALA A . n 
A 1 20  GLN 20  69  69  GLN GLN A . n 
A 1 21  VAL 21  70  70  VAL VAL A . n 
A 1 22  ALA 22  71  71  ALA ALA A . n 
A 1 23  ILE 23  72  72  ILE ILE A . n 
A 1 24  ASP 24  73  73  ASP ASP A . n 
A 1 25  ALA 25  74  74  ALA ALA A . n 
A 1 26  THR 26  75  75  THR THR A . n 
A 1 27  GLY 27  76  76  GLY GLY A . n 
A 1 28  SER 28  77  77  SER SER A . n 
A 1 29  ALA 29  78  78  ALA ALA A . n 
A 1 30  LYS 30  79  79  LYS LYS A . n 
A 1 31  GLY 31  80  80  GLY GLY A . n 
A 1 32  VAL 32  81  81  VAL VAL A . n 
A 1 33  VAL 33  82  82  VAL VAL A . n 
A 1 34  ALA 34  83  83  ALA ALA A . n 
A 1 35  ALA 35  84  84  ALA ALA A . n 
A 1 36  THR 36  85  85  THR THR A . n 
A 1 37  SER 37  86  86  SER SER A . n 
A 1 38  ALA 38  87  87  ALA ALA A . n 
A 1 39  GLY 39  88  88  GLY GLY A . n 
A 1 40  PHE 40  89  89  PHE PHE A . n 
A 1 41  VAL 41  90  90  VAL VAL A . n 
A 1 42  ASN 42  91  91  ASN ASN A . n 
A 1 43  PHE 43  92  92  PHE PHE A . n 
A 1 44  GLU 44  93  93  GLU GLU A . n 
A 1 45  ILE 45  94  94  ILE ILE A . n 
A 1 46  THR 46  95  95  THR THR A . n 
A 1 47  ASP 47  96  96  ASP ASP A . n 
A 1 48  ALA 48  97  97  ALA ALA A . n 
A 1 49  ASN 49  98  98  ASN ASN A . n 
A 1 50  GLY 50  99  99  GLY GLY A . n 
A 1 51  THR 51  100 100 THR THR A . n 
A 1 52  PHE 52  101 101 PHE PHE A . n 
A 1 53  VAL 53  102 102 VAL VAL A . n 
A 1 54  LYS 54  103 103 LYS LYS A . n 
A 1 55  GLN 55  104 104 GLN GLN A . n 
A 1 56  LEU 56  105 105 LEU LEU A . n 
A 1 57  SER 57  106 106 SER SER A . n 
A 1 58  VAL 58  107 107 VAL VAL A . n 
A 1 59  PRO 59  108 108 PRO PRO A . n 
A 1 60  ALA 60  109 109 ALA ALA A . n 
A 1 61  SER 61  110 110 SER SER A . n 
A 1 62  ALA 62  111 111 ALA ALA A . n 
A 1 63  ALA 63  112 112 ALA ALA A . n 
A 1 64  GLY 64  113 113 GLY GLY A . n 
A 1 65  GLU 65  114 114 GLU GLU A . n 
A 1 66  VAL 66  115 115 VAL VAL A . n 
A 1 67  SER 67  116 116 SER SER A . n 
A 1 68  PHE 68  117 117 PHE PHE A . n 
A 1 69  ALA 69  118 118 ALA ALA A . n 
A 1 70  TRP 70  119 119 TRP TRP A . n 
A 1 71  ASP 71  120 120 ASP ASP A . n 
A 1 72  GLY 72  121 121 GLY GLY A . n 
A 1 73  THR 73  122 122 THR THR A . n 
A 1 74  ASP 74  123 123 ASP ASP A . n 
A 1 75  ALA 75  124 124 ALA ALA A . n 
A 1 76  ASN 76  125 125 ASN ASN A . n 
A 1 77  GLY 77  126 126 GLY GLY A . n 
A 1 78  ASN 78  127 127 ASN ASN A . n 
A 1 79  ARG 79  128 128 ARG ARG A . n 
A 1 80  MET 80  129 129 MET MET A . n 
A 1 81  ALA 81  130 130 ALA ALA A . n 
A 1 82  ALA 82  131 131 ALA ALA A . n 
A 1 83  GLY 83  132 132 GLY GLY A . n 
A 1 84  LYS 84  133 133 LYS LYS A . n 
A 1 85  TYR 85  134 134 TYR TYR A . n 
A 1 86  GLY 86  135 135 GLY GLY A . n 
A 1 87  ILE 87  136 136 ILE ILE A . n 
A 1 88  THR 88  137 137 THR THR A . n 
A 1 89  ALA 89  138 138 ALA ALA A . n 
A 1 90  THR 90  139 139 THR THR A . n 
A 1 91  GLN 91  140 140 GLN GLN A . n 
A 1 92  THR 92  141 141 THR THR A . n 
A 1 93  ASP 93  142 142 ASP ASP A . n 
A 1 94  THR 94  143 143 THR THR A . n 
A 1 95  ALA 95  144 144 ALA ALA A . n 
A 1 96  GLY 96  145 145 GLY GLY A . n 
A 1 97  ALA 97  146 146 ALA ALA A . n 
A 1 98  LYS 98  147 147 LYS LYS A . n 
A 1 99  SER 99  148 148 SER SER A . n 
A 1 100 LYS 100 149 149 LYS LYS A . n 
A 1 101 LEU 101 150 150 LEU LEU A . n 
A 1 102 ALA 102 151 151 ALA ALA A . n 
A 1 103 THR 103 152 152 THR THR A . n 
A 1 104 TYR 104 153 153 TYR TYR A . n 
A 1 105 VAL 105 154 154 VAL VAL A . n 
A 1 106 ASP 106 155 155 ASP ASP A . n 
A 1 107 ALA 107 156 156 ALA ALA A . n 
A 1 108 PRO 108 157 157 PRO PRO A . n 
A 1 109 VAL 109 158 158 VAL VAL A . n 
A 1 110 ASP 110 159 159 ASP ASP A . n 
A 1 111 SER 111 160 160 SER SER A . n 
A 1 112 VAL 112 161 161 VAL VAL A . n 
A 1 113 THR 113 162 162 THR THR A . n 
A 1 114 ILE 114 163 163 ILE ILE A . n 
A 1 115 GLY 115 164 164 GLY GLY A . n 
A 1 116 SER 116 165 165 SER SER A . n 
A 1 117 ASP 117 166 166 ASP ASP A . n 
A 1 118 GLY 118 167 167 GLY GLY A . n 
A 1 119 LEU 119 168 168 LEU LEU A . n 
A 1 120 TYR 120 169 169 TYR TYR A . n 
A 1 121 LEU 121 170 170 LEU LEU A . n 
A 1 122 ASN 122 171 171 ASN ASN A . n 
A 1 123 LEU 123 172 172 LEU LEU A . n 
A 1 124 THR 124 173 173 THR THR A . n 
A 1 125 GLY 125 174 174 GLY GLY A . n 
A 1 126 LEU 126 175 175 LEU LEU A . n 
A 1 127 GLY 127 176 176 GLY GLY A . n 
A 1 128 THR 128 177 177 THR THR A . n 
A 1 129 SER 129 178 178 SER SER A . n 
A 1 130 PRO 130 179 179 PRO PRO A . n 
A 1 131 LEU 131 180 180 LEU LEU A . n 
A 1 132 ALA 132 181 181 ALA ALA A . n 
A 1 133 ASN 133 182 182 ASN ASN A . n 
A 1 134 VAL 134 183 183 VAL VAL A . n 
A 1 135 LEU 135 184 184 LEU LEU A . n 
A 1 136 ARG 136 185 185 ARG ARG A . n 
A 1 137 VAL 137 186 186 VAL VAL A . n 
A 1 138 SER 138 187 187 SER SER A . n 
# 
loop_
_pdbx_nonpoly_scheme.asym_id 
_pdbx_nonpoly_scheme.entity_id 
_pdbx_nonpoly_scheme.mon_id 
_pdbx_nonpoly_scheme.ndb_seq_num 
_pdbx_nonpoly_scheme.pdb_seq_num 
_pdbx_nonpoly_scheme.auth_seq_num 
_pdbx_nonpoly_scheme.pdb_mon_id 
_pdbx_nonpoly_scheme.auth_mon_id 
_pdbx_nonpoly_scheme.pdb_strand_id 
_pdbx_nonpoly_scheme.pdb_ins_code 
B 2 HOH 1  188 188 HOH HOH A . 
B 2 HOH 2  189 189 HOH HOH A . 
B 2 HOH 3  191 191 HOH HOH A . 
B 2 HOH 4  192 192 HOH HOH A . 
B 2 HOH 5  193 193 HOH HOH A . 
B 2 HOH 6  194 194 HOH HOH A . 
B 2 HOH 7  195 195 HOH HOH A . 
B 2 HOH 8  196 196 HOH HOH A . 
B 2 HOH 9  197 197 HOH HOH A . 
B 2 HOH 10 198 198 HOH HOH A . 
B 2 HOH 11 199 199 HOH HOH A . 
B 2 HOH 12 200 200 HOH HOH A . 
B 2 HOH 13 201 201 HOH HOH A . 
B 2 HOH 14 202 202 HOH HOH A . 
B 2 HOH 15 203 203 HOH HOH A . 
B 2 HOH 16 204 204 HOH HOH A . 
B 2 HOH 17 205 205 HOH HOH A . 
B 2 HOH 18 206 206 HOH HOH A . 
B 2 HOH 19 207 207 HOH HOH A . 
B 2 HOH 20 208 208 HOH HOH A . 
B 2 HOH 21 209 209 HOH HOH A . 
B 2 HOH 22 210 210 HOH HOH A . 
B 2 HOH 23 211 211 HOH HOH A . 
B 2 HOH 24 212 212 HOH HOH A . 
B 2 HOH 25 213 213 HOH HOH A . 
B 2 HOH 26 214 214 HOH HOH A . 
B 2 HOH 27 215 215 HOH HOH A . 
B 2 HOH 28 216 216 HOH HOH A . 
B 2 HOH 29 217 217 HOH HOH A . 
B 2 HOH 30 218 218 HOH HOH A . 
B 2 HOH 31 219 219 HOH HOH A . 
# 
loop_
_software.name 
_software.classification 
_software.version 
_software.citation_id 
_software.pdbx_ordinal 
CNS      refinement        1.1 ? 1 
HKL-2000 'data collection' .   ? 2 
HKL-2000 'data reduction'  .   ? 3 
HKL-2000 'data scaling'    .   ? 4 
SOLVE    phasing           .   ? 5 
# 
_cell.entry_id           3C12 
_cell.length_a           116.710 
_cell.length_b           116.710 
_cell.length_c           71.820 
_cell.angle_alpha        90.00 
_cell.angle_beta         90.00 
_cell.angle_gamma        120.00 
_cell.Z_PDB              12 
_cell.pdbx_unique_axis   ? 
_cell.length_a_esd       ? 
_cell.length_b_esd       ? 
_cell.length_c_esd       ? 
_cell.angle_alpha_esd    ? 
_cell.angle_beta_esd     ? 
_cell.angle_gamma_esd    ? 
# 
_symmetry.entry_id                         3C12 
_symmetry.space_group_name_H-M             'P 61 2 2' 
_symmetry.pdbx_full_space_group_name_H-M   ? 
_symmetry.cell_setting                     ? 
_symmetry.Int_Tables_number                178 
_symmetry.space_group_name_Hall            ? 
# 
_exptl.entry_id          3C12 
_exptl.method            'X-RAY DIFFRACTION' 
_exptl.crystals_number   3 
# 
_exptl_crystal.id                    1 
_exptl_crystal.density_meas          ? 
_exptl_crystal.density_Matthews      5.138965 
_exptl_crystal.density_percent_sol   76.065216 
_exptl_crystal.description           ? 
_exptl_crystal.F_000                 ? 
_exptl_crystal.preparation           ? 
# 
_exptl_crystal_grow.crystal_id      1 
_exptl_crystal_grow.method          'VAPOR DIFFUSION' 
_exptl_crystal_grow.temp            295 
_exptl_crystal_grow.temp_details    ? 
_exptl_crystal_grow.pH              ? 
_exptl_crystal_grow.pdbx_details    'VAPOR DIFFUSION, temperature 295K' 
_exptl_crystal_grow.pdbx_pH_range   ? 
# 
_diffrn.id                     1 
_diffrn.ambient_temp           100 
_diffrn.ambient_temp_details   ? 
_diffrn.crystal_id             1 
# 
_diffrn_detector.diffrn_id              1 
_diffrn_detector.detector               CCD 
_diffrn_detector.type                   'ADSC QUANTUM 4' 
_diffrn_detector.pdbx_collection_date   2007-09-24 
_diffrn_detector.details                ? 
# 
_diffrn_radiation.diffrn_id                        1 
_diffrn_radiation.wavelength_id                    1 
_diffrn_radiation.pdbx_monochromatic_or_laue_m_l   M 
_diffrn_radiation.monochromator                    ? 
_diffrn_radiation.pdbx_diffrn_protocol             MAD 
_diffrn_radiation.pdbx_scattering_type             x-ray 
# 
_diffrn_radiation_wavelength.id           1 
_diffrn_radiation_wavelength.wavelength   0.97945 
_diffrn_radiation_wavelength.wt           1.0 
# 
_diffrn_source.diffrn_id                   1 
_diffrn_source.source                      SYNCHROTRON 
_diffrn_source.type                        'SPRING-8 BEAMLINE BL12B2' 
_diffrn_source.pdbx_synchrotron_site       SPring-8 
_diffrn_source.pdbx_synchrotron_beamline   BL12B2 
_diffrn_source.pdbx_wavelength             ? 
_diffrn_source.pdbx_wavelength_list        0.97945 
# 
_reflns.entry_id                     3C12 
_reflns.observed_criterion_sigma_I   2 
_reflns.observed_criterion_sigma_F   2 
_reflns.d_resolution_low             30 
_reflns.d_resolution_high            2.50 
_reflns.number_obs                   11527 
_reflns.number_all                   ? 
_reflns.percent_possible_obs         99 
_reflns.pdbx_Rmerge_I_obs            0.056 
_reflns.pdbx_Rsym_value              ? 
_reflns.pdbx_netI_over_sigmaI        33 
_reflns.B_iso_Wilson_estimate        50.0 
_reflns.pdbx_redundancy              11 
_reflns.R_free_details               ? 
_reflns.limit_h_max                  ? 
_reflns.limit_h_min                  ? 
_reflns.limit_k_max                  ? 
_reflns.limit_k_min                  ? 
_reflns.limit_l_max                  ? 
_reflns.limit_l_min                  ? 
_reflns.observed_criterion_F_max     ? 
_reflns.observed_criterion_F_min     ? 
_reflns.pdbx_chi_squared             ? 
_reflns.pdbx_scaling_rejects         ? 
_reflns.pdbx_diffrn_id               1 
_reflns.pdbx_ordinal                 1 
# 
_reflns_shell.d_res_high             2.54 
_reflns_shell.d_res_low              2.64 
_reflns_shell.percent_possible_all   100 
_reflns_shell.Rmerge_I_obs           0.480 
_reflns_shell.pdbx_Rsym_value        ? 
_reflns_shell.meanI_over_sigI_obs    3.3 
_reflns_shell.pdbx_redundancy        11 
_reflns_shell.percent_possible_obs   ? 
_reflns_shell.number_unique_all      11527 
_reflns_shell.number_measured_all    ? 
_reflns_shell.number_measured_obs    ? 
_reflns_shell.number_unique_obs      ? 
_reflns_shell.pdbx_chi_squared       ? 
_reflns_shell.pdbx_diffrn_id         ? 
_reflns_shell.pdbx_ordinal           1 
# 
_refine.entry_id                                 3C12 
_refine.ls_number_reflns_obs                     11527 
_refine.ls_number_reflns_all                     ? 
_refine.pdbx_ls_sigma_I                          ? 
_refine.pdbx_ls_sigma_F                          0.0 
_refine.pdbx_data_cutoff_high_absF               394950.19 
_refine.pdbx_data_cutoff_low_absF                0.000000 
_refine.pdbx_data_cutoff_high_rms_absF           ? 
_refine.ls_d_res_low                             29.27 
_refine.ls_d_res_high                            2.51 
_refine.ls_percent_reflns_obs                    93.8 
_refine.ls_R_factor_obs                          0.257 
_refine.ls_R_factor_all                          ? 
_refine.ls_R_factor_R_work                       0.257 
_refine.ls_R_factor_R_free                       0.272 
_refine.ls_R_factor_R_free_error                 0.006 
_refine.ls_R_factor_R_free_error_details         ? 
_refine.ls_percent_reflns_R_free                 9.3 
_refine.ls_number_reflns_R_free                  1846 
_refine.ls_number_parameters                     ? 
_refine.ls_number_restraints                     ? 
_refine.occupancy_min                            ? 
_refine.occupancy_max                            ? 
_refine.correlation_coeff_Fo_to_Fc               ? 
_refine.correlation_coeff_Fo_to_Fc_free          ? 
_refine.B_iso_mean                               55.2 
_refine.aniso_B[1][1]                            -1.91 
_refine.aniso_B[2][2]                            -1.91 
_refine.aniso_B[3][3]                            3.83 
_refine.aniso_B[1][2]                            6.47 
_refine.aniso_B[1][3]                            0.00 
_refine.aniso_B[2][3]                            0.00 
_refine.solvent_model_details                    'FLAT MODEL' 
_refine.solvent_model_param_ksol                 0.376483 
_refine.solvent_model_param_bsol                 61.627 
_refine.pdbx_solvent_vdw_probe_radii             ? 
_refine.pdbx_solvent_ion_probe_radii             ? 
_refine.pdbx_solvent_shrinkage_radii             ? 
_refine.pdbx_ls_cross_valid_method               THROUGHOUT 
_refine.details                                  ? 
_refine.pdbx_starting_model                      ? 
_refine.pdbx_method_to_determine_struct          MAD 
_refine.pdbx_isotropic_thermal_model             RESTRAINED 
_refine.pdbx_stereochemistry_target_values       ? 
_refine.pdbx_stereochem_target_val_spec_case     ? 
_refine.pdbx_R_Free_selection_details            RANDOM 
_refine.pdbx_overall_ESU_R                       ? 
_refine.pdbx_overall_ESU_R_Free                  ? 
_refine.overall_SU_ML                            ? 
_refine.overall_SU_B                             ? 
_refine.ls_redundancy_reflns_obs                 ? 
_refine.B_iso_min                                ? 
_refine.B_iso_max                                ? 
_refine.overall_SU_R_Cruickshank_DPI             ? 
_refine.overall_SU_R_free                        ? 
_refine.ls_wR_factor_R_free                      ? 
_refine.ls_wR_factor_R_work                      ? 
_refine.overall_FOM_free_R_set                   ? 
_refine.overall_FOM_work_R_set                   ? 
_refine.pdbx_overall_phase_error                 ? 
_refine.pdbx_refine_id                           'X-RAY DIFFRACTION' 
_refine.pdbx_diffrn_id                           1 
_refine.pdbx_TLS_residual_ADP_flag               ? 
_refine.pdbx_overall_SU_R_free_Cruickshank_DPI   ? 
_refine.pdbx_overall_SU_R_Blow_DPI               ? 
_refine.pdbx_overall_SU_R_free_Blow_DPI          ? 
# 
_refine_analyze.entry_id                        3C12 
_refine_analyze.Luzzati_coordinate_error_obs    0.41 
_refine_analyze.Luzzati_sigma_a_obs             0.52 
_refine_analyze.Luzzati_d_res_low_obs           5.00 
_refine_analyze.Luzzati_coordinate_error_free   0.43 
_refine_analyze.Luzzati_sigma_a_free            0.54 
_refine_analyze.Luzzati_d_res_low_free          ? 
_refine_analyze.number_disordered_residues      ? 
_refine_analyze.occupancy_sum_hydrogen          ? 
_refine_analyze.occupancy_sum_non_hydrogen      ? 
_refine_analyze.pdbx_Luzzati_d_res_high_obs     ? 
_refine_analyze.pdbx_refine_id                  'X-RAY DIFFRACTION' 
# 
_refine_hist.pdbx_refine_id                   'X-RAY DIFFRACTION' 
_refine_hist.cycle_id                         LAST 
_refine_hist.pdbx_number_atoms_protein        967 
_refine_hist.pdbx_number_atoms_nucleic_acid   0 
_refine_hist.pdbx_number_atoms_ligand         0 
_refine_hist.number_atoms_solvent             31 
_refine_hist.number_atoms_total               998 
_refine_hist.d_res_high                       2.51 
_refine_hist.d_res_low                        29.27 
# 
loop_
_refine_ls_restr.type 
_refine_ls_restr.dev_ideal 
_refine_ls_restr.dev_ideal_target 
_refine_ls_restr.weight 
_refine_ls_restr.number 
_refine_ls_restr.pdbx_refine_id 
_refine_ls_restr.pdbx_restraint_function 
c_bond_d                0.009 ?    ? ? 'X-RAY DIFFRACTION' ? 
c_bond_d_na             ?     ?    ? ? 'X-RAY DIFFRACTION' ? 
c_bond_d_prot           ?     ?    ? ? 'X-RAY DIFFRACTION' ? 
c_angle_d               ?     ?    ? ? 'X-RAY DIFFRACTION' ? 
c_angle_d_na            ?     ?    ? ? 'X-RAY DIFFRACTION' ? 
c_angle_d_prot          ?     ?    ? ? 'X-RAY DIFFRACTION' ? 
c_angle_deg             1.4   ?    ? ? 'X-RAY DIFFRACTION' ? 
c_angle_deg_na          ?     ?    ? ? 'X-RAY DIFFRACTION' ? 
c_angle_deg_prot        ?     ?    ? ? 'X-RAY DIFFRACTION' ? 
c_dihedral_angle_d      27.0  ?    ? ? 'X-RAY DIFFRACTION' ? 
c_dihedral_angle_d_na   ?     ?    ? ? 'X-RAY DIFFRACTION' ? 
c_dihedral_angle_d_prot ?     ?    ? ? 'X-RAY DIFFRACTION' ? 
c_improper_angle_d      0.74  ?    ? ? 'X-RAY DIFFRACTION' ? 
c_improper_angle_d_na   ?     ?    ? ? 'X-RAY DIFFRACTION' ? 
c_improper_angle_d_prot ?     ?    ? ? 'X-RAY DIFFRACTION' ? 
c_mcbond_it             1.33  1.50 ? ? 'X-RAY DIFFRACTION' ? 
c_mcangle_it            2.34  2.00 ? ? 'X-RAY DIFFRACTION' ? 
c_scbond_it             1.65  2.00 ? ? 'X-RAY DIFFRACTION' ? 
c_scangle_it            2.57  2.50 ? ? 'X-RAY DIFFRACTION' ? 
# 
_refine_ls_shell.pdbx_total_number_of_bins_used   6 
_refine_ls_shell.d_res_high                       2.51 
_refine_ls_shell.d_res_low                        2.61 
_refine_ls_shell.number_reflns_R_work             0 
_refine_ls_shell.R_factor_R_work                  0.272 
_refine_ls_shell.percent_reflns_obs               ? 
_refine_ls_shell.R_factor_R_free                  ? 
_refine_ls_shell.R_factor_R_free_error            ? 
_refine_ls_shell.percent_reflns_R_free            ? 
_refine_ls_shell.number_reflns_R_free             ? 
_refine_ls_shell.number_reflns_all                ? 
_refine_ls_shell.R_factor_all                     ? 
_refine_ls_shell.number_reflns_obs                ? 
_refine_ls_shell.redundancy_reflns_obs            ? 
_refine_ls_shell.pdbx_refine_id                   'X-RAY DIFFRACTION' 
# 
loop_
_pdbx_xplor_file.serial_no 
_pdbx_xplor_file.param_file 
_pdbx_xplor_file.topol_file 
_pdbx_xplor_file.pdbx_refine_id 
1 protein_rep.param protein.top 'X-RAY DIFFRACTION' 
2 water_rep.param   water.top   'X-RAY DIFFRACTION' 
# 
_struct.entry_id                  3C12 
_struct.title                     
'Crystal Structure of FlgD from Xanthomonas campestris: Insights into the Hook Capping Essential for Flagellar Assembly' 
_struct.pdbx_model_details        ? 
_struct.pdbx_CASP_flag            ? 
_struct.pdbx_model_type_details   ? 
# 
_struct_keywords.entry_id        3C12 
_struct_keywords.pdbx_keywords   'BIOSYNTHETIC PROTEIN' 
_struct_keywords.text            
;FlgD, hook capping, Xanthomonas campestris, Ig-like domain, Fn-III domain, tudor-like domain, flagellar biogenesis, Flagellum, BIOSYNTHETIC PROTEIN
;
# 
loop_
_struct_asym.id 
_struct_asym.pdbx_blank_PDB_chainid_flag 
_struct_asym.pdbx_modified 
_struct_asym.entity_id 
_struct_asym.details 
A N N 1 ? 
B N N 2 ? 
# 
_struct_ref.id                         1 
_struct_ref.db_name                    UNP 
_struct_ref.db_code                    Q8P9B5_XANCP 
_struct_ref.pdbx_db_accession          Q8P9B5 
_struct_ref.entity_id                  1 
_struct_ref.pdbx_seq_one_letter_code   
;DQVLKGAALVGHNVLVPSAQVAIDATGSAKGVVAATSAGFVNFEITDANGTFVKQLSVPASAAGEVSFAWDGTDANGNRM
AAGKYGITATQTDTAGAKSKLATYVDAPVDSVTIGSDGLYLNLTGLGTSPLANVLRVS
;
_struct_ref.pdbx_align_begin           84 
_struct_ref.pdbx_db_isoform            ? 
# 
_struct_ref_seq.align_id                      1 
_struct_ref_seq.ref_id                        1 
_struct_ref_seq.pdbx_PDB_id_code              3C12 
_struct_ref_seq.pdbx_strand_id                A 
_struct_ref_seq.seq_align_beg                 1 
_struct_ref_seq.pdbx_seq_align_beg_ins_code   ? 
_struct_ref_seq.seq_align_end                 138 
_struct_ref_seq.pdbx_seq_align_end_ins_code   ? 
_struct_ref_seq.pdbx_db_accession             Q8P9B5 
_struct_ref_seq.db_align_beg                  84 
_struct_ref_seq.pdbx_db_align_beg_ins_code    ? 
_struct_ref_seq.db_align_end                  221 
_struct_ref_seq.pdbx_db_align_end_ins_code    ? 
_struct_ref_seq.pdbx_auth_seq_align_beg       50 
_struct_ref_seq.pdbx_auth_seq_align_end       187 
# 
_pdbx_struct_assembly.id                   1 
_pdbx_struct_assembly.details              author_defined_assembly 
_pdbx_struct_assembly.method_details       ? 
_pdbx_struct_assembly.oligomeric_details   dimeric 
_pdbx_struct_assembly.oligomeric_count     2 
# 
_pdbx_struct_assembly_gen.assembly_id       1 
_pdbx_struct_assembly_gen.oper_expression   1,2 
_pdbx_struct_assembly_gen.asym_id_list      A,B 
# 
loop_
_pdbx_struct_oper_list.id 
_pdbx_struct_oper_list.type 
_pdbx_struct_oper_list.name 
_pdbx_struct_oper_list.symmetry_operation 
_pdbx_struct_oper_list.matrix[1][1] 
_pdbx_struct_oper_list.matrix[1][2] 
_pdbx_struct_oper_list.matrix[1][3] 
_pdbx_struct_oper_list.vector[1] 
_pdbx_struct_oper_list.matrix[2][1] 
_pdbx_struct_oper_list.matrix[2][2] 
_pdbx_struct_oper_list.matrix[2][3] 
_pdbx_struct_oper_list.vector[2] 
_pdbx_struct_oper_list.matrix[3][1] 
_pdbx_struct_oper_list.matrix[3][2] 
_pdbx_struct_oper_list.matrix[3][3] 
_pdbx_struct_oper_list.vector[3] 
1 'identity operation'         1_555  x,y,z         1.0000000000  0.0000000000  0.0000000000  0.0000000000  0.0000000000  1.0000000000 0.0000000000 0.0000000000  0.0000000000  0.0000000000 1.0000000000  0.0000000000  
2 'crystal symmetry operation' 11_556 -x+y,y,-z+3/2 -0.7667081064 -0.5582679258 -0.3170104140 -2.8095160748 -0.5582679258 0.3359361622 0.7586064974 -9.5702279627 -0.3170104140 0.7586064974 -0.5692280558 14.7859937174 
# 
_struct_biol.id        1 
_struct_biol.details   ? 
# 
_struct_conf.conf_type_id            HELX_P 
_struct_conf.id                      HELX_P1 
_struct_conf.pdbx_PDB_helix_id       1 
_struct_conf.beg_label_comp_id       ASP 
_struct_conf.beg_label_asym_id       A 
_struct_conf.beg_label_seq_id        1 
_struct_conf.pdbx_beg_PDB_ins_code   ? 
_struct_conf.end_label_comp_id       GLY 
_struct_conf.end_label_asym_id       A 
_struct_conf.end_label_seq_id        6 
_struct_conf.pdbx_end_PDB_ins_code   ? 
_struct_conf.beg_auth_comp_id        ASP 
_struct_conf.beg_auth_asym_id        A 
_struct_conf.beg_auth_seq_id         50 
_struct_conf.end_auth_comp_id        GLY 
_struct_conf.end_auth_asym_id        A 
_struct_conf.end_auth_seq_id         55 
_struct_conf.pdbx_PDB_helix_class    1 
_struct_conf.details                 ? 
_struct_conf.pdbx_PDB_helix_length   6 
# 
_struct_conf_type.id          HELX_P 
_struct_conf_type.criteria    ? 
_struct_conf_type.reference   ? 
# 
loop_
_struct_sheet.id 
_struct_sheet.type 
_struct_sheet.number_strands 
_struct_sheet.details 
A ? 4 ? 
B ? 4 ? 
C ? 4 ? 
D ? 3 ? 
# 
loop_
_struct_sheet_order.sheet_id 
_struct_sheet_order.range_id_1 
_struct_sheet_order.range_id_2 
_struct_sheet_order.offset 
_struct_sheet_order.sense 
A 1 2 ? anti-parallel 
A 2 3 ? anti-parallel 
A 3 4 ? anti-parallel 
B 1 2 ? anti-parallel 
B 2 3 ? anti-parallel 
B 3 4 ? anti-parallel 
C 1 2 ? anti-parallel 
C 2 3 ? anti-parallel 
C 3 4 ? anti-parallel 
D 1 2 ? anti-parallel 
D 2 3 ? anti-parallel 
# 
loop_
_struct_sheet_range.sheet_id 
_struct_sheet_range.id 
_struct_sheet_range.beg_label_comp_id 
_struct_sheet_range.beg_label_asym_id 
_struct_sheet_range.beg_label_seq_id 
_struct_sheet_range.pdbx_beg_PDB_ins_code 
_struct_sheet_range.end_label_comp_id 
_struct_sheet_range.end_label_asym_id 
_struct_sheet_range.end_label_seq_id 
_struct_sheet_range.pdbx_end_PDB_ins_code 
_struct_sheet_range.beg_auth_comp_id 
_struct_sheet_range.beg_auth_asym_id 
_struct_sheet_range.beg_auth_seq_id 
_struct_sheet_range.end_auth_comp_id 
_struct_sheet_range.end_auth_asym_id 
_struct_sheet_range.end_auth_seq_id 
A 1 ASN A 13  ? PRO A 17  ? ASN A 62  PRO A 66  
A 2 THR A 103 ? GLY A 115 ? THR A 152 GLY A 164 
A 3 ALA A 29  ? ALA A 35  ? ALA A 78  ALA A 84  
A 4 GLY A 64  ? TRP A 70  ? GLY A 113 TRP A 119 
B 1 ASN A 13  ? PRO A 17  ? ASN A 62  PRO A 66  
B 2 THR A 103 ? GLY A 115 ? THR A 152 GLY A 164 
B 3 GLY A 118 ? LEU A 123 ? GLY A 167 LEU A 172 
B 4 GLY A 127 ? PRO A 130 ? GLY A 176 PRO A 179 
C 1 GLN A 20  ? ILE A 23  ? GLN A 69  ILE A 72  
C 2 GLY A 83  ? ASP A 93  ? GLY A 132 ASP A 142 
C 3 GLY A 39  ? THR A 46  ? GLY A 88  THR A 95  
C 4 PHE A 52  ? ALA A 60  ? PHE A 101 ALA A 109 
D 1 GLN A 20  ? ILE A 23  ? GLN A 69  ILE A 72  
D 2 GLY A 83  ? ASP A 93  ? GLY A 132 ASP A 142 
D 3 LYS A 98  ? LEU A 101 ? LYS A 147 LEU A 150 
# 
loop_
_pdbx_struct_sheet_hbond.sheet_id 
_pdbx_struct_sheet_hbond.range_id_1 
_pdbx_struct_sheet_hbond.range_id_2 
_pdbx_struct_sheet_hbond.range_1_label_atom_id 
_pdbx_struct_sheet_hbond.range_1_label_comp_id 
_pdbx_struct_sheet_hbond.range_1_label_asym_id 
_pdbx_struct_sheet_hbond.range_1_label_seq_id 
_pdbx_struct_sheet_hbond.range_1_PDB_ins_code 
_pdbx_struct_sheet_hbond.range_1_auth_atom_id 
_pdbx_struct_sheet_hbond.range_1_auth_comp_id 
_pdbx_struct_sheet_hbond.range_1_auth_asym_id 
_pdbx_struct_sheet_hbond.range_1_auth_seq_id 
_pdbx_struct_sheet_hbond.range_2_label_atom_id 
_pdbx_struct_sheet_hbond.range_2_label_comp_id 
_pdbx_struct_sheet_hbond.range_2_label_asym_id 
_pdbx_struct_sheet_hbond.range_2_label_seq_id 
_pdbx_struct_sheet_hbond.range_2_PDB_ins_code 
_pdbx_struct_sheet_hbond.range_2_auth_atom_id 
_pdbx_struct_sheet_hbond.range_2_auth_comp_id 
_pdbx_struct_sheet_hbond.range_2_auth_asym_id 
_pdbx_struct_sheet_hbond.range_2_auth_seq_id 
A 1 2 N VAL A 16  ? N VAL A 65  O VAL A 105 ? O VAL A 154 
A 2 3 O TYR A 104 ? O TYR A 153 N VAL A 32  ? N VAL A 81  
A 3 4 N ALA A 35  ? N ALA A 84  O GLY A 64  ? O GLY A 113 
B 1 2 N VAL A 16  ? N VAL A 65  O VAL A 105 ? O VAL A 154 
B 2 3 N THR A 113 ? N THR A 162 O TYR A 120 ? O TYR A 169 
B 3 4 N LEU A 121 ? N LEU A 170 O SER A 129 ? O SER A 178 
C 1 2 N VAL A 21  ? N VAL A 70  O TYR A 85  ? O TYR A 134 
C 2 3 O THR A 90  ? O THR A 139 N ASN A 42  ? N ASN A 91  
C 3 4 N GLY A 39  ? N GLY A 88  O ALA A 60  ? O ALA A 109 
D 1 2 N VAL A 21  ? N VAL A 70  O TYR A 85  ? O TYR A 134 
D 2 3 N GLN A 91  ? N GLN A 140 O SER A 99  ? O SER A 148 
# 
_pdbx_validate_symm_contact.id                1 
_pdbx_validate_symm_contact.PDB_model_num     1 
_pdbx_validate_symm_contact.auth_atom_id_1    O 
_pdbx_validate_symm_contact.auth_asym_id_1    A 
_pdbx_validate_symm_contact.auth_comp_id_1    HOH 
_pdbx_validate_symm_contact.auth_seq_id_1     198 
_pdbx_validate_symm_contact.PDB_ins_code_1    ? 
_pdbx_validate_symm_contact.label_alt_id_1    ? 
_pdbx_validate_symm_contact.site_symmetry_1   1_555 
_pdbx_validate_symm_contact.auth_atom_id_2    O 
_pdbx_validate_symm_contact.auth_asym_id_2    A 
_pdbx_validate_symm_contact.auth_comp_id_2    HOH 
_pdbx_validate_symm_contact.auth_seq_id_2     198 
_pdbx_validate_symm_contact.PDB_ins_code_2    ? 
_pdbx_validate_symm_contact.label_alt_id_2    ? 
_pdbx_validate_symm_contact.site_symmetry_2   11_556 
_pdbx_validate_symm_contact.dist              2.12 
# 
loop_
_pdbx_validate_torsion.id 
_pdbx_validate_torsion.PDB_model_num 
_pdbx_validate_torsion.auth_comp_id 
_pdbx_validate_torsion.auth_asym_id 
_pdbx_validate_torsion.auth_seq_id 
_pdbx_validate_torsion.PDB_ins_code 
_pdbx_validate_torsion.label_alt_id 
_pdbx_validate_torsion.phi 
_pdbx_validate_torsion.psi 
1 1 LYS A 54  ? ? -68.69 6.95    
2 1 ASP A 73  ? ? -89.96 -143.67 
3 1 SER A 77  ? ? 99.20  123.30  
4 1 ALA A 144 ? ? 148.14 -29.18  
5 1 ALA A 181 ? ? 147.45 -41.04  
6 1 ARG A 185 ? ? 170.94 162.30  
# 
loop_
_chem_comp_atom.comp_id 
_chem_comp_atom.atom_id 
_chem_comp_atom.type_symbol 
_chem_comp_atom.pdbx_aromatic_flag 
_chem_comp_atom.pdbx_stereo_config 
_chem_comp_atom.pdbx_ordinal 
ALA N    N N N 1   
ALA CA   C N S 2   
ALA C    C N N 3   
ALA O    O N N 4   
ALA CB   C N N 5   
ALA OXT  O N N 6   
ALA H    H N N 7   
ALA H2   H N N 8   
ALA HA   H N N 9   
ALA HB1  H N N 10  
ALA HB2  H N N 11  
ALA HB3  H N N 12  
ALA HXT  H N N 13  
ARG N    N N N 14  
ARG CA   C N S 15  
ARG C    C N N 16  
ARG O    O N N 17  
ARG CB   C N N 18  
ARG CG   C N N 19  
ARG CD   C N N 20  
ARG NE   N N N 21  
ARG CZ   C N N 22  
ARG NH1  N N N 23  
ARG NH2  N N N 24  
ARG OXT  O N N 25  
ARG H    H N N 26  
ARG H2   H N N 27  
ARG HA   H N N 28  
ARG HB2  H N N 29  
ARG HB3  H N N 30  
ARG HG2  H N N 31  
ARG HG3  H N N 32  
ARG HD2  H N N 33  
ARG HD3  H N N 34  
ARG HE   H N N 35  
ARG HH11 H N N 36  
ARG HH12 H N N 37  
ARG HH21 H N N 38  
ARG HH22 H N N 39  
ARG HXT  H N N 40  
ASN N    N N N 41  
ASN CA   C N S 42  
ASN C    C N N 43  
ASN O    O N N 44  
ASN CB   C N N 45  
ASN CG   C N N 46  
ASN OD1  O N N 47  
ASN ND2  N N N 48  
ASN OXT  O N N 49  
ASN H    H N N 50  
ASN H2   H N N 51  
ASN HA   H N N 52  
ASN HB2  H N N 53  
ASN HB3  H N N 54  
ASN HD21 H N N 55  
ASN HD22 H N N 56  
ASN HXT  H N N 57  
ASP N    N N N 58  
ASP CA   C N S 59  
ASP C    C N N 60  
ASP O    O N N 61  
ASP CB   C N N 62  
ASP CG   C N N 63  
ASP OD1  O N N 64  
ASP OD2  O N N 65  
ASP OXT  O N N 66  
ASP H    H N N 67  
ASP H2   H N N 68  
ASP HA   H N N 69  
ASP HB2  H N N 70  
ASP HB3  H N N 71  
ASP HD2  H N N 72  
ASP HXT  H N N 73  
GLN N    N N N 74  
GLN CA   C N S 75  
GLN C    C N N 76  
GLN O    O N N 77  
GLN CB   C N N 78  
GLN CG   C N N 79  
GLN CD   C N N 80  
GLN OE1  O N N 81  
GLN NE2  N N N 82  
GLN OXT  O N N 83  
GLN H    H N N 84  
GLN H2   H N N 85  
GLN HA   H N N 86  
GLN HB2  H N N 87  
GLN HB3  H N N 88  
GLN HG2  H N N 89  
GLN HG3  H N N 90  
GLN HE21 H N N 91  
GLN HE22 H N N 92  
GLN HXT  H N N 93  
GLU N    N N N 94  
GLU CA   C N S 95  
GLU C    C N N 96  
GLU O    O N N 97  
GLU CB   C N N 98  
GLU CG   C N N 99  
GLU CD   C N N 100 
GLU OE1  O N N 101 
GLU OE2  O N N 102 
GLU OXT  O N N 103 
GLU H    H N N 104 
GLU H2   H N N 105 
GLU HA   H N N 106 
GLU HB2  H N N 107 
GLU HB3  H N N 108 
GLU HG2  H N N 109 
GLU HG3  H N N 110 
GLU HE2  H N N 111 
GLU HXT  H N N 112 
GLY N    N N N 113 
GLY CA   C N N 114 
GLY C    C N N 115 
GLY O    O N N 116 
GLY OXT  O N N 117 
GLY H    H N N 118 
GLY H2   H N N 119 
GLY HA2  H N N 120 
GLY HA3  H N N 121 
GLY HXT  H N N 122 
HIS N    N N N 123 
HIS CA   C N S 124 
HIS C    C N N 125 
HIS O    O N N 126 
HIS CB   C N N 127 
HIS CG   C Y N 128 
HIS ND1  N Y N 129 
HIS CD2  C Y N 130 
HIS CE1  C Y N 131 
HIS NE2  N Y N 132 
HIS OXT  O N N 133 
HIS H    H N N 134 
HIS H2   H N N 135 
HIS HA   H N N 136 
HIS HB2  H N N 137 
HIS HB3  H N N 138 
HIS HD1  H N N 139 
HIS HD2  H N N 140 
HIS HE1  H N N 141 
HIS HE2  H N N 142 
HIS HXT  H N N 143 
HOH O    O N N 144 
HOH H1   H N N 145 
HOH H2   H N N 146 
ILE N    N N N 147 
ILE CA   C N S 148 
ILE C    C N N 149 
ILE O    O N N 150 
ILE CB   C N S 151 
ILE CG1  C N N 152 
ILE CG2  C N N 153 
ILE CD1  C N N 154 
ILE OXT  O N N 155 
ILE H    H N N 156 
ILE H2   H N N 157 
ILE HA   H N N 158 
ILE HB   H N N 159 
ILE HG12 H N N 160 
ILE HG13 H N N 161 
ILE HG21 H N N 162 
ILE HG22 H N N 163 
ILE HG23 H N N 164 
ILE HD11 H N N 165 
ILE HD12 H N N 166 
ILE HD13 H N N 167 
ILE HXT  H N N 168 
LEU N    N N N 169 
LEU CA   C N S 170 
LEU C    C N N 171 
LEU O    O N N 172 
LEU CB   C N N 173 
LEU CG   C N N 174 
LEU CD1  C N N 175 
LEU CD2  C N N 176 
LEU OXT  O N N 177 
LEU H    H N N 178 
LEU H2   H N N 179 
LEU HA   H N N 180 
LEU HB2  H N N 181 
LEU HB3  H N N 182 
LEU HG   H N N 183 
LEU HD11 H N N 184 
LEU HD12 H N N 185 
LEU HD13 H N N 186 
LEU HD21 H N N 187 
LEU HD22 H N N 188 
LEU HD23 H N N 189 
LEU HXT  H N N 190 
LYS N    N N N 191 
LYS CA   C N S 192 
LYS C    C N N 193 
LYS O    O N N 194 
LYS CB   C N N 195 
LYS CG   C N N 196 
LYS CD   C N N 197 
LYS CE   C N N 198 
LYS NZ   N N N 199 
LYS OXT  O N N 200 
LYS H    H N N 201 
LYS H2   H N N 202 
LYS HA   H N N 203 
LYS HB2  H N N 204 
LYS HB3  H N N 205 
LYS HG2  H N N 206 
LYS HG3  H N N 207 
LYS HD2  H N N 208 
LYS HD3  H N N 209 
LYS HE2  H N N 210 
LYS HE3  H N N 211 
LYS HZ1  H N N 212 
LYS HZ2  H N N 213 
LYS HZ3  H N N 214 
LYS HXT  H N N 215 
MET N    N N N 216 
MET CA   C N S 217 
MET C    C N N 218 
MET O    O N N 219 
MET CB   C N N 220 
MET CG   C N N 221 
MET SD   S N N 222 
MET CE   C N N 223 
MET OXT  O N N 224 
MET H    H N N 225 
MET H2   H N N 226 
MET HA   H N N 227 
MET HB2  H N N 228 
MET HB3  H N N 229 
MET HG2  H N N 230 
MET HG3  H N N 231 
MET HE1  H N N 232 
MET HE2  H N N 233 
MET HE3  H N N 234 
MET HXT  H N N 235 
PHE N    N N N 236 
PHE CA   C N S 237 
PHE C    C N N 238 
PHE O    O N N 239 
PHE CB   C N N 240 
PHE CG   C Y N 241 
PHE CD1  C Y N 242 
PHE CD2  C Y N 243 
PHE CE1  C Y N 244 
PHE CE2  C Y N 245 
PHE CZ   C Y N 246 
PHE OXT  O N N 247 
PHE H    H N N 248 
PHE H2   H N N 249 
PHE HA   H N N 250 
PHE HB2  H N N 251 
PHE HB3  H N N 252 
PHE HD1  H N N 253 
PHE HD2  H N N 254 
PHE HE1  H N N 255 
PHE HE2  H N N 256 
PHE HZ   H N N 257 
PHE HXT  H N N 258 
PRO N    N N N 259 
PRO CA   C N S 260 
PRO C    C N N 261 
PRO O    O N N 262 
PRO CB   C N N 263 
PRO CG   C N N 264 
PRO CD   C N N 265 
PRO OXT  O N N 266 
PRO H    H N N 267 
PRO HA   H N N 268 
PRO HB2  H N N 269 
PRO HB3  H N N 270 
PRO HG2  H N N 271 
PRO HG3  H N N 272 
PRO HD2  H N N 273 
PRO HD3  H N N 274 
PRO HXT  H N N 275 
SER N    N N N 276 
SER CA   C N S 277 
SER C    C N N 278 
SER O    O N N 279 
SER CB   C N N 280 
SER OG   O N N 281 
SER OXT  O N N 282 
SER H    H N N 283 
SER H2   H N N 284 
SER HA   H N N 285 
SER HB2  H N N 286 
SER HB3  H N N 287 
SER HG   H N N 288 
SER HXT  H N N 289 
THR N    N N N 290 
THR CA   C N S 291 
THR C    C N N 292 
THR O    O N N 293 
THR CB   C N R 294 
THR OG1  O N N 295 
THR CG2  C N N 296 
THR OXT  O N N 297 
THR H    H N N 298 
THR H2   H N N 299 
THR HA   H N N 300 
THR HB   H N N 301 
THR HG1  H N N 302 
THR HG21 H N N 303 
THR HG22 H N N 304 
THR HG23 H N N 305 
THR HXT  H N N 306 
TRP N    N N N 307 
TRP CA   C N S 308 
TRP C    C N N 309 
TRP O    O N N 310 
TRP CB   C N N 311 
TRP CG   C Y N 312 
TRP CD1  C Y N 313 
TRP CD2  C Y N 314 
TRP NE1  N Y N 315 
TRP CE2  C Y N 316 
TRP CE3  C Y N 317 
TRP CZ2  C Y N 318 
TRP CZ3  C Y N 319 
TRP CH2  C Y N 320 
TRP OXT  O N N 321 
TRP H    H N N 322 
TRP H2   H N N 323 
TRP HA   H N N 324 
TRP HB2  H N N 325 
TRP HB3  H N N 326 
TRP HD1  H N N 327 
TRP HE1  H N N 328 
TRP HE3  H N N 329 
TRP HZ2  H N N 330 
TRP HZ3  H N N 331 
TRP HH2  H N N 332 
TRP HXT  H N N 333 
TYR N    N N N 334 
TYR CA   C N S 335 
TYR C    C N N 336 
TYR O    O N N 337 
TYR CB   C N N 338 
TYR CG   C Y N 339 
TYR CD1  C Y N 340 
TYR CD2  C Y N 341 
TYR CE1  C Y N 342 
TYR CE2  C Y N 343 
TYR CZ   C Y N 344 
TYR OH   O N N 345 
TYR OXT  O N N 346 
TYR H    H N N 347 
TYR H2   H N N 348 
TYR HA   H N N 349 
TYR HB2  H N N 350 
TYR HB3  H N N 351 
TYR HD1  H N N 352 
TYR HD2  H N N 353 
TYR HE1  H N N 354 
TYR HE2  H N N 355 
TYR HH   H N N 356 
TYR HXT  H N N 357 
VAL N    N N N 358 
VAL CA   C N S 359 
VAL C    C N N 360 
VAL O    O N N 361 
VAL CB   C N N 362 
VAL CG1  C N N 363 
VAL CG2  C N N 364 
VAL OXT  O N N 365 
VAL H    H N N 366 
VAL H2   H N N 367 
VAL HA   H N N 368 
VAL HB   H N N 369 
VAL HG11 H N N 370 
VAL HG12 H N N 371 
VAL HG13 H N N 372 
VAL HG21 H N N 373 
VAL HG22 H N N 374 
VAL HG23 H N N 375 
VAL HXT  H N N 376 
# 
loop_
_chem_comp_bond.comp_id 
_chem_comp_bond.atom_id_1 
_chem_comp_bond.atom_id_2 
_chem_comp_bond.value_order 
_chem_comp_bond.pdbx_aromatic_flag 
_chem_comp_bond.pdbx_stereo_config 
_chem_comp_bond.pdbx_ordinal 
ALA N   CA   sing N N 1   
ALA N   H    sing N N 2   
ALA N   H2   sing N N 3   
ALA CA  C    sing N N 4   
ALA CA  CB   sing N N 5   
ALA CA  HA   sing N N 6   
ALA C   O    doub N N 7   
ALA C   OXT  sing N N 8   
ALA CB  HB1  sing N N 9   
ALA CB  HB2  sing N N 10  
ALA CB  HB3  sing N N 11  
ALA OXT HXT  sing N N 12  
ARG N   CA   sing N N 13  
ARG N   H    sing N N 14  
ARG N   H2   sing N N 15  
ARG CA  C    sing N N 16  
ARG CA  CB   sing N N 17  
ARG CA  HA   sing N N 18  
ARG C   O    doub N N 19  
ARG C   OXT  sing N N 20  
ARG CB  CG   sing N N 21  
ARG CB  HB2  sing N N 22  
ARG CB  HB3  sing N N 23  
ARG CG  CD   sing N N 24  
ARG CG  HG2  sing N N 25  
ARG CG  HG3  sing N N 26  
ARG CD  NE   sing N N 27  
ARG CD  HD2  sing N N 28  
ARG CD  HD3  sing N N 29  
ARG NE  CZ   sing N N 30  
ARG NE  HE   sing N N 31  
ARG CZ  NH1  sing N N 32  
ARG CZ  NH2  doub N N 33  
ARG NH1 HH11 sing N N 34  
ARG NH1 HH12 sing N N 35  
ARG NH2 HH21 sing N N 36  
ARG NH2 HH22 sing N N 37  
ARG OXT HXT  sing N N 38  
ASN N   CA   sing N N 39  
ASN N   H    sing N N 40  
ASN N   H2   sing N N 41  
ASN CA  C    sing N N 42  
ASN CA  CB   sing N N 43  
ASN CA  HA   sing N N 44  
ASN C   O    doub N N 45  
ASN C   OXT  sing N N 46  
ASN CB  CG   sing N N 47  
ASN CB  HB2  sing N N 48  
ASN CB  HB3  sing N N 49  
ASN CG  OD1  doub N N 50  
ASN CG  ND2  sing N N 51  
ASN ND2 HD21 sing N N 52  
ASN ND2 HD22 sing N N 53  
ASN OXT HXT  sing N N 54  
ASP N   CA   sing N N 55  
ASP N   H    sing N N 56  
ASP N   H2   sing N N 57  
ASP CA  C    sing N N 58  
ASP CA  CB   sing N N 59  
ASP CA  HA   sing N N 60  
ASP C   O    doub N N 61  
ASP C   OXT  sing N N 62  
ASP CB  CG   sing N N 63  
ASP CB  HB2  sing N N 64  
ASP CB  HB3  sing N N 65  
ASP CG  OD1  doub N N 66  
ASP CG  OD2  sing N N 67  
ASP OD2 HD2  sing N N 68  
ASP OXT HXT  sing N N 69  
GLN N   CA   sing N N 70  
GLN N   H    sing N N 71  
GLN N   H2   sing N N 72  
GLN CA  C    sing N N 73  
GLN CA  CB   sing N N 74  
GLN CA  HA   sing N N 75  
GLN C   O    doub N N 76  
GLN C   OXT  sing N N 77  
GLN CB  CG   sing N N 78  
GLN CB  HB2  sing N N 79  
GLN CB  HB3  sing N N 80  
GLN CG  CD   sing N N 81  
GLN CG  HG2  sing N N 82  
GLN CG  HG3  sing N N 83  
GLN CD  OE1  doub N N 84  
GLN CD  NE2  sing N N 85  
GLN NE2 HE21 sing N N 86  
GLN NE2 HE22 sing N N 87  
GLN OXT HXT  sing N N 88  
GLU N   CA   sing N N 89  
GLU N   H    sing N N 90  
GLU N   H2   sing N N 91  
GLU CA  C    sing N N 92  
GLU CA  CB   sing N N 93  
GLU CA  HA   sing N N 94  
GLU C   O    doub N N 95  
GLU C   OXT  sing N N 96  
GLU CB  CG   sing N N 97  
GLU CB  HB2  sing N N 98  
GLU CB  HB3  sing N N 99  
GLU CG  CD   sing N N 100 
GLU CG  HG2  sing N N 101 
GLU CG  HG3  sing N N 102 
GLU CD  OE1  doub N N 103 
GLU CD  OE2  sing N N 104 
GLU OE2 HE2  sing N N 105 
GLU OXT HXT  sing N N 106 
GLY N   CA   sing N N 107 
GLY N   H    sing N N 108 
GLY N   H2   sing N N 109 
GLY CA  C    sing N N 110 
GLY CA  HA2  sing N N 111 
GLY CA  HA3  sing N N 112 
GLY C   O    doub N N 113 
GLY C   OXT  sing N N 114 
GLY OXT HXT  sing N N 115 
HIS N   CA   sing N N 116 
HIS N   H    sing N N 117 
HIS N   H2   sing N N 118 
HIS CA  C    sing N N 119 
HIS CA  CB   sing N N 120 
HIS CA  HA   sing N N 121 
HIS C   O    doub N N 122 
HIS C   OXT  sing N N 123 
HIS CB  CG   sing N N 124 
HIS CB  HB2  sing N N 125 
HIS CB  HB3  sing N N 126 
HIS CG  ND1  sing Y N 127 
HIS CG  CD2  doub Y N 128 
HIS ND1 CE1  doub Y N 129 
HIS ND1 HD1  sing N N 130 
HIS CD2 NE2  sing Y N 131 
HIS CD2 HD2  sing N N 132 
HIS CE1 NE2  sing Y N 133 
HIS CE1 HE1  sing N N 134 
HIS NE2 HE2  sing N N 135 
HIS OXT HXT  sing N N 136 
HOH O   H1   sing N N 137 
HOH O   H2   sing N N 138 
ILE N   CA   sing N N 139 
ILE N   H    sing N N 140 
ILE N   H2   sing N N 141 
ILE CA  C    sing N N 142 
ILE CA  CB   sing N N 143 
ILE CA  HA   sing N N 144 
ILE C   O    doub N N 145 
ILE C   OXT  sing N N 146 
ILE CB  CG1  sing N N 147 
ILE CB  CG2  sing N N 148 
ILE CB  HB   sing N N 149 
ILE CG1 CD1  sing N N 150 
ILE CG1 HG12 sing N N 151 
ILE CG1 HG13 sing N N 152 
ILE CG2 HG21 sing N N 153 
ILE CG2 HG22 sing N N 154 
ILE CG2 HG23 sing N N 155 
ILE CD1 HD11 sing N N 156 
ILE CD1 HD12 sing N N 157 
ILE CD1 HD13 sing N N 158 
ILE OXT HXT  sing N N 159 
LEU N   CA   sing N N 160 
LEU N   H    sing N N 161 
LEU N   H2   sing N N 162 
LEU CA  C    sing N N 163 
LEU CA  CB   sing N N 164 
LEU CA  HA   sing N N 165 
LEU C   O    doub N N 166 
LEU C   OXT  sing N N 167 
LEU CB  CG   sing N N 168 
LEU CB  HB2  sing N N 169 
LEU CB  HB3  sing N N 170 
LEU CG  CD1  sing N N 171 
LEU CG  CD2  sing N N 172 
LEU CG  HG   sing N N 173 
LEU CD1 HD11 sing N N 174 
LEU CD1 HD12 sing N N 175 
LEU CD1 HD13 sing N N 176 
LEU CD2 HD21 sing N N 177 
LEU CD2 HD22 sing N N 178 
LEU CD2 HD23 sing N N 179 
LEU OXT HXT  sing N N 180 
LYS N   CA   sing N N 181 
LYS N   H    sing N N 182 
LYS N   H2   sing N N 183 
LYS CA  C    sing N N 184 
LYS CA  CB   sing N N 185 
LYS CA  HA   sing N N 186 
LYS C   O    doub N N 187 
LYS C   OXT  sing N N 188 
LYS CB  CG   sing N N 189 
LYS CB  HB2  sing N N 190 
LYS CB  HB3  sing N N 191 
LYS CG  CD   sing N N 192 
LYS CG  HG2  sing N N 193 
LYS CG  HG3  sing N N 194 
LYS CD  CE   sing N N 195 
LYS CD  HD2  sing N N 196 
LYS CD  HD3  sing N N 197 
LYS CE  NZ   sing N N 198 
LYS CE  HE2  sing N N 199 
LYS CE  HE3  sing N N 200 
LYS NZ  HZ1  sing N N 201 
LYS NZ  HZ2  sing N N 202 
LYS NZ  HZ3  sing N N 203 
LYS OXT HXT  sing N N 204 
MET N   CA   sing N N 205 
MET N   H    sing N N 206 
MET N   H2   sing N N 207 
MET CA  C    sing N N 208 
MET CA  CB   sing N N 209 
MET CA  HA   sing N N 210 
MET C   O    doub N N 211 
MET C   OXT  sing N N 212 
MET CB  CG   sing N N 213 
MET CB  HB2  sing N N 214 
MET CB  HB3  sing N N 215 
MET CG  SD   sing N N 216 
MET CG  HG2  sing N N 217 
MET CG  HG3  sing N N 218 
MET SD  CE   sing N N 219 
MET CE  HE1  sing N N 220 
MET CE  HE2  sing N N 221 
MET CE  HE3  sing N N 222 
MET OXT HXT  sing N N 223 
PHE N   CA   sing N N 224 
PHE N   H    sing N N 225 
PHE N   H2   sing N N 226 
PHE CA  C    sing N N 227 
PHE CA  CB   sing N N 228 
PHE CA  HA   sing N N 229 
PHE C   O    doub N N 230 
PHE C   OXT  sing N N 231 
PHE CB  CG   sing N N 232 
PHE CB  HB2  sing N N 233 
PHE CB  HB3  sing N N 234 
PHE CG  CD1  doub Y N 235 
PHE CG  CD2  sing Y N 236 
PHE CD1 CE1  sing Y N 237 
PHE CD1 HD1  sing N N 238 
PHE CD2 CE2  doub Y N 239 
PHE CD2 HD2  sing N N 240 
PHE CE1 CZ   doub Y N 241 
PHE CE1 HE1  sing N N 242 
PHE CE2 CZ   sing Y N 243 
PHE CE2 HE2  sing N N 244 
PHE CZ  HZ   sing N N 245 
PHE OXT HXT  sing N N 246 
PRO N   CA   sing N N 247 
PRO N   CD   sing N N 248 
PRO N   H    sing N N 249 
PRO CA  C    sing N N 250 
PRO CA  CB   sing N N 251 
PRO CA  HA   sing N N 252 
PRO C   O    doub N N 253 
PRO C   OXT  sing N N 254 
PRO CB  CG   sing N N 255 
PRO CB  HB2  sing N N 256 
PRO CB  HB3  sing N N 257 
PRO CG  CD   sing N N 258 
PRO CG  HG2  sing N N 259 
PRO CG  HG3  sing N N 260 
PRO CD  HD2  sing N N 261 
PRO CD  HD3  sing N N 262 
PRO OXT HXT  sing N N 263 
SER N   CA   sing N N 264 
SER N   H    sing N N 265 
SER N   H2   sing N N 266 
SER CA  C    sing N N 267 
SER CA  CB   sing N N 268 
SER CA  HA   sing N N 269 
SER C   O    doub N N 270 
SER C   OXT  sing N N 271 
SER CB  OG   sing N N 272 
SER CB  HB2  sing N N 273 
SER CB  HB3  sing N N 274 
SER OG  HG   sing N N 275 
SER OXT HXT  sing N N 276 
THR N   CA   sing N N 277 
THR N   H    sing N N 278 
THR N   H2   sing N N 279 
THR CA  C    sing N N 280 
THR CA  CB   sing N N 281 
THR CA  HA   sing N N 282 
THR C   O    doub N N 283 
THR C   OXT  sing N N 284 
THR CB  OG1  sing N N 285 
THR CB  CG2  sing N N 286 
THR CB  HB   sing N N 287 
THR OG1 HG1  sing N N 288 
THR CG2 HG21 sing N N 289 
THR CG2 HG22 sing N N 290 
THR CG2 HG23 sing N N 291 
THR OXT HXT  sing N N 292 
TRP N   CA   sing N N 293 
TRP N   H    sing N N 294 
TRP N   H2   sing N N 295 
TRP CA  C    sing N N 296 
TRP CA  CB   sing N N 297 
TRP CA  HA   sing N N 298 
TRP C   O    doub N N 299 
TRP C   OXT  sing N N 300 
TRP CB  CG   sing N N 301 
TRP CB  HB2  sing N N 302 
TRP CB  HB3  sing N N 303 
TRP CG  CD1  doub Y N 304 
TRP CG  CD2  sing Y N 305 
TRP CD1 NE1  sing Y N 306 
TRP CD1 HD1  sing N N 307 
TRP CD2 CE2  doub Y N 308 
TRP CD2 CE3  sing Y N 309 
TRP NE1 CE2  sing Y N 310 
TRP NE1 HE1  sing N N 311 
TRP CE2 CZ2  sing Y N 312 
TRP CE3 CZ3  doub Y N 313 
TRP CE3 HE3  sing N N 314 
TRP CZ2 CH2  doub Y N 315 
TRP CZ2 HZ2  sing N N 316 
TRP CZ3 CH2  sing Y N 317 
TRP CZ3 HZ3  sing N N 318 
TRP CH2 HH2  sing N N 319 
TRP OXT HXT  sing N N 320 
TYR N   CA   sing N N 321 
TYR N   H    sing N N 322 
TYR N   H2   sing N N 323 
TYR CA  C    sing N N 324 
TYR CA  CB   sing N N 325 
TYR CA  HA   sing N N 326 
TYR C   O    doub N N 327 
TYR C   OXT  sing N N 328 
TYR CB  CG   sing N N 329 
TYR CB  HB2  sing N N 330 
TYR CB  HB3  sing N N 331 
TYR CG  CD1  doub Y N 332 
TYR CG  CD2  sing Y N 333 
TYR CD1 CE1  sing Y N 334 
TYR CD1 HD1  sing N N 335 
TYR CD2 CE2  doub Y N 336 
TYR CD2 HD2  sing N N 337 
TYR CE1 CZ   doub Y N 338 
TYR CE1 HE1  sing N N 339 
TYR CE2 CZ   sing Y N 340 
TYR CE2 HE2  sing N N 341 
TYR CZ  OH   sing N N 342 
TYR OH  HH   sing N N 343 
TYR OXT HXT  sing N N 344 
VAL N   CA   sing N N 345 
VAL N   H    sing N N 346 
VAL N   H2   sing N N 347 
VAL CA  C    sing N N 348 
VAL CA  CB   sing N N 349 
VAL CA  HA   sing N N 350 
VAL C   O    doub N N 351 
VAL C   OXT  sing N N 352 
VAL CB  CG1  sing N N 353 
VAL CB  CG2  sing N N 354 
VAL CB  HB   sing N N 355 
VAL CG1 HG11 sing N N 356 
VAL CG1 HG12 sing N N 357 
VAL CG1 HG13 sing N N 358 
VAL CG2 HG21 sing N N 359 
VAL CG2 HG22 sing N N 360 
VAL CG2 HG23 sing N N 361 
VAL OXT HXT  sing N N 362 
# 
_atom_sites.entry_id                    3C12 
_atom_sites.fract_transf_matrix[1][1]   0.00634432 
_atom_sites.fract_transf_matrix[1][2]   0.00687153 
_atom_sites.fract_transf_matrix[1][3]   0.00322723 
_atom_sites.fract_transf_matrix[2][1]   -0.00337914 
_atom_sites.fract_transf_matrix[2][2]   0.00808630 
_atom_sites.fract_transf_matrix[2][3]   0.00459178 
_atom_sites.fract_transf_matrix[3][1]   0.00089619 
_atom_sites.fract_transf_matrix[3][2]   -0.00657619 
_atom_sites.fract_transf_matrix[3][3]   0.01224044 
_atom_sites.fract_transf_vector[1]      0.255392 
_atom_sites.fract_transf_vector[2]      0.474916 
_atom_sites.fract_transf_vector[3]      0.629314 
# 
loop_
_atom_type.symbol 
C 
N 
O 
S 
# 
loop_
_atom_site.group_PDB 
_atom_site.id 
_atom_site.type_symbol 
_atom_site.label_atom_id 
_atom_site.label_alt_id 
_atom_site.label_comp_id 
_atom_site.label_asym_id 
_atom_site.label_entity_id 
_atom_site.label_seq_id 
_atom_site.pdbx_PDB_ins_code 
_atom_site.Cartn_x 
_atom_site.Cartn_y 
_atom_site.Cartn_z 
_atom_site.occupancy 
_atom_site.B_iso_or_equiv 
_atom_site.pdbx_formal_charge 
_atom_site.auth_seq_id 
_atom_site.auth_comp_id 
_atom_site.auth_asym_id 
_atom_site.auth_atom_id 
_atom_site.pdbx_PDB_model_num 
ATOM   1   N N   . ASP A 1 1   ? 17.102  -23.525 -3.948  1.00 87.05 ? 50  ASP A N   1 
ATOM   2   C CA  . ASP A 1 1   ? 15.595  -23.532 -4.133  1.00 88.53 ? 50  ASP A CA  1 
ATOM   3   C C   . ASP A 1 1   ? 15.243  -22.303 -4.964  1.00 88.15 ? 50  ASP A C   1 
ATOM   4   O O   . ASP A 1 1   ? 16.073  -21.373 -5.085  1.00 87.99 ? 50  ASP A O   1 
ATOM   5   C CB  . ASP A 1 1   ? 14.901  -23.400 -2.766  1.00 88.75 ? 50  ASP A CB  1 
ATOM   6   C CG  . ASP A 1 1   ? 15.560  -22.300 -1.899  1.00 90.01 ? 50  ASP A CG  1 
ATOM   7   O OD1 . ASP A 1 1   ? 16.086  -21.296 -2.512  1.00 90.52 ? 50  ASP A OD1 1 
ATOM   8   O OD2 . ASP A 1 1   ? 15.552  -22.429 -0.625  1.00 89.38 ? 50  ASP A OD2 1 
ATOM   9   N N   . GLN A 1 2   ? 14.037  -22.274 -5.537  1.00 87.98 ? 51  GLN A N   1 
ATOM   10  C CA  . GLN A 1 2   ? 13.642  -21.081 -6.300  1.00 87.59 ? 51  GLN A CA  1 
ATOM   11  C C   . GLN A 1 2   ? 13.386  -19.990 -5.252  1.00 86.06 ? 51  GLN A C   1 
ATOM   12  O O   . GLN A 1 2   ? 13.128  -18.814 -5.594  1.00 86.59 ? 51  GLN A O   1 
ATOM   13  C CB  . GLN A 1 2   ? 12.382  -21.323 -7.142  1.00 90.22 ? 51  GLN A CB  1 
ATOM   14  C CG  . GLN A 1 2   ? 11.760  -20.014 -7.696  1.00 93.31 ? 51  GLN A CG  1 
ATOM   15  C CD  . GLN A 1 2   ? 10.439  -19.586 -6.949  1.00 95.50 ? 51  GLN A CD  1 
ATOM   16  O OE1 . GLN A 1 2   ? 9.315   -20.055 -7.306  1.00 95.95 ? 51  GLN A OE1 1 
ATOM   17  N NE2 . GLN A 1 2   ? 10.577  -18.697 -5.912  1.00 95.28 ? 51  GLN A NE2 1 
ATOM   18  N N   . VAL A 1 3   ? 13.476  -20.380 -3.968  1.00 83.99 ? 52  VAL A N   1 
ATOM   19  C CA  . VAL A 1 3   ? 13.300  -19.401 -2.892  1.00 81.60 ? 52  VAL A CA  1 
ATOM   20  C C   . VAL A 1 3   ? 14.463  -18.451 -3.146  1.00 80.53 ? 52  VAL A C   1 
ATOM   21  O O   . VAL A 1 3   ? 14.662  -17.447 -2.447  1.00 81.52 ? 52  VAL A O   1 
ATOM   22  C CB  . VAL A 1 3   ? 13.420  -20.029 -1.461  1.00 82.55 ? 52  VAL A CB  1 
ATOM   23  C CG1 . VAL A 1 3   ? 13.124  -18.953 -0.376  1.00 80.09 ? 52  VAL A CG1 1 
ATOM   24  C CG2 . VAL A 1 3   ? 12.434  -21.213 -1.319  1.00 81.83 ? 52  VAL A CG2 1 
ATOM   25  N N   . LEU A 1 4   ? 15.230  -18.803 -4.178  1.00 77.94 ? 53  LEU A N   1 
ATOM   26  C CA  . LEU A 1 4   ? 16.358  -18.016 -4.624  1.00 75.87 ? 53  LEU A CA  1 
ATOM   27  C C   . LEU A 1 4   ? 16.013  -17.400 -5.970  1.00 73.66 ? 53  LEU A C   1 
ATOM   28  O O   . LEU A 1 4   ? 16.282  -16.217 -6.214  1.00 73.47 ? 53  LEU A O   1 
ATOM   29  C CB  . LEU A 1 4   ? 17.595  -18.897 -4.779  1.00 75.76 ? 53  LEU A CB  1 
ATOM   30  C CG  . LEU A 1 4   ? 18.833  -18.104 -4.341  1.00 73.52 ? 53  LEU A CG  1 
ATOM   31  C CD1 . LEU A 1 4   ? 18.944  -16.817 -5.193  1.00 73.38 ? 53  LEU A CD1 1 
ATOM   32  C CD2 . LEU A 1 4   ? 18.708  -17.783 -2.817  1.00 74.06 ? 53  LEU A CD2 1 
ATOM   33  N N   . LYS A 1 5   ? 15.417  -18.205 -6.846  1.00 71.62 ? 54  LYS A N   1 
ATOM   34  C CA  . LYS A 1 5   ? 15.038  -17.703 -8.175  1.00 71.51 ? 54  LYS A CA  1 
ATOM   35  C C   . LYS A 1 5   ? 13.895  -16.681 -8.089  1.00 70.60 ? 54  LYS A C   1 
ATOM   36  O O   . LYS A 1 5   ? 13.354  -16.246 -9.112  1.00 70.03 ? 54  LYS A O   1 
ATOM   37  C CB  . LYS A 1 5   ? 14.667  -18.866 -9.103  1.00 72.13 ? 54  LYS A CB  1 
ATOM   38  C CG  . LYS A 1 5   ? 15.371  -20.206 -8.752  1.00 71.61 ? 54  LYS A CG  1 
ATOM   39  C CD  . LYS A 1 5   ? 16.853  -20.020 -8.466  1.00 70.87 ? 54  LYS A CD  1 
ATOM   40  C CE  . LYS A 1 5   ? 17.459  -19.050 -9.494  1.00 71.56 ? 54  LYS A CE  1 
ATOM   41  N NZ  . LYS A 1 5   ? 17.113  -19.525 -10.875 1.00 71.78 ? 54  LYS A NZ  1 
ATOM   42  N N   . GLY A 1 6   ? 13.536  -16.308 -6.854  1.00 70.96 ? 55  GLY A N   1 
ATOM   43  C CA  . GLY A 1 6   ? 12.539  -15.274 -6.634  1.00 68.83 ? 55  GLY A CA  1 
ATOM   44  C C   . GLY A 1 6   ? 13.329  -13.980 -6.830  1.00 67.62 ? 55  GLY A C   1 
ATOM   45  O O   . GLY A 1 6   ? 13.165  -12.985 -6.129  1.00 67.09 ? 55  GLY A O   1 
ATOM   46  N N   . ALA A 1 7   ? 14.243  -14.038 -7.792  1.00 65.81 ? 56  ALA A N   1 
ATOM   47  C CA  . ALA A 1 7   ? 15.101  -12.930 -8.169  1.00 62.93 ? 56  ALA A CA  1 
ATOM   48  C C   . ALA A 1 7   ? 14.469  -12.389 -9.430  1.00 62.52 ? 56  ALA A C   1 
ATOM   49  O O   . ALA A 1 7   ? 14.867  -11.358 -9.968  1.00 60.68 ? 56  ALA A O   1 
ATOM   50  C CB  . ALA A 1 7   ? 16.485  -13.441 -8.467  1.00 61.83 ? 56  ALA A CB  1 
ATOM   51  N N   . ALA A 1 8   ? 13.479  -13.132 -9.904  1.00 63.06 ? 57  ALA A N   1 
ATOM   52  C CA  . ALA A 1 8   ? 12.733  -12.768 -11.093 1.00 63.66 ? 57  ALA A CA  1 
ATOM   53  C C   . ALA A 1 8   ? 11.776  -11.645 -10.717 1.00 63.54 ? 57  ALA A C   1 
ATOM   54  O O   . ALA A 1 8   ? 11.101  -11.071 -11.568 1.00 64.20 ? 57  ALA A O   1 
ATOM   55  C CB  . ALA A 1 8   ? 11.960  -13.961 -11.591 1.00 63.94 ? 57  ALA A CB  1 
ATOM   56  N N   . LEU A 1 9   ? 11.713  -11.347 -9.425  1.00 62.97 ? 58  LEU A N   1 
ATOM   57  C CA  . LEU A 1 9   ? 10.856  -10.286 -8.944  1.00 62.61 ? 58  LEU A CA  1 
ATOM   58  C C   . LEU A 1 9   ? 11.500  -8.941  -9.246  1.00 63.51 ? 58  LEU A C   1 
ATOM   59  O O   . LEU A 1 9   ? 10.817  -7.928  -9.394  1.00 62.85 ? 58  LEU A O   1 
ATOM   60  C CB  . LEU A 1 9   ? 10.637  -10.433 -7.446  1.00 60.88 ? 58  LEU A CB  1 
ATOM   61  C CG  . LEU A 1 9   ? 9.823   -11.651 -7.028  1.00 59.83 ? 58  LEU A CG  1 
ATOM   62  C CD1 . LEU A 1 9   ? 9.815   -11.772 -5.521  1.00 58.96 ? 58  LEU A CD1 1 
ATOM   63  C CD2 . LEU A 1 9   ? 8.418   -11.511 -7.568  1.00 57.94 ? 58  LEU A CD2 1 
ATOM   64  N N   . VAL A 1 10  ? 12.823  -8.934  -9.347  1.00 64.72 ? 59  VAL A N   1 
ATOM   65  C CA  . VAL A 1 10  ? 13.534  -7.695  -9.629  1.00 66.32 ? 59  VAL A CA  1 
ATOM   66  C C   . VAL A 1 10  ? 13.004  -7.074  -10.920 1.00 66.47 ? 59  VAL A C   1 
ATOM   67  O O   . VAL A 1 10  ? 12.876  -7.752  -11.940 1.00 66.81 ? 59  VAL A O   1 
ATOM   68  C CB  . VAL A 1 10  ? 15.058  -7.937  -9.764  1.00 67.60 ? 59  VAL A CB  1 
ATOM   69  C CG1 . VAL A 1 10  ? 15.791  -6.602  -9.853  1.00 67.92 ? 59  VAL A CG1 1 
ATOM   70  C CG2 . VAL A 1 10  ? 15.565  -8.746  -8.579  1.00 69.35 ? 59  VAL A CG2 1 
ATOM   71  N N   . GLY A 1 11  ? 12.680  -5.786  -10.865 1.00 66.43 ? 60  GLY A N   1 
ATOM   72  C CA  . GLY A 1 11  ? 12.168  -5.111  -12.045 1.00 66.06 ? 60  GLY A CA  1 
ATOM   73  C C   . GLY A 1 11  ? 10.651  -5.064  -12.124 1.00 65.93 ? 60  GLY A C   1 
ATOM   74  O O   . GLY A 1 11  ? 10.082  -4.293  -12.894 1.00 66.21 ? 60  GLY A O   1 
ATOM   75  N N   . HIS A 1 12  ? 9.992   -5.890  -11.323 1.00 66.13 ? 61  HIS A N   1 
ATOM   76  C CA  . HIS A 1 12  ? 8.539   -5.931  -11.318 1.00 66.44 ? 61  HIS A CA  1 
ATOM   77  C C   . HIS A 1 12  ? 7.960   -5.251  -10.080 1.00 65.15 ? 61  HIS A C   1 
ATOM   78  O O   . HIS A 1 12  ? 8.701   -4.692  -9.265  1.00 64.34 ? 61  HIS A O   1 
ATOM   79  C CB  . HIS A 1 12  ? 8.067   -7.382  -11.397 1.00 68.71 ? 61  HIS A CB  1 
ATOM   80  C CG  . HIS A 1 12  ? 8.369   -8.041  -12.708 1.00 73.30 ? 61  HIS A CG  1 
ATOM   81  N ND1 . HIS A 1 12  ? 8.063   -9.360  -12.968 1.00 73.57 ? 61  HIS A ND1 1 
ATOM   82  C CD2 . HIS A 1 12  ? 8.926   -7.554  -13.842 1.00 73.77 ? 61  HIS A CD2 1 
ATOM   83  C CE1 . HIS A 1 12  ? 8.417   -9.656  -14.205 1.00 74.42 ? 61  HIS A CE1 1 
ATOM   84  N NE2 . HIS A 1 12  ? 8.944   -8.577  -14.757 1.00 74.58 ? 61  HIS A NE2 1 
ATOM   85  N N   . ASN A 1 13  ? 6.634   -5.287  -9.956  1.00 63.32 ? 62  ASN A N   1 
ATOM   86  C CA  . ASN A 1 13  ? 5.936   -4.688  -8.820  1.00 61.53 ? 62  ASN A CA  1 
ATOM   87  C C   . ASN A 1 13  ? 5.309   -5.768  -7.962  1.00 59.38 ? 62  ASN A C   1 
ATOM   88  O O   . ASN A 1 13  ? 4.892   -6.812  -8.456  1.00 59.45 ? 62  ASN A O   1 
ATOM   89  C CB  . ASN A 1 13  ? 4.859   -3.705  -9.296  1.00 62.87 ? 62  ASN A CB  1 
ATOM   90  C CG  . ASN A 1 13  ? 5.402   -2.303  -9.501  1.00 64.24 ? 62  ASN A CG  1 
ATOM   91  O OD1 . ASN A 1 13  ? 6.401   -2.104  -10.184 1.00 65.53 ? 62  ASN A OD1 1 
ATOM   92  N ND2 . ASN A 1 13  ? 4.741   -1.323  -8.906  1.00 65.49 ? 62  ASN A ND2 1 
ATOM   93  N N   . VAL A 1 14  ? 5.258   -5.516  -6.665  1.00 57.58 ? 63  VAL A N   1 
ATOM   94  C CA  . VAL A 1 14  ? 4.686   -6.478  -5.745  1.00 55.96 ? 63  VAL A CA  1 
ATOM   95  C C   . VAL A 1 14  ? 3.710   -5.812  -4.799  1.00 55.68 ? 63  VAL A C   1 
ATOM   96  O O   . VAL A 1 14  ? 3.707   -4.590  -4.634  1.00 53.46 ? 63  VAL A O   1 
ATOM   97  C CB  . VAL A 1 14  ? 5.780   -7.176  -4.900  1.00 56.09 ? 63  VAL A CB  1 
ATOM   98  C CG1 . VAL A 1 14  ? 6.697   -7.979  -5.801  1.00 56.39 ? 63  VAL A CG1 1 
ATOM   99  C CG2 . VAL A 1 14  ? 6.573   -6.142  -4.111  1.00 54.36 ? 63  VAL A CG2 1 
ATOM   100 N N   . LEU A 1 15  ? 2.870   -6.635  -4.192  1.00 54.99 ? 64  LEU A N   1 
ATOM   101 C CA  . LEU A 1 15  ? 1.897   -6.161  -3.235  1.00 53.29 ? 64  LEU A CA  1 
ATOM   102 C C   . LEU A 1 15  ? 2.281   -6.753  -1.905  1.00 51.08 ? 64  LEU A C   1 
ATOM   103 O O   . LEU A 1 15  ? 2.305   -7.967  -1.739  1.00 51.01 ? 64  LEU A O   1 
ATOM   104 C CB  . LEU A 1 15  ? 0.487   -6.603  -3.623  1.00 56.12 ? 64  LEU A CB  1 
ATOM   105 C CG  . LEU A 1 15  ? -0.308  -5.632  -4.499  1.00 58.97 ? 64  LEU A CG  1 
ATOM   106 C CD1 . LEU A 1 15  ? 0.480   -5.288  -5.746  1.00 60.17 ? 64  LEU A CD1 1 
ATOM   107 C CD2 . LEU A 1 15  ? -1.635  -6.258  -4.863  1.00 59.78 ? 64  LEU A CD2 1 
ATOM   108 N N   . VAL A 1 16  ? 2.601   -5.882  -0.963  1.00 49.82 ? 65  VAL A N   1 
ATOM   109 C CA  . VAL A 1 16  ? 2.984   -6.313  0.364   1.00 48.89 ? 65  VAL A CA  1 
ATOM   110 C C   . VAL A 1 16  ? 2.171   -5.566  1.406   1.00 48.41 ? 65  VAL A C   1 
ATOM   111 O O   . VAL A 1 16  ? 1.753   -4.430  1.191   1.00 46.81 ? 65  VAL A O   1 
ATOM   112 C CB  . VAL A 1 16  ? 4.481   -6.050  0.618   1.00 48.93 ? 65  VAL A CB  1 
ATOM   113 C CG1 . VAL A 1 16  ? 5.319   -6.900  -0.311  1.00 49.02 ? 65  VAL A CG1 1 
ATOM   114 C CG2 . VAL A 1 16  ? 4.792   -4.581  0.398   1.00 48.94 ? 65  VAL A CG2 1 
ATOM   115 N N   . PRO A 1 17  ? 1.912   -6.214  2.545   1.00 48.42 ? 66  PRO A N   1 
ATOM   116 C CA  . PRO A 1 17  ? 1.147   -5.604  3.632   1.00 47.74 ? 66  PRO A CA  1 
ATOM   117 C C   . PRO A 1 17  ? 1.952   -4.441  4.190   1.00 47.54 ? 66  PRO A C   1 
ATOM   118 O O   . PRO A 1 17  ? 3.071   -4.632  4.656   1.00 47.31 ? 66  PRO A O   1 
ATOM   119 C CB  . PRO A 1 17  ? 1.018   -6.741  4.641   1.00 47.91 ? 66  PRO A CB  1 
ATOM   120 C CG  . PRO A 1 17  ? 1.049   -7.954  3.785   1.00 49.77 ? 66  PRO A CG  1 
ATOM   121 C CD  . PRO A 1 17  ? 2.146   -7.640  2.811   1.00 47.80 ? 66  PRO A CD  1 
ATOM   122 N N   . SER A 1 18  ? 1.392   -3.238  4.139   1.00 46.23 ? 67  SER A N   1 
ATOM   123 C CA  . SER A 1 18  ? 2.099   -2.069  4.644   1.00 45.13 ? 67  SER A CA  1 
ATOM   124 C C   . SER A 1 18  ? 1.143   -1.099  5.314   1.00 44.90 ? 67  SER A C   1 
ATOM   125 O O   . SER A 1 18  ? 0.048   -0.865  4.822   1.00 45.13 ? 67  SER A O   1 
ATOM   126 C CB  . SER A 1 18  ? 2.834   -1.369  3.495   1.00 44.53 ? 67  SER A CB  1 
ATOM   127 O OG  . SER A 1 18  ? 3.630   -0.302  3.965   1.00 44.46 ? 67  SER A OG  1 
ATOM   128 N N   . ALA A 1 19  ? 1.558   -0.549  6.449   1.00 45.23 ? 68  ALA A N   1 
ATOM   129 C CA  . ALA A 1 19  ? 0.735   0.406   7.172   1.00 44.62 ? 68  ALA A CA  1 
ATOM   130 C C   . ALA A 1 19  ? 0.998   1.798   6.627   1.00 44.96 ? 68  ALA A C   1 
ATOM   131 O O   . ALA A 1 19  ? 0.329   2.753   6.999   1.00 46.11 ? 68  ALA A O   1 
ATOM   132 C CB  . ALA A 1 19  ? 1.054   0.361   8.654   1.00 43.36 ? 68  ALA A CB  1 
ATOM   133 N N   . GLN A 1 20  ? 1.981   1.913   5.743   1.00 44.64 ? 69  GLN A N   1 
ATOM   134 C CA  . GLN A 1 20  ? 2.304   3.200   5.152   1.00 46.18 ? 69  GLN A CA  1 
ATOM   135 C C   . GLN A 1 20  ? 2.581   3.091   3.662   1.00 44.83 ? 69  GLN A C   1 
ATOM   136 O O   . GLN A 1 20  ? 2.806   2.007   3.138   1.00 42.05 ? 69  GLN A O   1 
ATOM   137 C CB  . GLN A 1 20  ? 3.491   3.853   5.884   1.00 48.20 ? 69  GLN A CB  1 
ATOM   138 C CG  . GLN A 1 20  ? 4.689   2.955   6.158   1.00 53.40 ? 69  GLN A CG  1 
ATOM   139 C CD  . GLN A 1 20  ? 5.758   3.635   7.013   1.00 56.15 ? 69  GLN A CD  1 
ATOM   140 O OE1 . GLN A 1 20  ? 5.465   4.171   8.079   1.00 56.78 ? 69  GLN A OE1 1 
ATOM   141 N NE2 . GLN A 1 20  ? 7.000   3.600   6.548   1.00 57.95 ? 69  GLN A NE2 1 
ATOM   142 N N   . VAL A 1 21  ? 2.527   4.227   2.981   1.00 45.02 ? 70  VAL A N   1 
ATOM   143 C CA  . VAL A 1 21  ? 2.780   4.294   1.547   1.00 46.06 ? 70  VAL A CA  1 
ATOM   144 C C   . VAL A 1 21  ? 3.870   5.334   1.336   1.00 46.64 ? 70  VAL A C   1 
ATOM   145 O O   . VAL A 1 21  ? 4.148   6.128   2.224   1.00 46.30 ? 70  VAL A O   1 
ATOM   146 C CB  . VAL A 1 21  ? 1.519   4.727   0.772   1.00 46.09 ? 70  VAL A CB  1 
ATOM   147 C CG1 . VAL A 1 21  ? 0.386   3.757   1.038   1.00 46.29 ? 70  VAL A CG1 1 
ATOM   148 C CG2 . VAL A 1 21  ? 1.113   6.120   1.185   1.00 45.90 ? 70  VAL A CG2 1 
ATOM   149 N N   . ALA A 1 22  ? 4.497   5.340   0.172   1.00 48.16 ? 71  ALA A N   1 
ATOM   150 C CA  . ALA A 1 22  ? 5.551   6.313   -0.056  1.00 51.33 ? 71  ALA A CA  1 
ATOM   151 C C   . ALA A 1 22  ? 5.427   7.021   -1.396  1.00 53.83 ? 71  ALA A C   1 
ATOM   152 O O   . ALA A 1 22  ? 4.894   6.466   -2.360  1.00 53.94 ? 71  ALA A O   1 
ATOM   153 C CB  . ALA A 1 22  ? 6.909   5.638   0.053   1.00 50.26 ? 71  ALA A CB  1 
ATOM   154 N N   . ILE A 1 23  ? 5.903   8.262   -1.441  1.00 56.27 ? 72  ILE A N   1 
ATOM   155 C CA  . ILE A 1 23  ? 5.881   9.037   -2.672  1.00 59.67 ? 72  ILE A CA  1 
ATOM   156 C C   . ILE A 1 23  ? 7.210   9.741   -2.873  1.00 62.31 ? 72  ILE A C   1 
ATOM   157 O O   . ILE A 1 23  ? 7.878   10.126  -1.910  1.00 61.77 ? 72  ILE A O   1 
ATOM   158 C CB  . ILE A 1 23  ? 4.784   10.125  -2.676  1.00 59.49 ? 72  ILE A CB  1 
ATOM   159 C CG1 . ILE A 1 23  ? 4.841   10.918  -1.371  1.00 59.92 ? 72  ILE A CG1 1 
ATOM   160 C CG2 . ILE A 1 23  ? 3.434   9.504   -2.942  1.00 58.24 ? 72  ILE A CG2 1 
ATOM   161 C CD1 . ILE A 1 23  ? 3.988   12.166  -1.379  1.00 59.35 ? 72  ILE A CD1 1 
ATOM   162 N N   . ASP A 1 24  ? 7.595   9.881   -4.135  1.00 66.17 ? 73  ASP A N   1 
ATOM   163 C CA  . ASP A 1 24  ? 8.814   10.582  -4.496  1.00 69.90 ? 73  ASP A CA  1 
ATOM   164 C C   . ASP A 1 24  ? 8.365   12.028  -4.675  1.00 71.21 ? 73  ASP A C   1 
ATOM   165 O O   . ASP A 1 24  ? 7.484   12.500  -3.948  1.00 71.87 ? 73  ASP A O   1 
ATOM   166 C CB  . ASP A 1 24  ? 9.390   10.027  -5.802  1.00 71.85 ? 73  ASP A CB  1 
ATOM   167 C CG  . ASP A 1 24  ? 8.344   9.875   -6.891  1.00 75.59 ? 73  ASP A CG  1 
ATOM   168 O OD1 . ASP A 1 24  ? 8.731   9.577   -8.039  1.00 77.31 ? 73  ASP A OD1 1 
ATOM   169 O OD2 . ASP A 1 24  ? 7.140   10.041  -6.607  1.00 78.28 ? 73  ASP A OD2 1 
ATOM   170 N N   . ALA A 1 25  ? 8.943   12.736  -5.635  1.00 72.17 ? 74  ALA A N   1 
ATOM   171 C CA  . ALA A 1 25  ? 8.538   14.124  -5.862  1.00 73.53 ? 74  ALA A CA  1 
ATOM   172 C C   . ALA A 1 25  ? 7.570   14.228  -7.045  1.00 74.22 ? 74  ALA A C   1 
ATOM   173 O O   . ALA A 1 25  ? 6.826   15.198  -7.150  1.00 73.99 ? 74  ALA A O   1 
ATOM   174 C CB  . ALA A 1 25  ? 9.768   15.010  -6.091  1.00 72.81 ? 74  ALA A CB  1 
ATOM   175 N N   . THR A 1 26  ? 7.580   13.221  -7.919  1.00 75.84 ? 75  THR A N   1 
ATOM   176 C CA  . THR A 1 26  ? 6.699   13.193  -9.091  1.00 76.98 ? 75  THR A CA  1 
ATOM   177 C C   . THR A 1 26  ? 5.294   12.782  -8.657  1.00 76.77 ? 75  THR A C   1 
ATOM   178 O O   . THR A 1 26  ? 4.294   13.245  -9.222  1.00 76.53 ? 75  THR A O   1 
ATOM   179 C CB  . THR A 1 26  ? 7.211   12.192  -10.159 1.00 78.50 ? 75  THR A CB  1 
ATOM   180 O OG1 . THR A 1 26  ? 6.629   12.515  -11.428 1.00 79.43 ? 75  THR A OG1 1 
ATOM   181 C CG2 . THR A 1 26  ? 6.828   10.747  -9.789  1.00 79.28 ? 75  THR A CG2 1 
ATOM   182 N N   . GLY A 1 27  ? 5.240   11.877  -7.676  1.00 76.33 ? 76  GLY A N   1 
ATOM   183 C CA  . GLY A 1 27  ? 3.971   11.441  -7.114  1.00 74.68 ? 76  GLY A CA  1 
ATOM   184 C C   . GLY A 1 27  ? 3.283   10.150  -7.501  1.00 73.50 ? 76  GLY A C   1 
ATOM   185 O O   . GLY A 1 27  ? 3.592   9.542   -8.533  1.00 74.27 ? 76  GLY A O   1 
ATOM   186 N N   . SER A 1 28  ? 2.342   9.758   -6.634  1.00 71.13 ? 77  SER A N   1 
ATOM   187 C CA  . SER A 1 28  ? 1.493   8.568   -6.766  1.00 68.41 ? 77  SER A CA  1 
ATOM   188 C C   . SER A 1 28  ? 1.873   7.303   -5.989  1.00 65.25 ? 77  SER A C   1 
ATOM   189 O O   . SER A 1 28  ? 2.980   6.764   -6.114  1.00 65.16 ? 77  SER A O   1 
ATOM   190 C CB  . SER A 1 28  ? 1.279   8.222   -8.242  1.00 69.49 ? 77  SER A CB  1 
ATOM   191 O OG  . SER A 1 28  ? 0.457   9.209   -8.852  1.00 72.60 ? 77  SER A OG  1 
ATOM   192 N N   . ALA A 1 29  ? 0.919   6.849   -5.180  1.00 61.16 ? 78  ALA A N   1 
ATOM   193 C CA  . ALA A 1 29  ? 1.058   5.654   -4.367  1.00 56.97 ? 78  ALA A CA  1 
ATOM   194 C C   . ALA A 1 29  ? -0.253  4.900   -4.513  1.00 54.89 ? 78  ALA A C   1 
ATOM   195 O O   . ALA A 1 29  ? -1.321  5.460   -4.306  1.00 55.26 ? 78  ALA A O   1 
ATOM   196 C CB  . ALA A 1 29  ? 1.290   6.027   -2.920  1.00 55.39 ? 78  ALA A CB  1 
ATOM   197 N N   . LYS A 1 30  ? -0.173  3.632   -4.884  1.00 52.25 ? 79  LYS A N   1 
ATOM   198 C CA  . LYS A 1 30  ? -1.369  2.832   -5.063  1.00 49.56 ? 79  LYS A CA  1 
ATOM   199 C C   . LYS A 1 30  ? -1.289  1.536   -4.273  1.00 48.36 ? 79  LYS A C   1 
ATOM   200 O O   . LYS A 1 30  ? -0.219  1.140   -3.815  1.00 49.79 ? 79  LYS A O   1 
ATOM   201 C CB  . LYS A 1 30  ? -1.587  2.523   -6.548  1.00 49.12 ? 79  LYS A CB  1 
ATOM   202 C CG  . LYS A 1 30  ? -0.502  1.669   -7.203  1.00 51.25 ? 79  LYS A CG  1 
ATOM   203 C CD  . LYS A 1 30  ? -0.882  1.288   -8.635  1.00 54.24 ? 79  LYS A CD  1 
ATOM   204 C CE  . LYS A 1 30  ? 0.189   0.443   -9.318  1.00 55.93 ? 79  LYS A CE  1 
ATOM   205 N NZ  . LYS A 1 30  ? 1.451   1.196   -9.555  1.00 57.75 ? 79  LYS A NZ  1 
ATOM   206 N N   . GLY A 1 31  ? -2.433  0.880   -4.119  1.00 46.01 ? 80  GLY A N   1 
ATOM   207 C CA  . GLY A 1 31  ? -2.482  -0.365  -3.384  1.00 42.74 ? 80  GLY A CA  1 
ATOM   208 C C   . GLY A 1 31  ? -3.891  -0.917  -3.406  1.00 41.99 ? 80  GLY A C   1 
ATOM   209 O O   . GLY A 1 31  ? -4.738  -0.445  -4.165  1.00 39.85 ? 80  GLY A O   1 
ATOM   210 N N   . VAL A 1 32  ? -4.143  -1.916  -2.568  1.00 39.58 ? 81  VAL A N   1 
ATOM   211 C CA  . VAL A 1 32  ? -5.454  -2.538  -2.510  1.00 39.10 ? 81  VAL A CA  1 
ATOM   212 C C   . VAL A 1 32  ? -5.804  -3.027  -1.124  1.00 38.11 ? 81  VAL A C   1 
ATOM   213 O O   . VAL A 1 32  ? -4.946  -3.179  -0.263  1.00 36.52 ? 81  VAL A O   1 
ATOM   214 C CB  . VAL A 1 32  ? -5.547  -3.743  -3.456  1.00 39.62 ? 81  VAL A CB  1 
ATOM   215 C CG1 . VAL A 1 32  ? -5.383  -3.292  -4.888  1.00 41.41 ? 81  VAL A CG1 1 
ATOM   216 C CG2 . VAL A 1 32  ? -4.486  -4.749  -3.099  1.00 39.67 ? 81  VAL A CG2 1 
ATOM   217 N N   . VAL A 1 33  ? -7.088  -3.283  -0.933  1.00 40.03 ? 82  VAL A N   1 
ATOM   218 C CA  . VAL A 1 33  ? -7.616  -3.768  0.329   1.00 41.93 ? 82  VAL A CA  1 
ATOM   219 C C   . VAL A 1 33  ? -8.737  -4.749  0.022   1.00 42.41 ? 82  VAL A C   1 
ATOM   220 O O   . VAL A 1 33  ? -9.412  -4.630  -1.000  1.00 43.03 ? 82  VAL A O   1 
ATOM   221 C CB  . VAL A 1 33  ? -8.177  -2.616  1.172   1.00 42.54 ? 82  VAL A CB  1 
ATOM   222 C CG1 . VAL A 1 33  ? -8.945  -3.164  2.339   1.00 46.89 ? 82  VAL A CG1 1 
ATOM   223 C CG2 . VAL A 1 33  ? -7.046  -1.739  1.666   1.00 43.71 ? 82  VAL A CG2 1 
ATOM   224 N N   . ALA A 1 34  ? -8.941  -5.719  0.903   1.00 42.03 ? 83  ALA A N   1 
ATOM   225 C CA  . ALA A 1 34  ? -9.983  -6.702  0.680   1.00 40.98 ? 83  ALA A CA  1 
ATOM   226 C C   . ALA A 1 34  ? -11.252 -6.377  1.453   1.00 40.32 ? 83  ALA A C   1 
ATOM   227 O O   . ALA A 1 34  ? -11.328 -6.607  2.656   1.00 38.96 ? 83  ALA A O   1 
ATOM   228 C CB  . ALA A 1 34  ? -9.475  -8.075  1.055   1.00 38.75 ? 83  ALA A CB  1 
ATOM   229 N N   . ALA A 1 35  ? -12.242 -5.840  0.741   1.00 41.84 ? 84  ALA A N   1 
ATOM   230 C CA  . ALA A 1 35  ? -13.542 -5.484  1.315   1.00 44.04 ? 84  ALA A CA  1 
ATOM   231 C C   . ALA A 1 35  ? -14.334 -6.747  1.607   1.00 44.15 ? 84  ALA A C   1 
ATOM   232 O O   . ALA A 1 35  ? -14.416 -7.644  0.775   1.00 43.55 ? 84  ALA A O   1 
ATOM   233 C CB  . ALA A 1 35  ? -14.320 -4.604  0.355   1.00 43.03 ? 84  ALA A CB  1 
ATOM   234 N N   . THR A 1 36  ? -14.927 -6.801  2.791   1.00 45.55 ? 85  THR A N   1 
ATOM   235 C CA  . THR A 1 36  ? -15.688 -7.965  3.206   1.00 49.08 ? 85  THR A CA  1 
ATOM   236 C C   . THR A 1 36  ? -17.187 -7.816  2.975   1.00 50.65 ? 85  THR A C   1 
ATOM   237 O O   . THR A 1 36  ? -17.966 -8.722  3.273   1.00 50.56 ? 85  THR A O   1 
ATOM   238 C CB  . THR A 1 36  ? -15.452 -8.247  4.689   1.00 48.71 ? 85  THR A CB  1 
ATOM   239 O OG1 . THR A 1 36  ? -15.772 -7.076  5.449   1.00 50.58 ? 85  THR A OG1 1 
ATOM   240 C CG2 . THR A 1 36  ? -14.002 -8.615  4.931   1.00 49.57 ? 85  THR A CG2 1 
ATOM   241 N N   . SER A 1 37  ? -17.589 -6.673  2.437   1.00 52.21 ? 86  SER A N   1 
ATOM   242 C CA  . SER A 1 37  ? -18.997 -6.418  2.190   1.00 54.12 ? 86  SER A CA  1 
ATOM   243 C C   . SER A 1 37  ? -19.136 -5.334  1.142   1.00 53.52 ? 86  SER A C   1 
ATOM   244 O O   . SER A 1 37  ? -18.154 -4.712  0.762   1.00 54.05 ? 86  SER A O   1 
ATOM   245 C CB  . SER A 1 37  ? -19.676 -5.971  3.491   1.00 56.40 ? 86  SER A CB  1 
ATOM   246 O OG  . SER A 1 37  ? -21.047 -5.660  3.290   1.00 61.78 ? 86  SER A OG  1 
ATOM   247 N N   . ALA A 1 38  ? -20.355 -5.123  0.661   1.00 52.71 ? 87  ALA A N   1 
ATOM   248 C CA  . ALA A 1 38  ? -20.596 -4.074  -0.316  1.00 51.65 ? 87  ALA A CA  1 
ATOM   249 C C   . ALA A 1 38  ? -20.703 -2.777  0.489   1.00 51.30 ? 87  ALA A C   1 
ATOM   250 O O   . ALA A 1 38  ? -21.091 -2.793  1.660   1.00 50.42 ? 87  ALA A O   1 
ATOM   251 C CB  . ALA A 1 38  ? -21.885 -4.349  -1.072  1.00 51.83 ? 87  ALA A CB  1 
ATOM   252 N N   . GLY A 1 39  ? -20.346 -1.661  -0.131  1.00 50.36 ? 88  GLY A N   1 
ATOM   253 C CA  . GLY A 1 39  ? -20.401 -0.385  0.561   1.00 49.12 ? 88  GLY A CA  1 
ATOM   254 C C   . GLY A 1 39  ? -19.281 0.507   0.075   1.00 48.96 ? 88  GLY A C   1 
ATOM   255 O O   . GLY A 1 39  ? -19.065 0.627   -1.125  1.00 50.35 ? 88  GLY A O   1 
ATOM   256 N N   . PHE A 1 40  ? -18.574 1.149   0.995   1.00 47.95 ? 89  PHE A N   1 
ATOM   257 C CA  . PHE A 1 40  ? -17.454 1.998   0.609   1.00 46.57 ? 89  PHE A CA  1 
ATOM   258 C C   . PHE A 1 40  ? -16.315 1.882   1.610   1.00 45.87 ? 89  PHE A C   1 
ATOM   259 O O   . PHE A 1 40  ? -16.509 1.492   2.757   1.00 45.16 ? 89  PHE A O   1 
ATOM   260 C CB  . PHE A 1 40  ? -17.880 3.470   0.460   1.00 46.62 ? 89  PHE A CB  1 
ATOM   261 C CG  . PHE A 1 40  ? -18.309 4.133   1.746   1.00 48.06 ? 89  PHE A CG  1 
ATOM   262 C CD1 . PHE A 1 40  ? -19.573 3.912   2.275   1.00 47.79 ? 89  PHE A CD1 1 
ATOM   263 C CD2 . PHE A 1 40  ? -17.449 4.992   2.418   1.00 47.92 ? 89  PHE A CD2 1 
ATOM   264 C CE1 . PHE A 1 40  ? -19.971 4.537   3.447   1.00 49.88 ? 89  PHE A CE1 1 
ATOM   265 C CE2 . PHE A 1 40  ? -17.841 5.618   3.593   1.00 49.83 ? 89  PHE A CE2 1 
ATOM   266 C CZ  . PHE A 1 40  ? -19.103 5.390   4.107   1.00 49.62 ? 89  PHE A CZ  1 
ATOM   267 N N   . VAL A 1 41  ? -15.112 2.200   1.163   1.00 45.21 ? 90  VAL A N   1 
ATOM   268 C CA  . VAL A 1 41  ? -13.966 2.145   2.039   1.00 46.33 ? 90  VAL A CA  1 
ATOM   269 C C   . VAL A 1 41  ? -13.274 3.494   2.001   1.00 44.81 ? 90  VAL A C   1 
ATOM   270 O O   . VAL A 1 41  ? -13.072 4.069   0.936   1.00 43.50 ? 90  VAL A O   1 
ATOM   271 C CB  . VAL A 1 41  ? -12.996 1.031   1.612   1.00 47.09 ? 90  VAL A CB  1 
ATOM   272 C CG1 . VAL A 1 41  ? -12.768 1.098   0.128   1.00 49.66 ? 90  VAL A CG1 1 
ATOM   273 C CG2 . VAL A 1 41  ? -11.687 1.168   2.353   1.00 45.16 ? 90  VAL A CG2 1 
ATOM   274 N N   . ASN A 1 42  ? -12.946 4.010   3.178   1.00 46.07 ? 91  ASN A N   1 
ATOM   275 C CA  . ASN A 1 42  ? -12.271 5.294   3.281   1.00 46.99 ? 91  ASN A CA  1 
ATOM   276 C C   . ASN A 1 42  ? -10.820 5.116   3.695   1.00 46.38 ? 91  ASN A C   1 
ATOM   277 O O   . ASN A 1 42  ? -10.522 4.560   4.752   1.00 45.81 ? 91  ASN A O   1 
ATOM   278 C CB  . ASN A 1 42  ? -12.990 6.208   4.280   1.00 46.90 ? 91  ASN A CB  1 
ATOM   279 C CG  . ASN A 1 42  ? -14.264 6.796   3.719   1.00 47.92 ? 91  ASN A CG  1 
ATOM   280 O OD1 . ASN A 1 42  ? -14.978 7.515   4.407   1.00 47.48 ? 91  ASN A OD1 1 
ATOM   281 N ND2 . ASN A 1 42  ? -14.555 6.494   2.463   1.00 51.34 ? 91  ASN A ND2 1 
ATOM   282 N N   . PHE A 1 43  ? -9.926  5.587   2.833   1.00 45.45 ? 92  PHE A N   1 
ATOM   283 C CA  . PHE A 1 43  ? -8.495  5.509   3.072   1.00 47.00 ? 92  PHE A CA  1 
ATOM   284 C C   . PHE A 1 43  ? -8.024  6.862   3.568   1.00 46.43 ? 92  PHE A C   1 
ATOM   285 O O   . PHE A 1 43  ? -8.173  7.866   2.889   1.00 46.71 ? 92  PHE A O   1 
ATOM   286 C CB  . PHE A 1 43  ? -7.761  5.132   1.784   1.00 47.24 ? 92  PHE A CB  1 
ATOM   287 C CG  . PHE A 1 43  ? -8.259  3.862   1.156   1.00 50.23 ? 92  PHE A CG  1 
ATOM   288 C CD1 . PHE A 1 43  ? -9.432  3.852   0.414   1.00 51.22 ? 92  PHE A CD1 1 
ATOM   289 C CD2 . PHE A 1 43  ? -7.569  2.671   1.329   1.00 48.93 ? 92  PHE A CD2 1 
ATOM   290 C CE1 . PHE A 1 43  ? -9.909  2.676   -0.145  1.00 52.24 ? 92  PHE A CE1 1 
ATOM   291 C CE2 . PHE A 1 43  ? -8.041  1.490   0.773   1.00 51.15 ? 92  PHE A CE2 1 
ATOM   292 C CZ  . PHE A 1 43  ? -9.213  1.493   0.036   1.00 52.09 ? 92  PHE A CZ  1 
ATOM   293 N N   . GLU A 1 44  ? -7.465  6.882   4.768   1.00 47.59 ? 93  GLU A N   1 
ATOM   294 C CA  . GLU A 1 44  ? -6.983  8.114   5.359   1.00 50.68 ? 93  GLU A CA  1 
ATOM   295 C C   . GLU A 1 44  ? -5.461  8.155   5.419   1.00 50.71 ? 93  GLU A C   1 
ATOM   296 O O   . GLU A 1 44  ? -4.828  7.252   5.959   1.00 49.41 ? 93  GLU A O   1 
ATOM   297 C CB  . GLU A 1 44  ? -7.556  8.253   6.764   1.00 53.99 ? 93  GLU A CB  1 
ATOM   298 C CG  . GLU A 1 44  ? -7.023  9.437   7.536   1.00 60.11 ? 93  GLU A CG  1 
ATOM   299 C CD  . GLU A 1 44  ? -7.387  9.367   8.999   1.00 64.09 ? 93  GLU A CD  1 
ATOM   300 O OE1 . GLU A 1 44  ? -7.003  8.372   9.654   1.00 67.35 ? 93  GLU A OE1 1 
ATOM   301 O OE2 . GLU A 1 44  ? -8.055  10.299  9.493   1.00 66.51 ? 93  GLU A OE2 1 
ATOM   302 N N   . ILE A 1 45  ? -4.880  9.213   4.865   1.00 50.59 ? 94  ILE A N   1 
ATOM   303 C CA  . ILE A 1 45  ? -3.432  9.382   4.857   1.00 51.27 ? 94  ILE A CA  1 
ATOM   304 C C   . ILE A 1 45  ? -2.976  10.356  5.945   1.00 50.94 ? 94  ILE A C   1 
ATOM   305 O O   . ILE A 1 45  ? -3.415  11.499  5.978   1.00 51.22 ? 94  ILE A O   1 
ATOM   306 C CB  . ILE A 1 45  ? -2.953  9.897   3.475   1.00 52.00 ? 94  ILE A CB  1 
ATOM   307 C CG1 . ILE A 1 45  ? -2.905  8.742   2.480   1.00 50.92 ? 94  ILE A CG1 1 
ATOM   308 C CG2 . ILE A 1 45  ? -1.580  10.534  3.592   1.00 53.03 ? 94  ILE A CG2 1 
ATOM   309 C CD1 . ILE A 1 45  ? -4.203  8.035   2.314   1.00 52.57 ? 94  ILE A CD1 1 
ATOM   310 N N   . THR A 1 46  ? -2.104  9.901   6.838   1.00 51.41 ? 95  THR A N   1 
ATOM   311 C CA  . THR A 1 46  ? -1.594  10.760  7.901   1.00 52.59 ? 95  THR A CA  1 
ATOM   312 C C   . THR A 1 46  ? -0.084  10.939  7.758   1.00 53.42 ? 95  THR A C   1 
ATOM   313 O O   . THR A 1 46  ? 0.569   10.190  7.027   1.00 52.82 ? 95  THR A O   1 
ATOM   314 C CB  . THR A 1 46  ? -1.915  10.188  9.287   1.00 52.17 ? 95  THR A CB  1 
ATOM   315 O OG1 . THR A 1 46  ? -1.395  8.860   9.388   1.00 54.85 ? 95  THR A OG1 1 
ATOM   316 C CG2 . THR A 1 46  ? -3.410  10.158  9.512   1.00 52.08 ? 95  THR A CG2 1 
ATOM   317 N N   . ASP A 1 47  ? 0.471   11.938  8.440   1.00 54.32 ? 96  ASP A N   1 
ATOM   318 C CA  . ASP A 1 47  ? 1.905   12.201  8.347   1.00 55.48 ? 96  ASP A CA  1 
ATOM   319 C C   . ASP A 1 47  ? 2.689   11.642  9.522   1.00 56.12 ? 96  ASP A C   1 
ATOM   320 O O   . ASP A 1 47  ? 2.144   10.927  10.361  1.00 54.45 ? 96  ASP A O   1 
ATOM   321 C CB  . ASP A 1 47  ? 2.184   13.706  8.219   1.00 54.70 ? 96  ASP A CB  1 
ATOM   322 C CG  . ASP A 1 47  ? 1.884   14.475  9.493   1.00 55.79 ? 96  ASP A CG  1 
ATOM   323 O OD1 . ASP A 1 47  ? 1.704   13.845  10.554  1.00 54.69 ? 96  ASP A OD1 1 
ATOM   324 O OD2 . ASP A 1 47  ? 1.844   15.720  9.435   1.00 56.97 ? 96  ASP A OD2 1 
ATOM   325 N N   . ALA A 1 48  ? 3.975   11.985  9.567   1.00 58.64 ? 97  ALA A N   1 
ATOM   326 C CA  . ALA A 1 48  ? 4.886   11.531  10.617  1.00 61.28 ? 97  ALA A CA  1 
ATOM   327 C C   . ALA A 1 48  ? 4.279   11.597  12.019  1.00 63.38 ? 97  ALA A C   1 
ATOM   328 O O   . ALA A 1 48  ? 4.237   10.586  12.728  1.00 64.42 ? 97  ALA A O   1 
ATOM   329 C CB  . ALA A 1 48  ? 6.187   12.342  10.568  1.00 60.97 ? 97  ALA A CB  1 
ATOM   330 N N   . ASN A 1 49  ? 3.805   12.782  12.409  1.00 65.26 ? 98  ASN A N   1 
ATOM   331 C CA  . ASN A 1 49  ? 3.210   12.993  13.732  1.00 66.30 ? 98  ASN A CA  1 
ATOM   332 C C   . ASN A 1 49  ? 1.815   12.382  13.842  1.00 65.68 ? 98  ASN A C   1 
ATOM   333 O O   . ASN A 1 49  ? 1.326   12.115  14.944  1.00 66.33 ? 98  ASN A O   1 
ATOM   334 C CB  . ASN A 1 49  ? 3.119   14.493  14.042  1.00 68.90 ? 98  ASN A CB  1 
ATOM   335 C CG  . ASN A 1 49  ? 4.319   15.272  13.535  1.00 71.88 ? 98  ASN A CG  1 
ATOM   336 O OD1 . ASN A 1 49  ? 5.469   14.928  13.819  1.00 73.60 ? 98  ASN A OD1 1 
ATOM   337 N ND2 . ASN A 1 49  ? 4.054   16.336  12.785  1.00 73.55 ? 98  ASN A ND2 1 
ATOM   338 N N   . GLY A 1 50  ? 1.176   12.171  12.698  1.00 64.52 ? 99  GLY A N   1 
ATOM   339 C CA  . GLY A 1 50  ? -0.161  11.602  12.693  1.00 62.92 ? 99  GLY A CA  1 
ATOM   340 C C   . GLY A 1 50  ? -1.202  12.613  12.233  1.00 61.72 ? 99  GLY A C   1 
ATOM   341 O O   . GLY A 1 50  ? -2.408  12.378  12.337  1.00 61.45 ? 99  GLY A O   1 
ATOM   342 N N   . THR A 1 51  ? -0.726  13.748  11.725  1.00 60.50 ? 100 THR A N   1 
ATOM   343 C CA  . THR A 1 51  ? -1.599  14.815  11.236  1.00 58.35 ? 100 THR A CA  1 
ATOM   344 C C   . THR A 1 51  ? -2.351  14.374  9.986   1.00 55.99 ? 100 THR A C   1 
ATOM   345 O O   . THR A 1 51  ? -1.814  13.657  9.135   1.00 55.17 ? 100 THR A O   1 
ATOM   346 C CB  . THR A 1 51  ? -0.786  16.087  10.871  1.00 59.21 ? 100 THR A CB  1 
ATOM   347 O OG1 . THR A 1 51  ? -0.137  16.601  12.042  1.00 60.07 ? 100 THR A OG1 1 
ATOM   348 C CG2 . THR A 1 51  ? -1.698  17.153  10.275  1.00 58.58 ? 100 THR A CG2 1 
ATOM   349 N N   . PHE A 1 52  ? -3.598  14.816  9.881   1.00 53.27 ? 101 PHE A N   1 
ATOM   350 C CA  . PHE A 1 52  ? -4.409  14.490  8.728   1.00 49.56 ? 101 PHE A CA  1 
ATOM   351 C C   . PHE A 1 52  ? -3.756  15.084  7.488   1.00 47.79 ? 101 PHE A C   1 
ATOM   352 O O   . PHE A 1 52  ? -3.259  16.209  7.514   1.00 46.34 ? 101 PHE A O   1 
ATOM   353 C CB  . PHE A 1 52  ? -5.814  15.077  8.877   1.00 48.57 ? 101 PHE A CB  1 
ATOM   354 C CG  . PHE A 1 52  ? -6.704  14.800  7.693   1.00 48.43 ? 101 PHE A CG  1 
ATOM   355 C CD1 . PHE A 1 52  ? -7.421  13.604  7.606   1.00 46.10 ? 101 PHE A CD1 1 
ATOM   356 C CD2 . PHE A 1 52  ? -6.772  15.703  6.632   1.00 46.93 ? 101 PHE A CD2 1 
ATOM   357 C CE1 . PHE A 1 52  ? -8.181  13.314  6.484   1.00 45.52 ? 101 PHE A CE1 1 
ATOM   358 C CE2 . PHE A 1 52  ? -7.533  15.415  5.504   1.00 46.88 ? 101 PHE A CE2 1 
ATOM   359 C CZ  . PHE A 1 52  ? -8.236  14.218  5.431   1.00 45.75 ? 101 PHE A CZ  1 
ATOM   360 N N   . VAL A 1 53  ? -3.752  14.319  6.405   1.00 46.25 ? 102 VAL A N   1 
ATOM   361 C CA  . VAL A 1 53  ? -3.187  14.783  5.146   1.00 46.91 ? 102 VAL A CA  1 
ATOM   362 C C   . VAL A 1 53  ? -4.287  14.798  4.085   1.00 47.96 ? 102 VAL A C   1 
ATOM   363 O O   . VAL A 1 53  ? -4.637  15.853  3.554   1.00 47.70 ? 102 VAL A O   1 
ATOM   364 C CB  . VAL A 1 53  ? -2.032  13.884  4.676   1.00 46.00 ? 102 VAL A CB  1 
ATOM   365 C CG1 . VAL A 1 53  ? -1.617  14.259  3.256   1.00 45.49 ? 102 VAL A CG1 1 
ATOM   366 C CG2 . VAL A 1 53  ? -0.867  14.022  5.626   1.00 44.96 ? 102 VAL A CG2 1 
ATOM   367 N N   . LYS A 1 54  ? -4.829  13.624  3.774   1.00 48.05 ? 103 LYS A N   1 
ATOM   368 C CA  . LYS A 1 54  ? -5.904  13.525  2.801   1.00 48.43 ? 103 LYS A CA  1 
ATOM   369 C C   . LYS A 1 54  ? -6.733  12.290  3.082   1.00 48.66 ? 103 LYS A C   1 
ATOM   370 O O   . LYS A 1 54  ? -6.319  11.407  3.832   1.00 47.42 ? 103 LYS A O   1 
ATOM   371 C CB  . LYS A 1 54  ? -5.361  13.465  1.371   1.00 48.04 ? 103 LYS A CB  1 
ATOM   372 C CG  . LYS A 1 54  ? -6.436  13.793  0.344   1.00 46.39 ? 103 LYS A CG  1 
ATOM   373 C CD  . LYS A 1 54  ? -5.874  13.950  -1.061  1.00 48.51 ? 103 LYS A CD  1 
ATOM   374 C CE  . LYS A 1 54  ? -6.849  14.698  -1.976  1.00 47.55 ? 103 LYS A CE  1 
ATOM   375 N NZ  . LYS A 1 54  ? -6.416  14.734  -3.405  1.00 47.89 ? 103 LYS A NZ  1 
ATOM   376 N N   . GLN A 1 55  ? -7.909  12.232  2.470   1.00 48.61 ? 104 GLN A N   1 
ATOM   377 C CA  . GLN A 1 55  ? -8.805  11.104  2.655   1.00 48.89 ? 104 GLN A CA  1 
ATOM   378 C C   . GLN A 1 55  ? -9.445  10.709  1.326   1.00 47.28 ? 104 GLN A C   1 
ATOM   379 O O   . GLN A 1 55  ? -9.908  11.554  0.563   1.00 47.14 ? 104 GLN A O   1 
ATOM   380 C CB  . GLN A 1 55  ? -9.881  11.474  3.672   1.00 51.06 ? 104 GLN A CB  1 
ATOM   381 C CG  . GLN A 1 55  ? -10.344 10.323  4.542   1.00 56.69 ? 104 GLN A CG  1 
ATOM   382 C CD  . GLN A 1 55  ? -11.834 10.106  4.437   1.00 58.51 ? 104 GLN A CD  1 
ATOM   383 O OE1 . GLN A 1 55  ? -12.477 9.672   5.387   1.00 59.45 ? 104 GLN A OE1 1 
ATOM   384 N NE2 . GLN A 1 55  ? -12.391 10.400  3.268   1.00 61.30 ? 104 GLN A NE2 1 
ATOM   385 N N   . LEU A 1 56  ? -9.453  9.414   1.050   1.00 45.83 ? 105 LEU A N   1 
ATOM   386 C CA  . LEU A 1 56  ? -10.022 8.900   -0.183  1.00 44.46 ? 105 LEU A CA  1 
ATOM   387 C C   . LEU A 1 56  ? -11.186 7.993   0.166   1.00 44.07 ? 105 LEU A C   1 
ATOM   388 O O   . LEU A 1 56  ? -11.220 7.402   1.244   1.00 44.47 ? 105 LEU A O   1 
ATOM   389 C CB  . LEU A 1 56  ? -8.969  8.101   -0.956  1.00 44.59 ? 105 LEU A CB  1 
ATOM   390 C CG  . LEU A 1 56  ? -7.646  8.798   -1.284  1.00 45.84 ? 105 LEU A CG  1 
ATOM   391 C CD1 . LEU A 1 56  ? -6.583  7.772   -1.646  1.00 44.47 ? 105 LEU A CD1 1 
ATOM   392 C CD2 . LEU A 1 56  ? -7.860  9.785   -2.420  1.00 46.80 ? 105 LEU A CD2 1 
ATOM   393 N N   . SER A 1 57  ? -12.142 7.888   -0.747  1.00 42.02 ? 106 SER A N   1 
ATOM   394 C CA  . SER A 1 57  ? -13.298 7.034   -0.527  1.00 41.23 ? 106 SER A CA  1 
ATOM   395 C C   . SER A 1 57  ? -13.535 6.265   -1.800  1.00 41.22 ? 106 SER A C   1 
ATOM   396 O O   . SER A 1 57  ? -13.443 6.828   -2.881  1.00 40.45 ? 106 SER A O   1 
ATOM   397 C CB  . SER A 1 57  ? -14.525 7.877   -0.186  1.00 41.63 ? 106 SER A CB  1 
ATOM   398 O OG  . SER A 1 57  ? -14.273 8.689   0.949   1.00 41.16 ? 106 SER A OG  1 
ATOM   399 N N   . VAL A 1 58  ? -13.820 4.974   -1.683  1.00 41.63 ? 107 VAL A N   1 
ATOM   400 C CA  . VAL A 1 58  ? -14.063 4.147   -2.866  1.00 39.69 ? 107 VAL A CA  1 
ATOM   401 C C   . VAL A 1 58  ? -15.236 3.215   -2.637  1.00 42.14 ? 107 VAL A C   1 
ATOM   402 O O   . VAL A 1 58  ? -15.314 2.551   -1.603  1.00 41.63 ? 107 VAL A O   1 
ATOM   403 C CB  . VAL A 1 58  ? -12.829 3.271   -3.235  1.00 39.16 ? 107 VAL A CB  1 
ATOM   404 C CG1 . VAL A 1 58  ? -13.124 2.438   -4.471  1.00 37.84 ? 107 VAL A CG1 1 
ATOM   405 C CG2 . VAL A 1 58  ? -11.626 4.142   -3.478  1.00 35.21 ? 107 VAL A CG2 1 
ATOM   406 N N   . PRO A 1 59  ? -16.165 3.153   -3.603  1.00 43.81 ? 108 PRO A N   1 
ATOM   407 C CA  . PRO A 1 59  ? -17.328 2.274   -3.474  1.00 42.31 ? 108 PRO A CA  1 
ATOM   408 C C   . PRO A 1 59  ? -16.902 0.816   -3.647  1.00 44.47 ? 108 PRO A C   1 
ATOM   409 O O   . PRO A 1 59  ? -15.844 0.531   -4.216  1.00 43.16 ? 108 PRO A O   1 
ATOM   410 C CB  . PRO A 1 59  ? -18.248 2.759   -4.589  1.00 41.45 ? 108 PRO A CB  1 
ATOM   411 C CG  . PRO A 1 59  ? -17.282 3.160   -5.645  1.00 41.23 ? 108 PRO A CG  1 
ATOM   412 C CD  . PRO A 1 59  ? -16.218 3.908   -4.868  1.00 41.93 ? 108 PRO A CD  1 
ATOM   413 N N   . ALA A 1 60  ? -17.722 -0.095  -3.138  1.00 46.60 ? 109 ALA A N   1 
ATOM   414 C CA  . ALA A 1 60  ? -17.445 -1.520  -3.230  1.00 49.08 ? 109 ALA A CA  1 
ATOM   415 C C   . ALA A 1 60  ? -18.693 -2.287  -3.654  1.00 51.35 ? 109 ALA A C   1 
ATOM   416 O O   . ALA A 1 60  ? -19.552 -2.613  -2.834  1.00 51.37 ? 109 ALA A O   1 
ATOM   417 C CB  . ALA A 1 60  ? -16.939 -2.044  -1.892  1.00 47.16 ? 109 ALA A CB  1 
ATOM   418 N N   . SER A 1 61  ? -18.779 -2.557  -4.950  1.00 53.94 ? 110 SER A N   1 
ATOM   419 C CA  . SER A 1 61  ? -19.886 -3.296  -5.538  1.00 55.92 ? 110 SER A CA  1 
ATOM   420 C C   . SER A 1 61  ? -20.362 -4.424  -4.621  1.00 56.39 ? 110 SER A C   1 
ATOM   421 O O   . SER A 1 61  ? -21.565 -4.660  -4.473  1.00 57.35 ? 110 SER A O   1 
ATOM   422 C CB  . SER A 1 61  ? -19.442 -3.863  -6.890  1.00 56.92 ? 110 SER A CB  1 
ATOM   423 O OG  . SER A 1 61  ? -18.151 -4.460  -6.804  1.00 59.80 ? 110 SER A OG  1 
ATOM   424 N N   . ALA A 1 62  ? -19.400 -5.109  -4.007  1.00 57.38 ? 111 ALA A N   1 
ATOM   425 C CA  . ALA A 1 62  ? -19.663 -6.218  -3.091  1.00 57.80 ? 111 ALA A CA  1 
ATOM   426 C C   . ALA A 1 62  ? -18.329 -6.694  -2.502  1.00 57.91 ? 111 ALA A C   1 
ATOM   427 O O   . ALA A 1 62  ? -17.263 -6.155  -2.837  1.00 58.00 ? 111 ALA A O   1 
ATOM   428 C CB  . ALA A 1 62  ? -20.344 -7.359  -3.834  1.00 56.88 ? 111 ALA A CB  1 
ATOM   429 N N   . ALA A 1 63  ? -18.389 -7.699  -1.629  1.00 56.73 ? 112 ALA A N   1 
ATOM   430 C CA  . ALA A 1 63  ? -17.185 -8.240  -1.016  1.00 55.70 ? 112 ALA A CA  1 
ATOM   431 C C   . ALA A 1 63  ? -16.162 -8.537  -2.102  1.00 55.90 ? 112 ALA A C   1 
ATOM   432 O O   . ALA A 1 63  ? -16.508 -8.976  -3.201  1.00 55.84 ? 112 ALA A O   1 
ATOM   433 C CB  . ALA A 1 63  ? -17.508 -9.502  -0.247  1.00 54.74 ? 112 ALA A CB  1 
ATOM   434 N N   . GLY A 1 64  ? -14.894 -8.288  -1.800  1.00 55.95 ? 113 GLY A N   1 
ATOM   435 C CA  . GLY A 1 64  ? -13.856 -8.539  -2.778  1.00 55.21 ? 113 GLY A CA  1 
ATOM   436 C C   . GLY A 1 64  ? -12.771 -7.496  -2.667  1.00 55.19 ? 113 GLY A C   1 
ATOM   437 O O   . GLY A 1 64  ? -12.787 -6.675  -1.754  1.00 54.30 ? 113 GLY A O   1 
ATOM   438 N N   . GLU A 1 65  ? -11.833 -7.518  -3.602  1.00 55.01 ? 114 GLU A N   1 
ATOM   439 C CA  . GLU A 1 65  ? -10.731 -6.577  -3.586  1.00 54.07 ? 114 GLU A CA  1 
ATOM   440 C C   . GLU A 1 65  ? -11.192 -5.191  -3.999  1.00 53.28 ? 114 GLU A C   1 
ATOM   441 O O   . GLU A 1 65  ? -12.130 -5.040  -4.778  1.00 53.91 ? 114 GLU A O   1 
ATOM   442 C CB  . GLU A 1 65  ? -9.630  -7.055  -4.535  1.00 54.43 ? 114 GLU A CB  1 
ATOM   443 C CG  . GLU A 1 65  ? -8.240  -6.553  -4.192  1.00 58.05 ? 114 GLU A CG  1 
ATOM   444 C CD  . GLU A 1 65  ? -7.185  -7.111  -5.119  1.00 59.77 ? 114 GLU A CD  1 
ATOM   445 O OE1 . GLU A 1 65  ? -7.164  -6.713  -6.300  1.00 59.07 ? 114 GLU A OE1 1 
ATOM   446 O OE2 . GLU A 1 65  ? -6.384  -7.954  -4.670  1.00 59.08 ? 114 GLU A OE2 1 
ATOM   447 N N   . VAL A 1 66  ? -10.525 -4.181  -3.458  1.00 52.79 ? 115 VAL A N   1 
ATOM   448 C CA  . VAL A 1 66  ? -10.816 -2.795  -3.773  1.00 53.02 ? 115 VAL A CA  1 
ATOM   449 C C   . VAL A 1 66  ? -9.484  -2.041  -3.804  1.00 53.17 ? 115 VAL A C   1 
ATOM   450 O O   . VAL A 1 66  ? -8.695  -2.123  -2.870  1.00 51.44 ? 115 VAL A O   1 
ATOM   451 C CB  . VAL A 1 66  ? -11.756 -2.173  -2.724  1.00 53.14 ? 115 VAL A CB  1 
ATOM   452 C CG1 . VAL A 1 66  ? -12.091 -0.738  -3.117  1.00 53.44 ? 115 VAL A CG1 1 
ATOM   453 C CG2 . VAL A 1 66  ? -13.022 -3.003  -2.607  1.00 51.31 ? 115 VAL A CG2 1 
ATOM   454 N N   . SER A 1 67  ? -9.238  -1.320  -4.893  1.00 54.01 ? 116 SER A N   1 
ATOM   455 C CA  . SER A 1 67  ? -7.999  -0.568  -5.065  1.00 55.51 ? 116 SER A CA  1 
ATOM   456 C C   . SER A 1 67  ? -8.107  0.866   -4.581  1.00 55.15 ? 116 SER A C   1 
ATOM   457 O O   . SER A 1 67  ? -9.201  1.403   -4.440  1.00 55.51 ? 116 SER A O   1 
ATOM   458 C CB  . SER A 1 67  ? -7.597  -0.549  -6.540  1.00 57.22 ? 116 SER A CB  1 
ATOM   459 O OG  . SER A 1 67  ? -7.541  -1.860  -7.074  1.00 62.59 ? 116 SER A OG  1 
ATOM   460 N N   . PHE A 1 68  ? -6.958  1.484   -4.338  1.00 54.66 ? 117 PHE A N   1 
ATOM   461 C CA  . PHE A 1 68  ? -6.908  2.868   -3.886  1.00 54.52 ? 117 PHE A CA  1 
ATOM   462 C C   . PHE A 1 68  ? -5.717  3.546   -4.543  1.00 54.84 ? 117 PHE A C   1 
ATOM   463 O O   . PHE A 1 68  ? -4.768  2.881   -4.955  1.00 54.60 ? 117 PHE A O   1 
ATOM   464 C CB  . PHE A 1 68  ? -6.779  2.937   -2.357  1.00 52.87 ? 117 PHE A CB  1 
ATOM   465 C CG  . PHE A 1 68  ? -5.422  2.547   -1.830  1.00 52.80 ? 117 PHE A CG  1 
ATOM   466 C CD1 . PHE A 1 68  ? -4.339  3.408   -1.949  1.00 51.87 ? 117 PHE A CD1 1 
ATOM   467 C CD2 . PHE A 1 68  ? -5.230  1.318   -1.214  1.00 50.89 ? 117 PHE A CD2 1 
ATOM   468 C CE1 . PHE A 1 68  ? -3.092  3.050   -1.466  1.00 50.76 ? 117 PHE A CE1 1 
ATOM   469 C CE2 . PHE A 1 68  ? -3.986  0.953   -0.729  1.00 50.63 ? 117 PHE A CE2 1 
ATOM   470 C CZ  . PHE A 1 68  ? -2.915  1.822   -0.856  1.00 50.24 ? 117 PHE A CZ  1 
ATOM   471 N N   . ALA A 1 69  ? -5.767  4.868   -4.641  1.00 55.38 ? 118 ALA A N   1 
ATOM   472 C CA  . ALA A 1 69  ? -4.680  5.619   -5.249  1.00 56.40 ? 118 ALA A CA  1 
ATOM   473 C C   . ALA A 1 69  ? -4.616  7.042   -4.720  1.00 57.24 ? 118 ALA A C   1 
ATOM   474 O O   . ALA A 1 69  ? -5.596  7.782   -4.774  1.00 57.42 ? 118 ALA A O   1 
ATOM   475 C CB  . ALA A 1 69  ? -4.835  5.631   -6.761  1.00 55.87 ? 118 ALA A CB  1 
ATOM   476 N N   . TRP A 1 70  ? -3.454  7.418   -4.196  1.00 58.32 ? 119 TRP A N   1 
ATOM   477 C CA  . TRP A 1 70  ? -3.257  8.757   -3.675  1.00 58.60 ? 119 TRP A CA  1 
ATOM   478 C C   . TRP A 1 70  ? -2.347  9.494   -4.640  1.00 59.57 ? 119 TRP A C   1 
ATOM   479 O O   . TRP A 1 70  ? -1.298  8.982   -5.025  1.00 59.69 ? 119 TRP A O   1 
ATOM   480 C CB  . TRP A 1 70  ? -2.633  8.712   -2.278  1.00 57.57 ? 119 TRP A CB  1 
ATOM   481 C CG  . TRP A 1 70  ? -2.378  10.069  -1.705  1.00 58.37 ? 119 TRP A CG  1 
ATOM   482 C CD1 . TRP A 1 70  ? -3.192  11.160  -1.795  1.00 58.66 ? 119 TRP A CD1 1 
ATOM   483 C CD2 . TRP A 1 70  ? -1.236  10.484  -0.946  1.00 58.96 ? 119 TRP A CD2 1 
ATOM   484 N NE1 . TRP A 1 70  ? -2.628  12.228  -1.142  1.00 58.94 ? 119 TRP A NE1 1 
ATOM   485 C CE2 . TRP A 1 70  ? -1.427  11.840  -0.611  1.00 59.24 ? 119 TRP A CE2 1 
ATOM   486 C CE3 . TRP A 1 70  ? -0.070  9.841   -0.516  1.00 59.04 ? 119 TRP A CE3 1 
ATOM   487 C CZ2 . TRP A 1 70  ? -0.495  12.568  0.133   1.00 60.73 ? 119 TRP A CZ2 1 
ATOM   488 C CZ3 . TRP A 1 70  ? 0.858   10.567  0.225   1.00 60.66 ? 119 TRP A CZ3 1 
ATOM   489 C CH2 . TRP A 1 70  ? 0.637   11.915  0.541   1.00 61.21 ? 119 TRP A CH2 1 
ATOM   490 N N   . ASP A 1 71  ? -2.771  10.692  -5.038  1.00 61.35 ? 120 ASP A N   1 
ATOM   491 C CA  . ASP A 1 71  ? -2.015  11.520  -5.968  1.00 62.49 ? 120 ASP A CA  1 
ATOM   492 C C   . ASP A 1 71  ? -0.865  12.270  -5.301  1.00 62.21 ? 120 ASP A C   1 
ATOM   493 O O   . ASP A 1 71  ? -0.145  13.017  -5.955  1.00 62.74 ? 120 ASP A O   1 
ATOM   494 C CB  . ASP A 1 71  ? -2.946  12.518  -6.657  1.00 64.33 ? 120 ASP A CB  1 
ATOM   495 C CG  . ASP A 1 71  ? -3.871  13.203  -5.689  1.00 66.91 ? 120 ASP A CG  1 
ATOM   496 O OD1 . ASP A 1 71  ? -3.436  13.466  -4.553  1.00 68.35 ? 120 ASP A OD1 1 
ATOM   497 O OD2 . ASP A 1 71  ? -5.026  13.484  -6.064  1.00 68.61 ? 120 ASP A OD2 1 
ATOM   498 N N   . GLY A 1 72  ? -0.696  12.083  -4.000  1.00 61.39 ? 121 GLY A N   1 
ATOM   499 C CA  . GLY A 1 72  ? 0.395   12.745  -3.310  1.00 60.84 ? 121 GLY A CA  1 
ATOM   500 C C   . GLY A 1 72  ? 0.122   14.175  -2.890  1.00 60.89 ? 121 GLY A C   1 
ATOM   501 O O   . GLY A 1 72  ? 1.047   14.943  -2.615  1.00 59.87 ? 121 GLY A O   1 
ATOM   502 N N   . THR A 1 73  ? -1.152  14.540  -2.844  1.00 61.10 ? 122 THR A N   1 
ATOM   503 C CA  . THR A 1 73  ? -1.536  15.885  -2.434  1.00 61.77 ? 122 THR A CA  1 
ATOM   504 C C   . THR A 1 73  ? -2.443  15.819  -1.212  1.00 61.39 ? 122 THR A C   1 
ATOM   505 O O   . THR A 1 73  ? -3.088  14.796  -0.971  1.00 60.92 ? 122 THR A O   1 
ATOM   506 C CB  . THR A 1 73  ? -2.271  16.622  -3.568  1.00 61.78 ? 122 THR A CB  1 
ATOM   507 O OG1 . THR A 1 73  ? -3.301  15.779  -4.096  1.00 62.03 ? 122 THR A OG1 1 
ATOM   508 C CG2 . THR A 1 73  ? -1.303  16.985  -4.677  1.00 61.60 ? 122 THR A CG2 1 
ATOM   509 N N   . ASP A 1 74  ? -2.476  16.896  -0.429  1.00 61.43 ? 123 ASP A N   1 
ATOM   510 C CA  . ASP A 1 74  ? -3.334  16.918  0.752   1.00 61.10 ? 123 ASP A CA  1 
ATOM   511 C C   . ASP A 1 74  ? -4.750  17.332  0.343   1.00 60.06 ? 123 ASP A C   1 
ATOM   512 O O   . ASP A 1 74  ? -4.975  17.695  -0.814  1.00 59.95 ? 123 ASP A O   1 
ATOM   513 C CB  . ASP A 1 74  ? -2.755  17.853  1.835   1.00 60.76 ? 123 ASP A CB  1 
ATOM   514 C CG  . ASP A 1 74  ? -2.752  19.327  1.428   1.00 61.18 ? 123 ASP A CG  1 
ATOM   515 O OD1 . ASP A 1 74  ? -2.273  20.153  2.249   1.00 61.79 ? 123 ASP A OD1 1 
ATOM   516 O OD2 . ASP A 1 74  ? -3.223  19.661  0.316   1.00 59.66 ? 123 ASP A OD2 1 
ATOM   517 N N   . ALA A 1 75  ? -5.699  17.252  1.274   1.00 59.48 ? 124 ALA A N   1 
ATOM   518 C CA  . ALA A 1 75  ? -7.097  17.610  1.000   1.00 59.67 ? 124 ALA A CA  1 
ATOM   519 C C   . ALA A 1 75  ? -7.214  19.026  0.448   1.00 59.67 ? 124 ALA A C   1 
ATOM   520 O O   . ALA A 1 75  ? -8.189  19.363  -0.222  1.00 60.08 ? 124 ALA A O   1 
ATOM   521 C CB  . ALA A 1 75  ? -7.937  17.469  2.267   1.00 57.05 ? 124 ALA A CB  1 
ATOM   522 N N   . ASN A 1 76  ? -6.209  19.848  0.729   1.00 59.40 ? 125 ASN A N   1 
ATOM   523 C CA  . ASN A 1 76  ? -6.186  21.222  0.249   1.00 59.03 ? 125 ASN A CA  1 
ATOM   524 C C   . ASN A 1 76  ? -5.475  21.381  -1.093  1.00 59.77 ? 125 ASN A C   1 
ATOM   525 O O   . ASN A 1 76  ? -5.098  22.490  -1.463  1.00 61.02 ? 125 ASN A O   1 
ATOM   526 C CB  . ASN A 1 76  ? -5.552  22.136  1.297   1.00 57.86 ? 125 ASN A CB  1 
ATOM   527 C CG  . ASN A 1 76  ? -6.549  22.571  2.363   1.00 58.79 ? 125 ASN A CG  1 
ATOM   528 O OD1 . ASN A 1 76  ? -7.603  23.128  2.049   1.00 58.63 ? 125 ASN A OD1 1 
ATOM   529 N ND2 . ASN A 1 76  ? -6.222  22.322  3.627   1.00 58.04 ? 125 ASN A ND2 1 
ATOM   530 N N   . GLY A 1 77  ? -5.298  20.271  -1.812  1.00 59.93 ? 126 GLY A N   1 
ATOM   531 C CA  . GLY A 1 77  ? -4.661  20.287  -3.124  1.00 59.68 ? 126 GLY A CA  1 
ATOM   532 C C   . GLY A 1 77  ? -3.149  20.434  -3.171  1.00 60.18 ? 126 GLY A C   1 
ATOM   533 O O   . GLY A 1 77  ? -2.544  20.409  -4.250  1.00 59.44 ? 126 GLY A O   1 
ATOM   534 N N   . ASN A 1 78  ? -2.536  20.582  -2.005  1.00 60.93 ? 127 ASN A N   1 
ATOM   535 C CA  . ASN A 1 78  ? -1.088  20.753  -1.912  1.00 61.76 ? 127 ASN A CA  1 
ATOM   536 C C   . ASN A 1 78  ? -0.256  19.472  -2.063  1.00 61.20 ? 127 ASN A C   1 
ATOM   537 O O   . ASN A 1 78  ? -0.522  18.448  -1.418  1.00 61.40 ? 127 ASN A O   1 
ATOM   538 C CB  . ASN A 1 78  ? -0.719  21.415  -0.576  1.00 63.28 ? 127 ASN A CB  1 
ATOM   539 C CG  . ASN A 1 78  ? -1.199  22.854  -0.472  1.00 64.76 ? 127 ASN A CG  1 
ATOM   540 O OD1 . ASN A 1 78  ? -1.019  23.495  0.564   1.00 65.59 ? 127 ASN A OD1 1 
ATOM   541 N ND2 . ASN A 1 78  ? -1.806  23.369  -1.546  1.00 65.08 ? 127 ASN A ND2 1 
ATOM   542 N N   . ARG A 1 79  ? 0.765   19.553  -2.912  1.00 60.00 ? 128 ARG A N   1 
ATOM   543 C CA  . ARG A 1 79  ? 1.686   18.440  -3.136  1.00 58.18 ? 128 ARG A CA  1 
ATOM   544 C C   . ARG A 1 79  ? 2.517   18.259  -1.856  1.00 57.25 ? 128 ARG A C   1 
ATOM   545 O O   . ARG A 1 79  ? 3.230   19.177  -1.438  1.00 56.73 ? 128 ARG A O   1 
ATOM   546 C CB  . ARG A 1 79  ? 2.614   18.764  -4.305  1.00 57.78 ? 128 ARG A CB  1 
ATOM   547 C CG  . ARG A 1 79  ? 3.667   17.729  -4.542  1.00 58.72 ? 128 ARG A CG  1 
ATOM   548 C CD  . ARG A 1 79  ? 3.044   16.458  -5.056  1.00 60.97 ? 128 ARG A CD  1 
ATOM   549 N NE  . ARG A 1 79  ? 3.969   15.338  -4.909  1.00 62.52 ? 128 ARG A NE  1 
ATOM   550 C CZ  . ARG A 1 79  ? 3.791   14.137  -5.453  1.00 62.80 ? 128 ARG A CZ  1 
ATOM   551 N NH1 . ARG A 1 79  ? 2.712   13.893  -6.193  1.00 61.05 ? 128 ARG A NH1 1 
ATOM   552 N NH2 . ARG A 1 79  ? 4.692   13.178  -5.241  1.00 62.17 ? 128 ARG A NH2 1 
ATOM   553 N N   . MET A 1 80  ? 2.408   17.090  -1.229  1.00 55.28 ? 129 MET A N   1 
ATOM   554 C CA  . MET A 1 80  ? 3.151   16.820  -0.007  1.00 52.84 ? 129 MET A CA  1 
ATOM   555 C C   . MET A 1 80  ? 4.579   16.409  -0.346  1.00 52.35 ? 129 MET A C   1 
ATOM   556 O O   . MET A 1 80  ? 4.867   16.008  -1.480  1.00 51.79 ? 129 MET A O   1 
ATOM   557 C CB  . MET A 1 80  ? 2.457   15.718  0.790   1.00 49.97 ? 129 MET A CB  1 
ATOM   558 C CG  . MET A 1 80  ? 1.060   16.077  1.238   1.00 45.47 ? 129 MET A CG  1 
ATOM   559 S SD  . MET A 1 80  ? 1.082   17.463  2.325   1.00 39.11 ? 129 MET A SD  1 
ATOM   560 C CE  . MET A 1 80  ? 1.595   16.747  3.768   1.00 38.97 ? 129 MET A CE  1 
ATOM   561 N N   . ALA A 1 81  ? 5.471   16.518  0.638   1.00 51.84 ? 130 ALA A N   1 
ATOM   562 C CA  . ALA A 1 81  ? 6.879   16.166  0.452   1.00 51.48 ? 130 ALA A CA  1 
ATOM   563 C C   . ALA A 1 81  ? 7.074   14.678  0.177   1.00 51.70 ? 130 ALA A C   1 
ATOM   564 O O   . ALA A 1 81  ? 6.279   13.842  0.615   1.00 51.59 ? 130 ALA A O   1 
ATOM   565 C CB  . ALA A 1 81  ? 7.680   16.560  1.682   1.00 48.88 ? 130 ALA A CB  1 
ATOM   566 N N   . ALA A 1 82  ? 8.130   14.353  -0.564  1.00 51.95 ? 131 ALA A N   1 
ATOM   567 C CA  . ALA A 1 82  ? 8.430   12.964  -0.855  1.00 51.83 ? 131 ALA A CA  1 
ATOM   568 C C   . ALA A 1 82  ? 8.707   12.318  0.504   1.00 52.57 ? 131 ALA A C   1 
ATOM   569 O O   . ALA A 1 82  ? 9.178   12.981  1.440   1.00 51.96 ? 131 ALA A O   1 
ATOM   570 C CB  . ALA A 1 82  ? 9.647   12.861  -1.761  1.00 50.98 ? 131 ALA A CB  1 
ATOM   571 N N   . GLY A 1 83  ? 8.391   11.032  0.616   1.00 52.59 ? 132 GLY A N   1 
ATOM   572 C CA  . GLY A 1 83  ? 8.598   10.331  1.868   1.00 52.49 ? 132 GLY A CA  1 
ATOM   573 C C   . GLY A 1 83  ? 7.518   9.298   2.143   1.00 52.77 ? 132 GLY A C   1 
ATOM   574 O O   . GLY A 1 83  ? 6.662   9.033   1.297   1.00 52.13 ? 132 GLY A O   1 
ATOM   575 N N   . LYS A 1 84  ? 7.570   8.718   3.338   1.00 52.43 ? 133 LYS A N   1 
ATOM   576 C CA  . LYS A 1 84  ? 6.619   7.697   3.764   1.00 52.24 ? 133 LYS A CA  1 
ATOM   577 C C   . LYS A 1 84  ? 5.466   8.294   4.564   1.00 50.91 ? 133 LYS A C   1 
ATOM   578 O O   . LYS A 1 84  ? 5.674   9.123   5.439   1.00 50.56 ? 133 LYS A O   1 
ATOM   579 C CB  . LYS A 1 84  ? 7.337   6.629   4.606   1.00 52.62 ? 133 LYS A CB  1 
ATOM   580 C CG  . LYS A 1 84  ? 8.452   5.907   3.855   1.00 53.14 ? 133 LYS A CG  1 
ATOM   581 C CD  . LYS A 1 84  ? 9.160   4.890   4.731   1.00 55.10 ? 133 LYS A CD  1 
ATOM   582 C CE  . LYS A 1 84  ? 10.278  4.199   3.954   1.00 57.66 ? 133 LYS A CE  1 
ATOM   583 N NZ  . LYS A 1 84  ? 11.098  3.289   4.803   1.00 58.88 ? 133 LYS A NZ  1 
ATOM   584 N N   . TYR A 1 85  ? 4.249   7.867   4.248   1.00 49.06 ? 134 TYR A N   1 
ATOM   585 C CA  . TYR A 1 85  ? 3.065   8.350   4.935   1.00 47.81 ? 134 TYR A CA  1 
ATOM   586 C C   . TYR A 1 85  ? 2.243   7.179   5.424   1.00 47.27 ? 134 TYR A C   1 
ATOM   587 O O   . TYR A 1 85  ? 2.216   6.124   4.784   1.00 47.15 ? 134 TYR A O   1 
ATOM   588 C CB  . TYR A 1 85  ? 2.213   9.206   4.003   1.00 48.29 ? 134 TYR A CB  1 
ATOM   589 C CG  . TYR A 1 85  ? 2.833   10.524  3.669   1.00 50.50 ? 134 TYR A CG  1 
ATOM   590 C CD1 . TYR A 1 85  ? 3.833   10.629  2.702   1.00 51.35 ? 134 TYR A CD1 1 
ATOM   591 C CD2 . TYR A 1 85  ? 2.447   11.673  4.348   1.00 52.25 ? 134 TYR A CD2 1 
ATOM   592 C CE1 . TYR A 1 85  ? 4.433   11.847  2.422   1.00 52.44 ? 134 TYR A CE1 1 
ATOM   593 C CE2 . TYR A 1 85  ? 3.037   12.900  4.078   1.00 52.67 ? 134 TYR A CE2 1 
ATOM   594 C CZ  . TYR A 1 85  ? 4.026   12.980  3.119   1.00 53.14 ? 134 TYR A CZ  1 
ATOM   595 O OH  . TYR A 1 85  ? 4.601   14.203  2.872   1.00 54.90 ? 134 TYR A OH  1 
ATOM   596 N N   . GLY A 1 86  ? 1.570   7.369   6.555   1.00 45.99 ? 135 GLY A N   1 
ATOM   597 C CA  . GLY A 1 86  ? 0.744   6.310   7.104   1.00 44.98 ? 135 GLY A CA  1 
ATOM   598 C C   . GLY A 1 86  ? -0.616  6.231   6.435   1.00 44.17 ? 135 GLY A C   1 
ATOM   599 O O   . GLY A 1 86  ? -1.214  7.253   6.102   1.00 42.46 ? 135 GLY A O   1 
ATOM   600 N N   . ILE A 1 87  ? -1.103  5.016   6.221   1.00 43.02 ? 136 ILE A N   1 
ATOM   601 C CA  . ILE A 1 87  ? -2.408  4.843   5.602   1.00 42.23 ? 136 ILE A CA  1 
ATOM   602 C C   . ILE A 1 87  ? -3.298  3.879   6.378   1.00 42.05 ? 136 ILE A C   1 
ATOM   603 O O   . ILE A 1 87  ? -2.887  2.783   6.756   1.00 42.12 ? 136 ILE A O   1 
ATOM   604 C CB  . ILE A 1 87  ? -2.304  4.352   4.135   1.00 43.05 ? 136 ILE A CB  1 
ATOM   605 C CG1 . ILE A 1 87  ? -3.716  4.171   3.575   1.00 42.17 ? 136 ILE A CG1 1 
ATOM   606 C CG2 . ILE A 1 87  ? -1.518  3.055   4.049   1.00 40.11 ? 136 ILE A CG2 1 
ATOM   607 C CD1 . ILE A 1 87  ? -3.765  3.572   2.208   1.00 40.19 ? 136 ILE A CD1 1 
ATOM   608 N N   . THR A 1 88  ? -4.528  4.313   6.614   1.00 41.95 ? 137 THR A N   1 
ATOM   609 C CA  . THR A 1 88  ? -5.509  3.517   7.329   1.00 41.78 ? 137 THR A CA  1 
ATOM   610 C C   . THR A 1 88  ? -6.756  3.356   6.469   1.00 40.58 ? 137 THR A C   1 
ATOM   611 O O   . THR A 1 88  ? -7.209  4.300   5.820   1.00 39.73 ? 137 THR A O   1 
ATOM   612 C CB  . THR A 1 88  ? -5.874  4.186   8.661   1.00 43.04 ? 137 THR A CB  1 
ATOM   613 O OG1 . THR A 1 88  ? -4.713  4.214   9.496   1.00 46.45 ? 137 THR A OG1 1 
ATOM   614 C CG2 . THR A 1 88  ? -6.981  3.419   9.365   1.00 42.35 ? 137 THR A CG2 1 
ATOM   615 N N   . ALA A 1 89  ? -7.304  2.150   6.453   1.00 39.42 ? 138 ALA A N   1 
ATOM   616 C CA  . ALA A 1 89  ? -8.484  1.892   5.652   1.00 38.64 ? 138 ALA A CA  1 
ATOM   617 C C   . ALA A 1 89  ? -9.628  1.431   6.511   1.00 39.35 ? 138 ALA A C   1 
ATOM   618 O O   . ALA A 1 89  ? -9.495  0.506   7.312   1.00 37.81 ? 138 ALA A O   1 
ATOM   619 C CB  . ALA A 1 89  ? -8.185  0.851   4.599   1.00 38.29 ? 138 ALA A CB  1 
ATOM   620 N N   . THR A 1 90  ? -10.762 2.097   6.342   1.00 40.00 ? 139 THR A N   1 
ATOM   621 C CA  . THR A 1 90  ? -11.950 1.749   7.093   1.00 39.26 ? 139 THR A CA  1 
ATOM   622 C C   . THR A 1 90  ? -13.106 1.492   6.163   1.00 40.52 ? 139 THR A C   1 
ATOM   623 O O   . THR A 1 90  ? -13.438 2.310   5.304   1.00 40.26 ? 139 THR A O   1 
ATOM   624 C CB  . THR A 1 90  ? -12.356 2.850   8.044   1.00 39.49 ? 139 THR A CB  1 
ATOM   625 O OG1 . THR A 1 90  ? -11.215 3.260   8.804   1.00 39.04 ? 139 THR A OG1 1 
ATOM   626 C CG2 . THR A 1 90  ? -13.458 2.343   8.982   1.00 37.72 ? 139 THR A CG2 1 
ATOM   627 N N   . GLN A 1 91  ? -13.718 0.338   6.358   1.00 41.81 ? 140 GLN A N   1 
ATOM   628 C CA  . GLN A 1 91  ? -14.846 -0.075  5.554   1.00 42.05 ? 140 GLN A CA  1 
ATOM   629 C C   . GLN A 1 91  ? -16.132 0.287   6.269   1.00 42.27 ? 140 GLN A C   1 
ATOM   630 O O   . GLN A 1 91  ? -16.208 0.293   7.497   1.00 38.82 ? 140 GLN A O   1 
ATOM   631 C CB  . GLN A 1 91  ? -14.796 -1.588  5.335   1.00 41.92 ? 140 GLN A CB  1 
ATOM   632 C CG  . GLN A 1 91  ? -15.809 -2.123  4.351   1.00 41.92 ? 140 GLN A CG  1 
ATOM   633 C CD  . GLN A 1 91  ? -16.093 -3.593  4.563   1.00 44.61 ? 140 GLN A CD  1 
ATOM   634 O OE1 . GLN A 1 91  ? -16.794 -3.960  5.503   1.00 45.39 ? 140 GLN A OE1 1 
ATOM   635 N NE2 . GLN A 1 91  ? -15.545 -4.445  3.697   1.00 42.09 ? 140 GLN A NE2 1 
ATOM   636 N N   . THR A 1 92  ? -17.136 0.604   5.468   1.00 46.00 ? 141 THR A N   1 
ATOM   637 C CA  . THR A 1 92  ? -18.466 0.945   5.946   1.00 48.39 ? 141 THR A CA  1 
ATOM   638 C C   . THR A 1 92  ? -19.381 0.202   4.985   1.00 49.78 ? 141 THR A C   1 
ATOM   639 O O   . THR A 1 92  ? -19.374 0.473   3.787   1.00 49.75 ? 141 THR A O   1 
ATOM   640 C CB  . THR A 1 92  ? -18.743 2.451   5.827   1.00 48.04 ? 141 THR A CB  1 
ATOM   641 O OG1 . THR A 1 92  ? -17.822 3.185   6.647   1.00 49.31 ? 141 THR A OG1 1 
ATOM   642 C CG2 . THR A 1 92  ? -20.164 2.750   6.259   1.00 48.20 ? 141 THR A CG2 1 
ATOM   643 N N   . ASP A 1 93  ? -20.144 -0.755  5.490   1.00 51.04 ? 142 ASP A N   1 
ATOM   644 C CA  . ASP A 1 93  ? -21.040 -1.510  4.619   1.00 53.75 ? 142 ASP A CA  1 
ATOM   645 C C   . ASP A 1 93  ? -22.389 -0.813  4.479   1.00 54.87 ? 142 ASP A C   1 
ATOM   646 O O   . ASP A 1 93  ? -22.636 0.221   5.106   1.00 52.80 ? 142 ASP A O   1 
ATOM   647 C CB  . ASP A 1 93  ? -21.251 -2.929  5.169   1.00 53.32 ? 142 ASP A CB  1 
ATOM   648 C CG  . ASP A 1 93  ? -21.887 -2.937  6.561   1.00 54.91 ? 142 ASP A CG  1 
ATOM   649 O OD1 . ASP A 1 93  ? -21.821 -3.996  7.221   1.00 55.26 ? 142 ASP A OD1 1 
ATOM   650 O OD2 . ASP A 1 93  ? -22.452 -1.902  6.995   1.00 55.23 ? 142 ASP A OD2 1 
ATOM   651 N N   . THR A 1 94  ? -23.245 -1.371  3.628   1.00 57.91 ? 143 THR A N   1 
ATOM   652 C CA  . THR A 1 94  ? -24.592 -0.831  3.447   1.00 61.19 ? 143 THR A CA  1 
ATOM   653 C C   . THR A 1 94  ? -25.295 -1.279  4.741   1.00 62.18 ? 143 THR A C   1 
ATOM   654 O O   . THR A 1 94  ? -25.641 -2.462  4.904   1.00 62.90 ? 143 THR A O   1 
ATOM   655 C CB  . THR A 1 94  ? -25.292 -1.438  2.186   1.00 62.10 ? 143 THR A CB  1 
ATOM   656 O OG1 . THR A 1 94  ? -25.235 -2.875  2.235   1.00 63.50 ? 143 THR A OG1 1 
ATOM   657 C CG2 . THR A 1 94  ? -24.607 -0.944  0.904   1.00 61.12 ? 143 THR A CG2 1 
ATOM   658 N N   . ALA A 1 95  ? -25.451 -0.332  5.665   1.00 61.41 ? 144 ALA A N   1 
ATOM   659 C CA  . ALA A 1 95  ? -26.036 -0.585  6.976   1.00 60.92 ? 144 ALA A CA  1 
ATOM   660 C C   . ALA A 1 95  ? -25.341 0.385   7.923   1.00 61.18 ? 144 ALA A C   1 
ATOM   661 O O   . ALA A 1 95  ? -25.908 0.809   8.937   1.00 62.61 ? 144 ALA A O   1 
ATOM   662 C CB  . ALA A 1 95  ? -25.766 -2.027  7.434   1.00 59.36 ? 144 ALA A CB  1 
ATOM   663 N N   . GLY A 1 96  ? -24.099 0.725   7.591   1.00 60.23 ? 145 GLY A N   1 
ATOM   664 C CA  . GLY A 1 96  ? -23.359 1.657   8.417   1.00 58.16 ? 145 GLY A CA  1 
ATOM   665 C C   . GLY A 1 96  ? -22.353 1.031   9.355   1.00 56.23 ? 145 GLY A C   1 
ATOM   666 O O   . GLY A 1 96  ? -21.696 1.752   10.112  1.00 56.93 ? 145 GLY A O   1 
ATOM   667 N N   . ALA A 1 97  ? -22.225 -0.295  9.321   1.00 53.50 ? 146 ALA A N   1 
ATOM   668 C CA  . ALA A 1 97  ? -21.261 -0.995  10.175  1.00 51.04 ? 146 ALA A CA  1 
ATOM   669 C C   . ALA A 1 97  ? -19.822 -0.713  9.712   1.00 49.53 ? 146 ALA A C   1 
ATOM   670 O O   . ALA A 1 97  ? -19.492 -0.894  8.530   1.00 48.45 ? 146 ALA A O   1 
ATOM   671 C CB  . ALA A 1 97  ? -21.536 -2.486  10.143  1.00 50.15 ? 146 ALA A CB  1 
ATOM   672 N N   . LYS A 1 98  ? -18.974 -0.276  10.644  1.00 47.73 ? 147 LYS A N   1 
ATOM   673 C CA  . LYS A 1 98  ? -17.577 0.051   10.336  1.00 46.10 ? 147 LYS A CA  1 
ATOM   674 C C   . LYS A 1 98  ? -16.565 -1.025  10.708  1.00 44.41 ? 147 LYS A C   1 
ATOM   675 O O   . LYS A 1 98  ? -16.753 -1.761  11.670  1.00 44.40 ? 147 LYS A O   1 
ATOM   676 C CB  . LYS A 1 98  ? -17.151 1.325   11.058  1.00 46.21 ? 147 LYS A CB  1 
ATOM   677 C CG  . LYS A 1 98  ? -17.773 2.605   10.589  1.00 46.76 ? 147 LYS A CG  1 
ATOM   678 C CD  . LYS A 1 98  ? -17.130 3.769   11.351  1.00 49.83 ? 147 LYS A CD  1 
ATOM   679 C CE  . LYS A 1 98  ? -17.814 5.083   11.042  1.00 51.61 ? 147 LYS A CE  1 
ATOM   680 N NZ  . LYS A 1 98  ? -18.090 5.233   9.575   1.00 53.21 ? 147 LYS A NZ  1 
ATOM   681 N N   . SER A 1 99  ? -15.480 -1.092  9.946   1.00 43.07 ? 148 SER A N   1 
ATOM   682 C CA  . SER A 1 99  ? -14.406 -2.041  10.219  1.00 43.04 ? 148 SER A CA  1 
ATOM   683 C C   . SER A 1 99  ? -13.080 -1.619  9.568   1.00 42.25 ? 148 SER A C   1 
ATOM   684 O O   . SER A 1 99  ? -13.060 -0.975  8.514   1.00 40.70 ? 148 SER A O   1 
ATOM   685 C CB  . SER A 1 99  ? -14.799 -3.458  9.769   1.00 43.39 ? 148 SER A CB  1 
ATOM   686 O OG  . SER A 1 99  ? -14.969 -3.547  8.370   1.00 44.29 ? 148 SER A OG  1 
ATOM   687 N N   . LYS A 1 100 ? -11.974 -1.959  10.223  1.00 42.35 ? 149 LYS A N   1 
ATOM   688 C CA  . LYS A 1 100 ? -10.647 -1.638  9.707   1.00 43.52 ? 149 LYS A CA  1 
ATOM   689 C C   . LYS A 1 100 ? -10.179 -2.786  8.831   1.00 42.07 ? 149 LYS A C   1 
ATOM   690 O O   . LYS A 1 100 ? -10.282 -3.948  9.209   1.00 41.24 ? 149 LYS A O   1 
ATOM   691 C CB  . LYS A 1 100 ? -9.657  -1.414  10.860  1.00 44.51 ? 149 LYS A CB  1 
ATOM   692 C CG  . LYS A 1 100 ? -9.182  0.036   10.998  1.00 48.88 ? 149 LYS A CG  1 
ATOM   693 C CD  . LYS A 1 100 ? -8.304  0.279   12.247  1.00 53.03 ? 149 LYS A CD  1 
ATOM   694 C CE  . LYS A 1 100 ? -6.880  -0.338  12.159  1.00 53.76 ? 149 LYS A CE  1 
ATOM   695 N NZ  . LYS A 1 100 ? -5.902  0.330   11.215  1.00 54.37 ? 149 LYS A NZ  1 
ATOM   696 N N   . LEU A 1 101 ? -9.683  -2.457  7.647   1.00 41.58 ? 150 LEU A N   1 
ATOM   697 C CA  . LEU A 1 101 ? -9.203  -3.473  6.719   1.00 42.19 ? 150 LEU A CA  1 
ATOM   698 C C   . LEU A 1 101 ? -7.691  -3.368  6.555   1.00 41.60 ? 150 LEU A C   1 
ATOM   699 O O   . LEU A 1 101 ? -7.131  -2.280  6.660   1.00 40.49 ? 150 LEU A O   1 
ATOM   700 C CB  . LEU A 1 101 ? -9.865  -3.299  5.356   1.00 42.67 ? 150 LEU A CB  1 
ATOM   701 C CG  . LEU A 1 101 ? -11.390 -3.210  5.266   1.00 43.46 ? 150 LEU A CG  1 
ATOM   702 C CD1 . LEU A 1 101 ? -11.753 -2.815  3.853   1.00 41.79 ? 150 LEU A CD1 1 
ATOM   703 C CD2 . LEU A 1 101 ? -12.051 -4.529  5.654   1.00 41.41 ? 150 LEU A CD2 1 
ATOM   704 N N   . ALA A 1 102 ? -7.041  -4.502  6.295   1.00 41.88 ? 151 ALA A N   1 
ATOM   705 C CA  . ALA A 1 102 ? -5.592  -4.546  6.106   1.00 40.52 ? 151 ALA A CA  1 
ATOM   706 C C   . ALA A 1 102 ? -5.220  -3.932  4.771   1.00 39.41 ? 151 ALA A C   1 
ATOM   707 O O   . ALA A 1 102 ? -5.840  -4.219  3.757   1.00 39.01 ? 151 ALA A O   1 
ATOM   708 C CB  . ALA A 1 102 ? -5.102  -5.975  6.159   1.00 39.77 ? 151 ALA A CB  1 
ATOM   709 N N   . THR A 1 103 ? -4.199  -3.089  4.773   1.00 39.22 ? 152 THR A N   1 
ATOM   710 C CA  . THR A 1 103 ? -3.761  -2.438  3.548   1.00 41.10 ? 152 THR A CA  1 
ATOM   711 C C   . THR A 1 103 ? -2.561  -3.127  2.912   1.00 42.25 ? 152 THR A C   1 
ATOM   712 O O   . THR A 1 103 ? -1.619  -3.515  3.600   1.00 41.65 ? 152 THR A O   1 
ATOM   713 C CB  . THR A 1 103 ? -3.397  -0.965  3.812   1.00 40.12 ? 152 THR A CB  1 
ATOM   714 O OG1 . THR A 1 103 ? -2.762  -0.853  5.091   1.00 41.39 ? 152 THR A OG1 1 
ATOM   715 C CG2 . THR A 1 103 ? -4.632  -0.097  3.796   1.00 40.93 ? 152 THR A CG2 1 
ATOM   716 N N   . TYR A 1 104 ? -2.614  -3.285  1.592   1.00 42.57 ? 153 TYR A N   1 
ATOM   717 C CA  . TYR A 1 104 ? -1.525  -3.897  0.838   1.00 43.43 ? 153 TYR A CA  1 
ATOM   718 C C   . TYR A 1 104 ? -1.057  -2.868  -0.154  1.00 43.99 ? 153 TYR A C   1 
ATOM   719 O O   . TYR A 1 104 ? -1.821  -2.402  -0.996  1.00 44.00 ? 153 TYR A O   1 
ATOM   720 C CB  . TYR A 1 104 ? -1.980  -5.166  0.102   1.00 45.16 ? 153 TYR A CB  1 
ATOM   721 C CG  . TYR A 1 104 ? -2.540  -6.218  1.032   1.00 47.21 ? 153 TYR A CG  1 
ATOM   722 C CD1 . TYR A 1 104 ? -3.838  -6.099  1.542   1.00 47.23 ? 153 TYR A CD1 1 
ATOM   723 C CD2 . TYR A 1 104 ? -1.756  -7.285  1.469   1.00 46.62 ? 153 TYR A CD2 1 
ATOM   724 C CE1 . TYR A 1 104 ? -4.340  -7.012  2.472   1.00 48.59 ? 153 TYR A CE1 1 
ATOM   725 C CE2 . TYR A 1 104 ? -2.247  -8.207  2.403   1.00 47.71 ? 153 TYR A CE2 1 
ATOM   726 C CZ  . TYR A 1 104 ? -3.540  -8.062  2.904   1.00 49.11 ? 153 TYR A CZ  1 
ATOM   727 O OH  . TYR A 1 104 ? -4.034  -8.935  3.860   1.00 50.21 ? 153 TYR A OH  1 
ATOM   728 N N   . VAL A 1 105 ? 0.211   -2.506  -0.047  1.00 45.36 ? 154 VAL A N   1 
ATOM   729 C CA  . VAL A 1 105 ? 0.771   -1.495  -0.919  1.00 46.00 ? 154 VAL A CA  1 
ATOM   730 C C   . VAL A 1 105 ? 1.519   -2.058  -2.099  1.00 46.89 ? 154 VAL A C   1 
ATOM   731 O O   . VAL A 1 105 ? 2.227   -3.064  -1.981  1.00 45.84 ? 154 VAL A O   1 
ATOM   732 C CB  . VAL A 1 105 ? 1.727   -0.592  -0.142  1.00 45.62 ? 154 VAL A CB  1 
ATOM   733 C CG1 . VAL A 1 105 ? 2.305   0.459   -1.054  1.00 44.20 ? 154 VAL A CG1 1 
ATOM   734 C CG2 . VAL A 1 105 ? 0.997   0.033   1.013   1.00 45.19 ? 154 VAL A CG2 1 
ATOM   735 N N   . ASP A 1 106 ? 1.355   -1.399  -3.240  1.00 48.68 ? 155 ASP A N   1 
ATOM   736 C CA  . ASP A 1 106 ? 2.055   -1.811  -4.440  1.00 51.36 ? 155 ASP A CA  1 
ATOM   737 C C   . ASP A 1 106 ? 3.354   -1.014  -4.546  1.00 51.64 ? 155 ASP A C   1 
ATOM   738 O O   . ASP A 1 106 ? 3.348   0.215   -4.412  1.00 52.75 ? 155 ASP A O   1 
ATOM   739 C CB  . ASP A 1 106 ? 1.207   -1.577  -5.682  1.00 53.86 ? 155 ASP A CB  1 
ATOM   740 C CG  . ASP A 1 106 ? 1.949   -1.953  -6.959  1.00 57.69 ? 155 ASP A CG  1 
ATOM   741 O OD1 . ASP A 1 106 ? 2.845   -1.178  -7.379  1.00 59.67 ? 155 ASP A OD1 1 
ATOM   742 O OD2 . ASP A 1 106 ? 1.654   -3.031  -7.525  1.00 58.29 ? 155 ASP A OD2 1 
ATOM   743 N N   . ALA A 1 107 ? 4.458   -1.717  -4.791  1.00 50.53 ? 156 ALA A N   1 
ATOM   744 C CA  . ALA A 1 107 ? 5.759   -1.079  -4.884  1.00 50.17 ? 156 ALA A CA  1 
ATOM   745 C C   . ALA A 1 107 ? 6.681   -1.808  -5.828  1.00 50.10 ? 156 ALA A C   1 
ATOM   746 O O   . ALA A 1 107 ? 6.617   -3.031  -5.962  1.00 49.76 ? 156 ALA A O   1 
ATOM   747 C CB  . ALA A 1 107 ? 6.407   -1.013  -3.511  1.00 50.05 ? 156 ALA A CB  1 
ATOM   748 N N   . PRO A 1 108 ? 7.572   -1.061  -6.488  1.00 49.84 ? 157 PRO A N   1 
ATOM   749 C CA  . PRO A 1 108 ? 8.524   -1.645  -7.430  1.00 49.59 ? 157 PRO A CA  1 
ATOM   750 C C   . PRO A 1 108 ? 9.705   -2.310  -6.709  1.00 49.50 ? 157 PRO A C   1 
ATOM   751 O O   . PRO A 1 108 ? 10.321  -1.719  -5.818  1.00 47.07 ? 157 PRO A O   1 
ATOM   752 C CB  . PRO A 1 108 ? 8.932   -0.444  -8.270  1.00 48.59 ? 157 PRO A CB  1 
ATOM   753 C CG  . PRO A 1 108 ? 8.956   0.649   -7.263  1.00 48.66 ? 157 PRO A CG  1 
ATOM   754 C CD  . PRO A 1 108 ? 7.698   0.408   -6.458  1.00 49.08 ? 157 PRO A CD  1 
ATOM   755 N N   . VAL A 1 109 ? 9.993   -3.553  -7.089  1.00 50.57 ? 158 VAL A N   1 
ATOM   756 C CA  . VAL A 1 109 ? 11.099  -4.312  -6.507  1.00 51.40 ? 158 VAL A CA  1 
ATOM   757 C C   . VAL A 1 109 ? 12.381  -3.828  -7.169  1.00 51.99 ? 158 VAL A C   1 
ATOM   758 O O   . VAL A 1 109 ? 12.799  -4.377  -8.193  1.00 51.79 ? 158 VAL A O   1 
ATOM   759 C CB  . VAL A 1 109 ? 10.955  -5.814  -6.787  1.00 51.36 ? 158 VAL A CB  1 
ATOM   760 C CG1 . VAL A 1 109 ? 12.113  -6.566  -6.168  1.00 50.94 ? 158 VAL A CG1 1 
ATOM   761 C CG2 . VAL A 1 109 ? 9.629   -6.321  -6.250  1.00 49.69 ? 158 VAL A CG2 1 
ATOM   762 N N   . ASP A 1 110 ? 12.993  -2.801  -6.587  1.00 52.69 ? 159 ASP A N   1 
ATOM   763 C CA  . ASP A 1 110 ? 14.209  -2.222  -7.135  1.00 53.48 ? 159 ASP A CA  1 
ATOM   764 C C   . ASP A 1 110 ? 15.332  -3.239  -7.270  1.00 53.09 ? 159 ASP A C   1 
ATOM   765 O O   . ASP A 1 110 ? 16.089  -3.219  -8.248  1.00 52.95 ? 159 ASP A O   1 
ATOM   766 C CB  . ASP A 1 110 ? 14.682  -1.050  -6.278  1.00 55.71 ? 159 ASP A CB  1 
ATOM   767 C CG  . ASP A 1 110 ? 15.959  -0.417  -6.817  1.00 58.50 ? 159 ASP A CG  1 
ATOM   768 O OD1 . ASP A 1 110 ? 15.941  0.088   -7.966  1.00 58.91 ? 159 ASP A OD1 1 
ATOM   769 O OD2 . ASP A 1 110 ? 16.984  -0.437  -6.093  1.00 59.88 ? 159 ASP A OD2 1 
ATOM   770 N N   . SER A 1 111 ? 15.444  -4.128  -6.291  1.00 51.86 ? 160 SER A N   1 
ATOM   771 C CA  . SER A 1 111 ? 16.481  -5.149  -6.328  1.00 51.05 ? 160 SER A CA  1 
ATOM   772 C C   . SER A 1 111 ? 16.267  -6.172  -5.234  1.00 50.52 ? 160 SER A C   1 
ATOM   773 O O   . SER A 1 111 ? 15.415  -6.007  -4.361  1.00 50.45 ? 160 SER A O   1 
ATOM   774 C CB  . SER A 1 111 ? 17.860  -4.515  -6.158  1.00 50.93 ? 160 SER A CB  1 
ATOM   775 O OG  . SER A 1 111 ? 17.987  -3.927  -4.874  1.00 48.69 ? 160 SER A OG  1 
ATOM   776 N N   . VAL A 1 112 ? 17.056  -7.233  -5.287  1.00 50.26 ? 161 VAL A N   1 
ATOM   777 C CA  . VAL A 1 112 ? 16.959  -8.286  -4.293  1.00 51.26 ? 161 VAL A CA  1 
ATOM   778 C C   . VAL A 1 112 ? 18.323  -8.523  -3.666  1.00 51.38 ? 161 VAL A C   1 
ATOM   779 O O   . VAL A 1 112 ? 19.352  -8.488  -4.346  1.00 50.93 ? 161 VAL A O   1 
ATOM   780 C CB  . VAL A 1 112 ? 16.438  -9.604  -4.925  1.00 50.78 ? 161 VAL A CB  1 
ATOM   781 C CG1 . VAL A 1 112 ? 16.799  -10.792 -4.046  1.00 50.91 ? 161 VAL A CG1 1 
ATOM   782 C CG2 . VAL A 1 112 ? 14.935  -9.528  -5.095  1.00 51.27 ? 161 VAL A CG2 1 
ATOM   783 N N   . THR A 1 113 ? 18.325  -8.744  -2.359  1.00 51.45 ? 162 THR A N   1 
ATOM   784 C CA  . THR A 1 113 ? 19.556  -9.009  -1.647  1.00 51.74 ? 162 THR A CA  1 
ATOM   785 C C   . THR A 1 113 ? 19.452  -10.317 -0.890  1.00 53.84 ? 162 THR A C   1 
ATOM   786 O O   . THR A 1 113 ? 18.420  -10.648 -0.306  1.00 53.07 ? 162 THR A O   1 
ATOM   787 C CB  . THR A 1 113 ? 19.905  -7.883  -0.661  1.00 50.42 ? 162 THR A CB  1 
ATOM   788 O OG1 . THR A 1 113 ? 20.320  -6.718  -1.391  1.00 49.22 ? 162 THR A OG1 1 
ATOM   789 C CG2 . THR A 1 113 ? 21.020  -8.328  0.269   1.00 46.47 ? 162 THR A CG2 1 
ATOM   790 N N   . ILE A 1 114 ? 20.539  -11.071 -0.924  1.00 56.67 ? 163 ILE A N   1 
ATOM   791 C CA  . ILE A 1 114 ? 20.597  -12.344 -0.243  1.00 58.41 ? 163 ILE A CA  1 
ATOM   792 C C   . ILE A 1 114 ? 21.736  -12.263 0.756   1.00 60.73 ? 163 ILE A C   1 
ATOM   793 O O   . ILE A 1 114 ? 22.917  -12.286 0.386   1.00 61.04 ? 163 ILE A O   1 
ATOM   794 C CB  . ILE A 1 114 ? 20.863  -13.466 -1.225  1.00 57.00 ? 163 ILE A CB  1 
ATOM   795 C CG1 . ILE A 1 114 ? 19.919  -13.327 -2.423  1.00 56.72 ? 163 ILE A CG1 1 
ATOM   796 C CG2 . ILE A 1 114 ? 20.663  -14.788 -0.526  1.00 56.99 ? 163 ILE A CG2 1 
ATOM   797 C CD1 . ILE A 1 114 ? 20.197  -14.280 -3.541  1.00 56.05 ? 163 ILE A CD1 1 
ATOM   798 N N   . GLY A 1 115 ? 21.365  -12.138 2.027   1.00 63.24 ? 164 GLY A N   1 
ATOM   799 C CA  . GLY A 1 115 ? 22.351  -12.045 3.082   1.00 65.41 ? 164 GLY A CA  1 
ATOM   800 C C   . GLY A 1 115 ? 22.287  -13.278 3.951   1.00 67.21 ? 164 GLY A C   1 
ATOM   801 O O   . GLY A 1 115 ? 21.657  -14.273 3.574   1.00 67.06 ? 164 GLY A O   1 
ATOM   802 N N   . SER A 1 116 ? 22.938  -13.212 5.109   1.00 68.72 ? 165 SER A N   1 
ATOM   803 C CA  . SER A 1 116 ? 22.957  -14.331 6.043   1.00 70.42 ? 165 SER A CA  1 
ATOM   804 C C   . SER A 1 116 ? 21.551  -14.681 6.530   1.00 72.39 ? 165 SER A C   1 
ATOM   805 O O   . SER A 1 116 ? 21.240  -15.855 6.769   1.00 72.92 ? 165 SER A O   1 
ATOM   806 C CB  . SER A 1 116 ? 23.857  -14.003 7.245   1.00 69.89 ? 165 SER A CB  1 
ATOM   807 O OG  . SER A 1 116 ? 23.414  -12.864 7.962   1.00 68.60 ? 165 SER A OG  1 
ATOM   808 N N   . ASP A 1 117 ? 20.698  -13.663 6.647   1.00 73.53 ? 166 ASP A N   1 
ATOM   809 C CA  . ASP A 1 117 ? 19.333  -13.847 7.138   1.00 74.44 ? 166 ASP A CA  1 
ATOM   810 C C   . ASP A 1 117 ? 18.287  -14.161 6.078   1.00 73.39 ? 166 ASP A C   1 
ATOM   811 O O   . ASP A 1 117 ? 17.098  -13.901 6.290   1.00 73.84 ? 166 ASP A O   1 
ATOM   812 C CB  . ASP A 1 117 ? 18.879  -12.601 7.905   1.00 77.29 ? 166 ASP A CB  1 
ATOM   813 C CG  . ASP A 1 117 ? 19.874  -12.171 8.965   1.00 80.03 ? 166 ASP A CG  1 
ATOM   814 O OD1 . ASP A 1 117 ? 20.558  -13.056 9.549   1.00 80.38 ? 166 ASP A OD1 1 
ATOM   815 O OD2 . ASP A 1 117 ? 19.955  -10.943 9.221   1.00 82.20 ? 166 ASP A OD2 1 
ATOM   816 N N   . GLY A 1 118 ? 18.714  -14.712 4.948   1.00 71.60 ? 167 GLY A N   1 
ATOM   817 C CA  . GLY A 1 118 ? 17.766  -15.031 3.893   1.00 69.06 ? 167 GLY A CA  1 
ATOM   818 C C   . GLY A 1 118 ? 17.715  -13.970 2.807   1.00 67.10 ? 167 GLY A C   1 
ATOM   819 O O   . GLY A 1 118 ? 18.528  -13.038 2.795   1.00 67.76 ? 167 GLY A O   1 
ATOM   820 N N   . LEU A 1 119 ? 16.752  -14.108 1.899   1.00 64.78 ? 168 LEU A N   1 
ATOM   821 C CA  . LEU A 1 119 ? 16.599  -13.176 0.790   1.00 62.99 ? 168 LEU A CA  1 
ATOM   822 C C   . LEU A 1 119 ? 15.594  -12.049 1.071   1.00 62.54 ? 168 LEU A C   1 
ATOM   823 O O   . LEU A 1 119 ? 14.491  -12.285 1.580   1.00 61.70 ? 168 LEU A O   1 
ATOM   824 C CB  . LEU A 1 119 ? 16.201  -13.950 -0.466  1.00 61.48 ? 168 LEU A CB  1 
ATOM   825 C CG  . LEU A 1 119 ? 16.161  -13.151 -1.766  1.00 62.29 ? 168 LEU A CG  1 
ATOM   826 C CD1 . LEU A 1 119 ? 16.142  -14.116 -2.952  1.00 61.84 ? 168 LEU A CD1 1 
ATOM   827 C CD2 . LEU A 1 119 ? 14.947  -12.242 -1.787  1.00 61.96 ? 168 LEU A CD2 1 
ATOM   828 N N   . TYR A 1 120 ? 15.991  -10.824 0.719   1.00 62.24 ? 169 TYR A N   1 
ATOM   829 C CA  . TYR A 1 120 ? 15.169  -9.638  0.925   1.00 61.74 ? 169 TYR A CA  1 
ATOM   830 C C   . TYR A 1 120 ? 14.961  -8.804  -0.322  1.00 60.08 ? 169 TYR A C   1 
ATOM   831 O O   . TYR A 1 120 ? 15.838  -8.708  -1.177  1.00 60.60 ? 169 TYR A O   1 
ATOM   832 C CB  . TYR A 1 120 ? 15.787  -8.763  2.015   1.00 65.14 ? 169 TYR A CB  1 
ATOM   833 C CG  . TYR A 1 120 ? 15.777  -9.454  3.350   1.00 69.86 ? 169 TYR A CG  1 
ATOM   834 C CD1 . TYR A 1 120 ? 16.723  -10.442 3.651   1.00 71.72 ? 169 TYR A CD1 1 
ATOM   835 C CD2 . TYR A 1 120 ? 14.740  -9.220  4.266   1.00 71.55 ? 169 TYR A CD2 1 
ATOM   836 C CE1 . TYR A 1 120 ? 16.631  -11.198 4.829   1.00 74.13 ? 169 TYR A CE1 1 
ATOM   837 C CE2 . TYR A 1 120 ? 14.633  -9.965  5.444   1.00 73.88 ? 169 TYR A CE2 1 
ATOM   838 C CZ  . TYR A 1 120 ? 15.580  -10.959 5.718   1.00 75.29 ? 169 TYR A CZ  1 
ATOM   839 O OH  . TYR A 1 120 ? 15.449  -11.739 6.855   1.00 77.10 ? 169 TYR A OH  1 
ATOM   840 N N   . LEU A 1 121 ? 13.782  -8.202  -0.425  1.00 58.55 ? 170 LEU A N   1 
ATOM   841 C CA  . LEU A 1 121 ? 13.460  -7.358  -1.565  1.00 56.35 ? 170 LEU A CA  1 
ATOM   842 C C   . LEU A 1 121 ? 13.672  -5.926  -1.134  1.00 55.05 ? 170 LEU A C   1 
ATOM   843 O O   . LEU A 1 121 ? 13.314  -5.540  -0.019  1.00 53.67 ? 170 LEU A O   1 
ATOM   844 C CB  . LEU A 1 121 ? 12.003  -7.523  -1.990  1.00 56.44 ? 170 LEU A CB  1 
ATOM   845 C CG  . LEU A 1 121 ? 11.411  -8.922  -2.057  1.00 57.21 ? 170 LEU A CG  1 
ATOM   846 C CD1 . LEU A 1 121 ? 10.129  -8.861  -2.873  1.00 57.66 ? 170 LEU A CD1 1 
ATOM   847 C CD2 . LEU A 1 121 ? 12.397  -9.877  -2.698  1.00 58.14 ? 170 LEU A CD2 1 
ATOM   848 N N   . ASN A 1 122 ? 14.260  -5.143  -2.025  1.00 53.72 ? 171 ASN A N   1 
ATOM   849 C CA  . ASN A 1 122 ? 14.511  -3.743  -1.751  1.00 52.15 ? 171 ASN A CA  1 
ATOM   850 C C   . ASN A 1 122 ? 13.456  -2.999  -2.534  1.00 50.81 ? 171 ASN A C   1 
ATOM   851 O O   . ASN A 1 122 ? 13.576  -2.791  -3.744  1.00 49.34 ? 171 ASN A O   1 
ATOM   852 C CB  . ASN A 1 122 ? 15.927  -3.385  -2.194  1.00 51.31 ? 171 ASN A CB  1 
ATOM   853 C CG  . ASN A 1 122 ? 16.953  -4.325  -1.596  1.00 51.29 ? 171 ASN A CG  1 
ATOM   854 O OD1 . ASN A 1 122 ? 17.008  -4.502  -0.377  1.00 50.47 ? 171 ASN A OD1 1 
ATOM   855 N ND2 . ASN A 1 122 ? 17.758  -4.954  -2.452  1.00 51.48 ? 171 ASN A ND2 1 
ATOM   856 N N   . LEU A 1 123 ? 12.397  -2.644  -1.816  1.00 50.17 ? 172 LEU A N   1 
ATOM   857 C CA  . LEU A 1 123 ? 11.253  -1.955  -2.384  1.00 49.60 ? 172 LEU A CA  1 
ATOM   858 C C   . LEU A 1 123 ? 11.475  -0.457  -2.450  1.00 50.00 ? 172 LEU A C   1 
ATOM   859 O O   . LEU A 1 123 ? 11.786  0.185   -1.446  1.00 49.56 ? 172 LEU A O   1 
ATOM   860 C CB  . LEU A 1 123 ? 10.021  -2.279  -1.552  1.00 48.93 ? 172 LEU A CB  1 
ATOM   861 C CG  . LEU A 1 123 ? 9.834   -3.780  -1.333  1.00 49.86 ? 172 LEU A CG  1 
ATOM   862 C CD1 . LEU A 1 123 ? 8.671   -3.994  -0.396  1.00 50.19 ? 172 LEU A CD1 1 
ATOM   863 C CD2 . LEU A 1 123 ? 9.601   -4.497  -2.665  1.00 47.92 ? 172 LEU A CD2 1 
ATOM   864 N N   . THR A 1 124 ? 11.317  0.091   -3.649  1.00 50.25 ? 173 THR A N   1 
ATOM   865 C CA  . THR A 1 124 ? 11.512  1.508   -3.881  1.00 51.87 ? 173 THR A CA  1 
ATOM   866 C C   . THR A 1 124 ? 10.522  2.344   -3.087  1.00 52.08 ? 173 THR A C   1 
ATOM   867 O O   . THR A 1 124 ? 9.308   2.191   -3.229  1.00 52.23 ? 173 THR A O   1 
ATOM   868 C CB  . THR A 1 124 ? 11.361  1.838   -5.363  1.00 53.37 ? 173 THR A CB  1 
ATOM   869 O OG1 . THR A 1 124 ? 12.149  0.918   -6.132  1.00 55.64 ? 173 THR A OG1 1 
ATOM   870 C CG2 . THR A 1 124 ? 11.832  3.257   -5.638  1.00 52.63 ? 173 THR A CG2 1 
ATOM   871 N N   . GLY A 1 125 ? 11.066  3.223   -2.247  1.00 51.98 ? 174 GLY A N   1 
ATOM   872 C CA  . GLY A 1 125 ? 10.254  4.084   -1.417  1.00 52.22 ? 174 GLY A CA  1 
ATOM   873 C C   . GLY A 1 125 ? 9.942   3.506   -0.045  1.00 52.90 ? 174 GLY A C   1 
ATOM   874 O O   . GLY A 1 125 ? 10.185  4.149   0.983   1.00 52.24 ? 174 GLY A O   1 
ATOM   875 N N   . LEU A 1 126 ? 9.403   2.287   -0.028  1.00 53.92 ? 175 LEU A N   1 
ATOM   876 C CA  . LEU A 1 126 ? 9.027   1.626   1.213   1.00 53.75 ? 175 LEU A CA  1 
ATOM   877 C C   . LEU A 1 126 ? 10.212  1.154   2.008   1.00 54.63 ? 175 LEU A C   1 
ATOM   878 O O   . LEU A 1 126 ? 10.291  1.392   3.206   1.00 56.38 ? 175 LEU A O   1 
ATOM   879 C CB  . LEU A 1 126 ? 8.120   0.434   0.931   1.00 52.34 ? 175 LEU A CB  1 
ATOM   880 C CG  . LEU A 1 126 ? 6.720   0.797   0.454   1.00 52.18 ? 175 LEU A CG  1 
ATOM   881 C CD1 . LEU A 1 126 ? 5.954   -0.458  0.101   1.00 51.82 ? 175 LEU A CD1 1 
ATOM   882 C CD2 . LEU A 1 126 ? 6.007   1.570   1.544   1.00 51.37 ? 175 LEU A CD2 1 
ATOM   883 N N   . GLY A 1 127 ? 11.132  0.472   1.345   1.00 54.71 ? 176 GLY A N   1 
ATOM   884 C CA  . GLY A 1 127 ? 12.291  -0.030  2.045   1.00 54.13 ? 176 GLY A CA  1 
ATOM   885 C C   . GLY A 1 127 ? 12.508  -1.519  1.860   1.00 54.00 ? 176 GLY A C   1 
ATOM   886 O O   . GLY A 1 127 ? 12.491  -2.045  0.744   1.00 54.59 ? 176 GLY A O   1 
ATOM   887 N N   . THR A 1 128 ? 12.701  -2.215  2.966   1.00 53.40 ? 177 THR A N   1 
ATOM   888 C CA  . THR A 1 128 ? 12.963  -3.637  2.900   1.00 53.59 ? 177 THR A CA  1 
ATOM   889 C C   . THR A 1 128 ? 11.773  -4.528  3.155   1.00 53.38 ? 177 THR A C   1 
ATOM   890 O O   . THR A 1 128 ? 10.844  -4.174  3.880   1.00 54.09 ? 177 THR A O   1 
ATOM   891 C CB  . THR A 1 128 ? 14.089  -4.025  3.881   1.00 54.00 ? 177 THR A CB  1 
ATOM   892 O OG1 . THR A 1 128 ? 15.261  -4.364  3.126   1.00 54.84 ? 177 THR A OG1 1 
ATOM   893 C CG2 . THR A 1 128 ? 13.661  -5.201  4.793   1.00 53.80 ? 177 THR A CG2 1 
ATOM   894 N N   . SER A 1 129 ? 11.820  -5.705  2.551   1.00 52.88 ? 178 SER A N   1 
ATOM   895 C CA  . SER A 1 129 ? 10.766  -6.661  2.732   1.00 52.75 ? 178 SER A CA  1 
ATOM   896 C C   . SER A 1 129 ? 11.246  -8.067  2.497   1.00 52.06 ? 178 SER A C   1 
ATOM   897 O O   . SER A 1 129 ? 11.848  -8.366  1.474   1.00 50.36 ? 178 SER A O   1 
ATOM   898 C CB  . SER A 1 129 ? 9.603   -6.380  1.788   1.00 53.37 ? 178 SER A CB  1 
ATOM   899 O OG  . SER A 1 129 ? 8.604   -7.375  1.956   1.00 55.05 ? 178 SER A OG  1 
ATOM   900 N N   . PRO A 1 130 ? 10.995  -8.954  3.460   1.00 52.76 ? 179 PRO A N   1 
ATOM   901 C CA  . PRO A 1 130 ? 11.424  -10.338 3.282   1.00 53.90 ? 179 PRO A CA  1 
ATOM   902 C C   . PRO A 1 130 ? 10.551  -11.028 2.226   1.00 55.26 ? 179 PRO A C   1 
ATOM   903 O O   . PRO A 1 130 ? 9.325   -10.861 2.194   1.00 54.84 ? 179 PRO A O   1 
ATOM   904 C CB  . PRO A 1 130 ? 11.233  -10.933 4.671   1.00 53.12 ? 179 PRO A CB  1 
ATOM   905 C CG  . PRO A 1 130 ? 10.087  -10.139 5.217   1.00 52.57 ? 179 PRO A CG  1 
ATOM   906 C CD  . PRO A 1 130 ? 10.453  -8.741  4.811   1.00 52.25 ? 179 PRO A CD  1 
ATOM   907 N N   . LEU A 1 131 ? 11.199  -11.763 1.335   1.00 56.29 ? 180 LEU A N   1 
ATOM   908 C CA  . LEU A 1 131 ? 10.487  -12.505 0.310   1.00 55.91 ? 180 LEU A CA  1 
ATOM   909 C C   . LEU A 1 131 ? 9.657   -13.450 1.168   1.00 56.49 ? 180 LEU A C   1 
ATOM   910 O O   . LEU A 1 131 ? 10.217  -14.312 1.855   1.00 59.11 ? 180 LEU A O   1 
ATOM   911 C CB  . LEU A 1 131 ? 11.497  -13.288 -0.535  1.00 55.78 ? 180 LEU A CB  1 
ATOM   912 C CG  . LEU A 1 131 ? 11.017  -14.098 -1.737  1.00 55.59 ? 180 LEU A CG  1 
ATOM   913 C CD1 . LEU A 1 131 ? 10.294  -15.354 -1.264  1.00 53.55 ? 180 LEU A CD1 1 
ATOM   914 C CD2 . LEU A 1 131 ? 10.123  -13.215 -2.603  1.00 54.53 ? 180 LEU A CD2 1 
ATOM   915 N N   . ALA A 1 132 ? 8.339   -13.267 1.160   1.00 54.00 ? 181 ALA A N   1 
ATOM   916 C CA  . ALA A 1 132 ? 7.429   -14.085 1.971   1.00 53.43 ? 181 ALA A CA  1 
ATOM   917 C C   . ALA A 1 132 ? 6.283   -13.183 2.356   1.00 53.51 ? 181 ALA A C   1 
ATOM   918 O O   . ALA A 1 132 ? 5.120   -13.596 2.354   1.00 53.36 ? 181 ALA A O   1 
ATOM   919 C CB  . ALA A 1 132 ? 8.116   -14.598 3.243   1.00 50.17 ? 181 ALA A CB  1 
ATOM   920 N N   . ASN A 1 133 ? 6.629   -11.946 2.700   1.00 53.84 ? 182 ASN A N   1 
ATOM   921 C CA  . ASN A 1 133 ? 5.640   -10.961 3.071   1.00 53.80 ? 182 ASN A CA  1 
ATOM   922 C C   . ASN A 1 133 ? 4.932   -10.540 1.806   1.00 54.23 ? 182 ASN A C   1 
ATOM   923 O O   . ASN A 1 133 ? 3.963   -9.798  1.854   1.00 54.46 ? 182 ASN A O   1 
ATOM   924 C CB  . ASN A 1 133 ? 6.288   -9.740  3.723   1.00 55.29 ? 182 ASN A CB  1 
ATOM   925 C CG  . ASN A 1 133 ? 6.790   -10.017 5.125   1.00 56.46 ? 182 ASN A CG  1 
ATOM   926 O OD1 . ASN A 1 133 ? 6.801   -9.133  5.969   1.00 56.62 ? 182 ASN A OD1 1 
ATOM   927 N ND2 . ASN A 1 133 ? 7.216   -11.248 5.376   1.00 57.49 ? 182 ASN A ND2 1 
ATOM   928 N N   . VAL A 1 134 ? 5.414   -11.021 0.664   1.00 54.34 ? 183 VAL A N   1 
ATOM   929 C CA  . VAL A 1 134 ? 4.792   -10.665 -0.605  1.00 54.83 ? 183 VAL A CA  1 
ATOM   930 C C   . VAL A 1 134 ? 3.431   -11.335 -0.761  1.00 55.78 ? 183 VAL A C   1 
ATOM   931 O O   . VAL A 1 134 ? 3.277   -12.526 -0.491  1.00 55.97 ? 183 VAL A O   1 
ATOM   932 C CB  . VAL A 1 134 ? 5.677   -11.050 -1.807  1.00 54.90 ? 183 VAL A CB  1 
ATOM   933 C CG1 . VAL A 1 134 ? 5.054   -10.521 -3.103  1.00 55.59 ? 183 VAL A CG1 1 
ATOM   934 C CG2 . VAL A 1 134 ? 7.072   -10.484 -1.619  1.00 54.13 ? 183 VAL A CG2 1 
ATOM   935 N N   . LEU A 1 135 ? 2.445   -10.554 -1.189  1.00 55.83 ? 184 LEU A N   1 
ATOM   936 C CA  . LEU A 1 135 ? 1.096   -11.056 -1.385  1.00 55.85 ? 184 LEU A CA  1 
ATOM   937 C C   . LEU A 1 135 ? 0.963   -11.610 -2.803  1.00 56.42 ? 184 LEU A C   1 
ATOM   938 O O   . LEU A 1 135 ? 0.287   -12.614 -3.026  1.00 57.12 ? 184 LEU A O   1 
ATOM   939 C CB  . LEU A 1 135 ? 0.073   -9.931  -1.145  1.00 55.44 ? 184 LEU A CB  1 
ATOM   940 C CG  . LEU A 1 135 ? -1.442  -10.217 -1.253  1.00 55.96 ? 184 LEU A CG  1 
ATOM   941 C CD1 . LEU A 1 135 ? -1.910  -10.147 -2.706  1.00 55.11 ? 184 LEU A CD1 1 
ATOM   942 C CD2 . LEU A 1 135 ? -1.757  -11.584 -0.633  1.00 54.82 ? 184 LEU A CD2 1 
ATOM   943 N N   . ARG A 1 136 ? 1.619   -10.957 -3.757  1.00 56.64 ? 185 ARG A N   1 
ATOM   944 C CA  . ARG A 1 136 ? 1.573   -11.390 -5.142  1.00 58.02 ? 185 ARG A CA  1 
ATOM   945 C C   . ARG A 1 136 ? 2.219   -10.345 -6.034  1.00 60.19 ? 185 ARG A C   1 
ATOM   946 O O   . ARG A 1 136 ? 2.379   -9.193  -5.633  1.00 60.20 ? 185 ARG A O   1 
ATOM   947 C CB  . ARG A 1 136 ? 0.126   -11.600 -5.596  1.00 56.34 ? 185 ARG A CB  1 
ATOM   948 C CG  . ARG A 1 136 ? -0.655  -10.316 -5.824  1.00 54.82 ? 185 ARG A CG  1 
ATOM   949 C CD  . ARG A 1 136 ? -1.853  -10.586 -6.710  1.00 54.26 ? 185 ARG A CD  1 
ATOM   950 N NE  . ARG A 1 136 ? -2.610  -9.384  -7.050  1.00 53.40 ? 185 ARG A NE  1 
ATOM   951 C CZ  . ARG A 1 136 ? -3.684  -8.960  -6.388  1.00 52.79 ? 185 ARG A CZ  1 
ATOM   952 N NH1 . ARG A 1 136 ? -4.138  -9.642  -5.337  1.00 51.30 ? 185 ARG A NH1 1 
ATOM   953 N NH2 . ARG A 1 136 ? -4.308  -7.857  -6.789  1.00 50.14 ? 185 ARG A NH2 1 
ATOM   954 N N   . VAL A 1 137 ? 2.577   -10.748 -7.250  1.00 63.11 ? 186 VAL A N   1 
ATOM   955 C CA  . VAL A 1 137 ? 3.197   -9.829  -8.199  1.00 67.06 ? 186 VAL A CA  1 
ATOM   956 C C   . VAL A 1 137 ? 2.134   -9.154  -9.029  1.00 69.54 ? 186 VAL A C   1 
ATOM   957 O O   . VAL A 1 137 ? 1.691   -9.712  -10.032 1.00 70.38 ? 186 VAL A O   1 
ATOM   958 C CB  . VAL A 1 137 ? 4.143   -10.545 -9.195  1.00 67.37 ? 186 VAL A CB  1 
ATOM   959 C CG1 . VAL A 1 137 ? 4.813   -9.503  -10.105 1.00 67.10 ? 186 VAL A CG1 1 
ATOM   960 C CG2 . VAL A 1 137 ? 5.179   -11.368 -8.448  1.00 67.49 ? 186 VAL A CG2 1 
ATOM   961 N N   . SER A 1 138 ? 1.720   -7.962  -8.618  1.00 72.41 ? 187 SER A N   1 
ATOM   962 C CA  . SER A 1 138 ? 0.706   -7.221  -9.374  1.00 75.96 ? 187 SER A CA  1 
ATOM   963 C C   . SER A 1 138 ? 1.050   -5.734  -9.456  1.00 77.13 ? 187 SER A C   1 
ATOM   964 O O   . SER A 1 138 ? 1.960   -5.304  -8.710  1.00 77.33 ? 187 SER A O   1 
ATOM   965 C CB  . SER A 1 138 ? -0.697  -7.406  -8.743  1.00 76.86 ? 187 SER A CB  1 
ATOM   966 O OG  . SER A 1 138 ? -1.291  -8.660  -9.094  1.00 77.67 ? 187 SER A OG  1 
ATOM   967 O OXT . SER A 1 138 ? 0.403   -5.019  -10.260 1.00 78.39 ? 187 SER A OXT 1 
HETATM 968 O O   . HOH B 2 .   ? 13.382  3.620   2.346   1.00 45.54 ? 188 HOH A O   1 
HETATM 969 O O   . HOH B 2 .   ? -3.012  -0.114  7.548   1.00 38.61 ? 189 HOH A O   1 
HETATM 970 O O   . HOH B 2 .   ? -3.797  -0.593  -7.864  1.00 46.64 ? 191 HOH A O   1 
HETATM 971 O O   . HOH B 2 .   ? -7.030  2.492   -8.251  1.00 43.65 ? 192 HOH A O   1 
HETATM 972 O O   . HOH B 2 .   ? -5.787  10.976  -4.424  1.00 41.04 ? 193 HOH A O   1 
HETATM 973 O O   . HOH B 2 .   ? -12.119 17.450  -4.066  1.00 48.20 ? 194 HOH A O   1 
HETATM 974 O O   . HOH B 2 .   ? 1.077   8.250   10.330  1.00 44.02 ? 195 HOH A O   1 
HETATM 975 O O   . HOH B 2 .   ? -4.096  18.468  8.808   1.00 44.36 ? 196 HOH A O   1 
HETATM 976 O O   . HOH B 2 .   ? 7.831   -2.125  4.525   1.00 55.61 ? 197 HOH A O   1 
HETATM 977 O O   . HOH B 2 .   ? -1.283  -3.560  6.964   1.00 57.44 ? 198 HOH A O   1 
HETATM 978 O O   . HOH B 2 .   ? -14.384 -6.550  7.634   1.00 39.00 ? 199 HOH A O   1 
HETATM 979 O O   . HOH B 2 .   ? -11.819 -8.066  7.409   1.00 41.20 ? 200 HOH A O   1 
HETATM 980 O O   . HOH B 2 .   ? -18.428 -8.400  6.321   1.00 43.96 ? 201 HOH A O   1 
HETATM 981 O O   . HOH B 2 .   ? -15.646 -3.633  -5.658  1.00 52.06 ? 202 HOH A O   1 
HETATM 982 O O   . HOH B 2 .   ? -9.221  5.101   7.436   1.00 30.91 ? 203 HOH A O   1 
HETATM 983 O O   . HOH B 2 .   ? -11.031 2.155   11.436  1.00 49.12 ? 204 HOH A O   1 
HETATM 984 O O   . HOH B 2 .   ? 6.667   15.024  -3.230  1.00 45.16 ? 205 HOH A O   1 
HETATM 985 O O   . HOH B 2 .   ? -20.286 0.133   13.475  1.00 46.67 ? 206 HOH A O   1 
HETATM 986 O O   . HOH B 2 .   ? 7.548   -10.193 8.901   1.00 50.77 ? 207 HOH A O   1 
HETATM 987 O O   . HOH B 2 .   ? -3.283  7.182   8.286   1.00 34.46 ? 208 HOH A O   1 
HETATM 988 O O   . HOH B 2 .   ? -9.579  14.841  1.100   1.00 42.45 ? 209 HOH A O   1 
HETATM 989 O O   . HOH B 2 .   ? -15.452 -14.858 0.980   1.00 71.59 ? 210 HOH A O   1 
HETATM 990 O O   . HOH B 2 .   ? -17.075 -13.356 -0.897  1.00 57.02 ? 211 HOH A O   1 
HETATM 991 O O   . HOH B 2 .   ? 18.212  -7.117  2.104   1.00 60.12 ? 212 HOH A O   1 
HETATM 992 O O   . HOH B 2 .   ? 19.191  1.192   -8.757  1.00 57.06 ? 213 HOH A O   1 
HETATM 993 O O   . HOH B 2 .   ? 15.679  -13.917 -13.181 1.00 52.35 ? 214 HOH A O   1 
HETATM 994 O O   . HOH B 2 .   ? -14.893 -12.660 2.959   1.00 50.26 ? 215 HOH A O   1 
HETATM 995 O O   . HOH B 2 .   ? 0.334   23.328  12.484  1.00 55.05 ? 216 HOH A O   1 
HETATM 996 O O   . HOH B 2 .   ? -9.204  16.107  -1.094  1.00 52.37 ? 217 HOH A O   1 
HETATM 997 O O   . HOH B 2 .   ? -3.726  -12.529 -4.094  1.00 52.65 ? 218 HOH A O   1 
HETATM 998 O O   . HOH B 2 .   ? -4.646  1.772   -7.374  1.00 52.55 ? 219 HOH A O   1 
# 
